data_6FRR
# 
_entry.id   6FRR 
# 
_audit_conform.dict_name       mmcif_pdbx.dic 
_audit_conform.dict_version    5.398 
_audit_conform.dict_location   http://mmcif.pdb.org/dictionaries/ascii/mmcif_pdbx.dic 
# 
loop_
_database_2.database_id 
_database_2.database_code 
_database_2.pdbx_database_accession 
_database_2.pdbx_DOI 
PDB   6FRR         pdb_00006frr 10.2210/pdb6frr/pdb 
WWPDB D_1200008653 ?            ?                   
# 
loop_
_pdbx_audit_revision_history.ordinal 
_pdbx_audit_revision_history.data_content_type 
_pdbx_audit_revision_history.major_revision 
_pdbx_audit_revision_history.minor_revision 
_pdbx_audit_revision_history.revision_date 
1 'Structure model' 1 0 2019-03-13 
2 'Structure model' 1 1 2020-03-25 
3 'Structure model' 1 2 2024-01-17 
4 'Structure model' 1 3 2024-11-13 
# 
_pdbx_audit_revision_details.ordinal             1 
_pdbx_audit_revision_details.revision_ordinal    1 
_pdbx_audit_revision_details.data_content_type   'Structure model' 
_pdbx_audit_revision_details.provider            repository 
_pdbx_audit_revision_details.type                'Initial release' 
_pdbx_audit_revision_details.description         ? 
_pdbx_audit_revision_details.details             ? 
# 
loop_
_pdbx_audit_revision_group.ordinal 
_pdbx_audit_revision_group.revision_ordinal 
_pdbx_audit_revision_group.data_content_type 
_pdbx_audit_revision_group.group 
1 2 'Structure model' 'Database references'    
2 3 'Structure model' Advisory                 
3 3 'Structure model' 'Data collection'        
4 3 'Structure model' 'Database references'    
5 3 'Structure model' 'Refinement description' 
6 4 'Structure model' 'Structure summary'      
# 
loop_
_pdbx_audit_revision_category.ordinal 
_pdbx_audit_revision_category.revision_ordinal 
_pdbx_audit_revision_category.data_content_type 
_pdbx_audit_revision_category.category 
1 2 'Structure model' citation                      
2 2 'Structure model' citation_author               
3 3 'Structure model' chem_comp_atom                
4 3 'Structure model' chem_comp_bond                
5 3 'Structure model' database_2                    
6 3 'Structure model' pdbx_initial_refinement_model 
7 3 'Structure model' pdbx_unobs_or_zero_occ_atoms  
8 4 'Structure model' pdbx_entry_details            
9 4 'Structure model' pdbx_modification_feature     
# 
loop_
_pdbx_audit_revision_item.ordinal 
_pdbx_audit_revision_item.revision_ordinal 
_pdbx_audit_revision_item.data_content_type 
_pdbx_audit_revision_item.item 
1  2 'Structure model' '_citation.country'                   
2  2 'Structure model' '_citation.journal_abbrev'            
3  2 'Structure model' '_citation.journal_id_ASTM'           
4  2 'Structure model' '_citation.journal_id_CSD'            
5  2 'Structure model' '_citation.journal_id_ISSN'           
6  2 'Structure model' '_citation.journal_volume'            
7  2 'Structure model' '_citation.page_first'                
8  2 'Structure model' '_citation.page_last'                 
9  2 'Structure model' '_citation.pdbx_database_id_DOI'      
10 2 'Structure model' '_citation.pdbx_database_id_PubMed'   
11 2 'Structure model' '_citation.title'                     
12 2 'Structure model' '_citation.year'                      
13 3 'Structure model' '_database_2.pdbx_DOI'                
14 3 'Structure model' '_database_2.pdbx_database_accession' 
# 
_pdbx_database_status.status_code                     REL 
_pdbx_database_status.status_code_sf                  REL 
_pdbx_database_status.status_code_mr                  ? 
_pdbx_database_status.entry_id                        6FRR 
_pdbx_database_status.recvd_initial_deposition_date   2018-02-16 
_pdbx_database_status.SG_entry                        N 
_pdbx_database_status.deposit_site                    PDBE 
_pdbx_database_status.process_site                    PDBE 
_pdbx_database_status.status_code_cs                  ? 
_pdbx_database_status.methods_development_category    ? 
_pdbx_database_status.pdb_format_compatible           Y 
_pdbx_database_status.status_code_nmr_data            ? 
# 
loop_
_audit_author.name 
_audit_author.pdbx_ordinal 
_audit_author.identifier_ORCID 
'Brandstetter, H.' 1 0000-0002-6089-3045 
'Soh, W.T.'        2 0000-0003-0082-7983 
'Magler, I.'       3 ?                   
# 
_citation.abstract                  ? 
_citation.abstract_id_CAS           ? 
_citation.book_id_ISBN              ? 
_citation.book_publisher            ? 
_citation.book_publisher_city       ? 
_citation.book_title                ? 
_citation.coordinate_linkage        ? 
_citation.country                   UK 
_citation.database_id_Medline       ? 
_citation.details                   ? 
_citation.id                        primary 
_citation.journal_abbrev            Mol.Immunol. 
_citation.journal_id_ASTM           MOIMD5 
_citation.journal_id_CSD            0921 
_citation.journal_id_ISSN           0161-5890 
_citation.journal_full              ? 
_citation.journal_issue             ? 
_citation.journal_volume            116 
_citation.language                  ? 
_citation.page_first                140 
_citation.page_last                 150 
_citation.title                     
;Boiling down the cysteine-stabilized LTP fold - loss of structural and immunological integrity of allergenic Art v 3 and Pru p 3 as a consequence of irreversible lanthionine formation.
;
_citation.year                      2019 
_citation.database_id_CSD           ? 
_citation.pdbx_database_id_DOI      10.1016/j.molimm.2019.10.012 
_citation.pdbx_database_id_PubMed   31654938 
_citation.unpublished_flag          ? 
# 
loop_
_citation_author.citation_id 
_citation_author.name 
_citation_author.ordinal 
_citation_author.identifier_ORCID 
primary 'Wildner, S.'      1  ? 
primary 'Griessner, I.'    2  ? 
primary 'Stemeseder, T.'   3  ? 
primary 'Regl, C.'         4  ? 
primary 'Soh, W.T.'        5  ? 
primary 'Stock, L.G.'      6  ? 
primary 'Volker, T.'       7  ? 
primary 'Alessandri, C.'   8  ? 
primary 'Mari, A.'         9  ? 
primary 'Huber, C.G.'      10 ? 
primary 'Stutz, H.'        11 ? 
primary 'Brandstetter, H.' 12 ? 
primary 'Gadermaier, G.'   13 ? 
# 
loop_
_entity.id 
_entity.type 
_entity.src_method 
_entity.pdbx_description 
_entity.formula_weight 
_entity.pdbx_number_of_molecules 
_entity.pdbx_ec 
_entity.pdbx_mutation 
_entity.pdbx_fragment 
_entity.details 
1 polymer     man 'Non-specific lipid-transfer protein' 9873.393 2   ? ? ? ? 
2 non-polymer syn 'SULFATE ION'                         96.063   3   ? ? ? ? 
3 water       nat water                                 18.015   194 ? ? ? ? 
# 
_entity_poly.entity_id                      1 
_entity_poly.type                           'polypeptide(L)' 
_entity_poly.nstd_linkage                   no 
_entity_poly.nstd_monomer                   no 
_entity_poly.pdbx_seq_one_letter_code       
;MIKCSDVSNKISACLSYLKQGGEVPADCCTGVKGLNDAAKTTPDRQTACNCLKTTFKSNKDFKSDFAASLPSKCGVNIPY
KISLETDCNKVK
;
_entity_poly.pdbx_seq_one_letter_code_can   
;MIKCSDVSNKISACLSYLKQGGEVPADCCTGVKGLNDAAKTTPDRQTACNCLKTTFKSNKDFKSDFAASLPSKCGVNIPY
KISLETDCNKVK
;
_entity_poly.pdbx_strand_id                 A,B 
_entity_poly.pdbx_target_identifier         ? 
# 
loop_
_pdbx_entity_nonpoly.entity_id 
_pdbx_entity_nonpoly.name 
_pdbx_entity_nonpoly.comp_id 
2 'SULFATE ION' SO4 
3 water         HOH 
# 
loop_
_entity_poly_seq.entity_id 
_entity_poly_seq.num 
_entity_poly_seq.mon_id 
_entity_poly_seq.hetero 
1 1  MET n 
1 2  ILE n 
1 3  LYS n 
1 4  CYS n 
1 5  SER n 
1 6  ASP n 
1 7  VAL n 
1 8  SER n 
1 9  ASN n 
1 10 LYS n 
1 11 ILE n 
1 12 SER n 
1 13 ALA n 
1 14 CYS n 
1 15 LEU n 
1 16 SER n 
1 17 TYR n 
1 18 LEU n 
1 19 LYS n 
1 20 GLN n 
1 21 GLY n 
1 22 GLY n 
1 23 GLU n 
1 24 VAL n 
1 25 PRO n 
1 26 ALA n 
1 27 ASP n 
1 28 CYS n 
1 29 CYS n 
1 30 THR n 
1 31 GLY n 
1 32 VAL n 
1 33 LYS n 
1 34 GLY n 
1 35 LEU n 
1 36 ASN n 
1 37 ASP n 
1 38 ALA n 
1 39 ALA n 
1 40 LYS n 
1 41 THR n 
1 42 THR n 
1 43 PRO n 
1 44 ASP n 
1 45 ARG n 
1 46 GLN n 
1 47 THR n 
1 48 ALA n 
1 49 CYS n 
1 50 ASN n 
1 51 CYS n 
1 52 LEU n 
1 53 LYS n 
1 54 THR n 
1 55 THR n 
1 56 PHE n 
1 57 LYS n 
1 58 SER n 
1 59 ASN n 
1 60 LYS n 
1 61 ASP n 
1 62 PHE n 
1 63 LYS n 
1 64 SER n 
1 65 ASP n 
1 66 PHE n 
1 67 ALA n 
1 68 ALA n 
1 69 SER n 
1 70 LEU n 
1 71 PRO n 
1 72 SER n 
1 73 LYS n 
1 74 CYS n 
1 75 GLY n 
1 76 VAL n 
1 77 ASN n 
1 78 ILE n 
1 79 PRO n 
1 80 TYR n 
1 81 LYS n 
1 82 ILE n 
1 83 SER n 
1 84 LEU n 
1 85 GLU n 
1 86 THR n 
1 87 ASP n 
1 88 CYS n 
1 89 ASN n 
1 90 LYS n 
1 91 VAL n 
1 92 LYS n 
# 
_entity_src_gen.entity_id                          1 
_entity_src_gen.pdbx_src_id                        1 
_entity_src_gen.pdbx_alt_source_flag               sample 
_entity_src_gen.pdbx_seq_type                      'Biological sequence' 
_entity_src_gen.pdbx_beg_seq_num                   1 
_entity_src_gen.pdbx_end_seq_num                   92 
_entity_src_gen.gene_src_common_name               Mugwort 
_entity_src_gen.gene_src_genus                     ? 
_entity_src_gen.pdbx_gene_src_gene                 'Art v 3' 
_entity_src_gen.gene_src_species                   ? 
_entity_src_gen.gene_src_strain                    ? 
_entity_src_gen.gene_src_tissue                    ? 
_entity_src_gen.gene_src_tissue_fraction           ? 
_entity_src_gen.gene_src_details                   ? 
_entity_src_gen.pdbx_gene_src_fragment             ? 
_entity_src_gen.pdbx_gene_src_scientific_name      'Artemisia vulgaris' 
_entity_src_gen.pdbx_gene_src_ncbi_taxonomy_id     4220 
_entity_src_gen.pdbx_gene_src_variant              ? 
_entity_src_gen.pdbx_gene_src_cell_line            ? 
_entity_src_gen.pdbx_gene_src_atcc                 ? 
_entity_src_gen.pdbx_gene_src_organ                ? 
_entity_src_gen.pdbx_gene_src_organelle            ? 
_entity_src_gen.pdbx_gene_src_cell                 ? 
_entity_src_gen.pdbx_gene_src_cellular_location    ? 
_entity_src_gen.host_org_common_name               ? 
_entity_src_gen.pdbx_host_org_scientific_name      'Escherichia coli' 
_entity_src_gen.pdbx_host_org_ncbi_taxonomy_id     562 
_entity_src_gen.host_org_genus                     ? 
_entity_src_gen.pdbx_host_org_gene                 ? 
_entity_src_gen.pdbx_host_org_organ                ? 
_entity_src_gen.host_org_species                   ? 
_entity_src_gen.pdbx_host_org_tissue               ? 
_entity_src_gen.pdbx_host_org_tissue_fraction      ? 
_entity_src_gen.pdbx_host_org_strain               'Rosetta gami2 pLysS' 
_entity_src_gen.pdbx_host_org_variant              ? 
_entity_src_gen.pdbx_host_org_cell_line            ? 
_entity_src_gen.pdbx_host_org_atcc                 ? 
_entity_src_gen.pdbx_host_org_culture_collection   ? 
_entity_src_gen.pdbx_host_org_cell                 ? 
_entity_src_gen.pdbx_host_org_organelle            ? 
_entity_src_gen.pdbx_host_org_cellular_location    ? 
_entity_src_gen.pdbx_host_org_vector_type          ? 
_entity_src_gen.pdbx_host_org_vector               ? 
_entity_src_gen.host_org_details                   ? 
_entity_src_gen.expression_system_id               ? 
_entity_src_gen.plasmid_name                       ? 
_entity_src_gen.plasmid_details                    ? 
_entity_src_gen.pdbx_description                   ? 
# 
loop_
_chem_comp.id 
_chem_comp.type 
_chem_comp.mon_nstd_flag 
_chem_comp.name 
_chem_comp.pdbx_synonyms 
_chem_comp.formula 
_chem_comp.formula_weight 
ALA 'L-peptide linking' y ALANINE         ? 'C3 H7 N O2'     89.093  
ARG 'L-peptide linking' y ARGININE        ? 'C6 H15 N4 O2 1' 175.209 
ASN 'L-peptide linking' y ASPARAGINE      ? 'C4 H8 N2 O3'    132.118 
ASP 'L-peptide linking' y 'ASPARTIC ACID' ? 'C4 H7 N O4'     133.103 
CYS 'L-peptide linking' y CYSTEINE        ? 'C3 H7 N O2 S'   121.158 
GLN 'L-peptide linking' y GLUTAMINE       ? 'C5 H10 N2 O3'   146.144 
GLU 'L-peptide linking' y 'GLUTAMIC ACID' ? 'C5 H9 N O4'     147.129 
GLY 'peptide linking'   y GLYCINE         ? 'C2 H5 N O2'     75.067  
HOH non-polymer         . WATER           ? 'H2 O'           18.015  
ILE 'L-peptide linking' y ISOLEUCINE      ? 'C6 H13 N O2'    131.173 
LEU 'L-peptide linking' y LEUCINE         ? 'C6 H13 N O2'    131.173 
LYS 'L-peptide linking' y LYSINE          ? 'C6 H15 N2 O2 1' 147.195 
MET 'L-peptide linking' y METHIONINE      ? 'C5 H11 N O2 S'  149.211 
PHE 'L-peptide linking' y PHENYLALANINE   ? 'C9 H11 N O2'    165.189 
PRO 'L-peptide linking' y PROLINE         ? 'C5 H9 N O2'     115.130 
SER 'L-peptide linking' y SERINE          ? 'C3 H7 N O3'     105.093 
SO4 non-polymer         . 'SULFATE ION'   ? 'O4 S -2'        96.063  
THR 'L-peptide linking' y THREONINE       ? 'C4 H9 N O3'     119.119 
TYR 'L-peptide linking' y TYROSINE        ? 'C9 H11 N O3'    181.189 
VAL 'L-peptide linking' y VALINE          ? 'C5 H11 N O2'    117.146 
# 
loop_
_pdbx_poly_seq_scheme.asym_id 
_pdbx_poly_seq_scheme.entity_id 
_pdbx_poly_seq_scheme.seq_id 
_pdbx_poly_seq_scheme.mon_id 
_pdbx_poly_seq_scheme.ndb_seq_num 
_pdbx_poly_seq_scheme.pdb_seq_num 
_pdbx_poly_seq_scheme.auth_seq_num 
_pdbx_poly_seq_scheme.pdb_mon_id 
_pdbx_poly_seq_scheme.auth_mon_id 
_pdbx_poly_seq_scheme.pdb_strand_id 
_pdbx_poly_seq_scheme.pdb_ins_code 
_pdbx_poly_seq_scheme.hetero 
A 1 1  MET 1  1  1  MET MET A . n 
A 1 2  ILE 2  2  2  ILE ILE A . n 
A 1 3  LYS 3  3  3  LYS LYS A . n 
A 1 4  CYS 4  4  4  CYS CYS A . n 
A 1 5  SER 5  5  5  SER SER A . n 
A 1 6  ASP 6  6  6  ASP ASP A . n 
A 1 7  VAL 7  7  7  VAL VAL A . n 
A 1 8  SER 8  8  8  SER SER A . n 
A 1 9  ASN 9  9  9  ASN ASN A . n 
A 1 10 LYS 10 10 10 LYS LYS A . n 
A 1 11 ILE 11 11 11 ILE ILE A . n 
A 1 12 SER 12 12 12 SER SER A . n 
A 1 13 ALA 13 13 13 ALA ALA A . n 
A 1 14 CYS 14 14 14 CYS CYS A . n 
A 1 15 LEU 15 15 15 LEU LEU A . n 
A 1 16 SER 16 16 16 SER SER A . n 
A 1 17 TYR 17 17 17 TYR TYR A . n 
A 1 18 LEU 18 18 18 LEU LEU A . n 
A 1 19 LYS 19 19 19 LYS LYS A . n 
A 1 20 GLN 20 20 20 GLN GLN A . n 
A 1 21 GLY 21 21 21 GLY GLY A . n 
A 1 22 GLY 22 22 22 GLY GLY A . n 
A 1 23 GLU 23 23 23 GLU GLU A . n 
A 1 24 VAL 24 24 24 VAL VAL A . n 
A 1 25 PRO 25 25 25 PRO PRO A . n 
A 1 26 ALA 26 26 26 ALA ALA A . n 
A 1 27 ASP 27 27 27 ASP ASP A . n 
A 1 28 CYS 28 28 28 CYS CYS A . n 
A 1 29 CYS 29 29 29 CYS CYS A . n 
A 1 30 THR 30 30 30 THR THR A . n 
A 1 31 GLY 31 31 31 GLY GLY A . n 
A 1 32 VAL 32 32 32 VAL VAL A . n 
A 1 33 LYS 33 33 33 LYS LYS A . n 
A 1 34 GLY 34 34 34 GLY GLY A . n 
A 1 35 LEU 35 35 35 LEU LEU A . n 
A 1 36 ASN 36 36 36 ASN ASN A . n 
A 1 37 ASP 37 37 37 ASP ASP A . n 
A 1 38 ALA 38 38 38 ALA ALA A . n 
A 1 39 ALA 39 39 39 ALA ALA A . n 
A 1 40 LYS 40 40 40 LYS LYS A . n 
A 1 41 THR 41 41 41 THR THR A . n 
A 1 42 THR 42 42 42 THR THR A . n 
A 1 43 PRO 43 43 43 PRO PRO A . n 
A 1 44 ASP 44 44 44 ASP ASP A . n 
A 1 45 ARG 45 45 45 ARG ARG A . n 
A 1 46 GLN 46 46 46 GLN GLN A . n 
A 1 47 THR 47 47 47 THR THR A . n 
A 1 48 ALA 48 48 48 ALA ALA A . n 
A 1 49 CYS 49 49 49 CYS CYS A . n 
A 1 50 ASN 50 50 50 ASN ASN A . n 
A 1 51 CYS 51 51 51 CYS CYS A . n 
A 1 52 LEU 52 52 52 LEU LEU A . n 
A 1 53 LYS 53 53 53 LYS LYS A . n 
A 1 54 THR 54 54 54 THR THR A . n 
A 1 55 THR 55 55 55 THR THR A . n 
A 1 56 PHE 56 56 56 PHE PHE A . n 
A 1 57 LYS 57 57 57 LYS LYS A . n 
A 1 58 SER 58 58 58 SER SER A . n 
A 1 59 ASN 59 59 59 ASN ASN A . n 
A 1 60 LYS 60 60 60 LYS LYS A . n 
A 1 61 ASP 61 61 61 ASP ASP A . n 
A 1 62 PHE 62 62 62 PHE PHE A . n 
A 1 63 LYS 63 63 63 LYS LYS A . n 
A 1 64 SER 64 64 64 SER SER A . n 
A 1 65 ASP 65 65 65 ASP ASP A . n 
A 1 66 PHE 66 66 66 PHE PHE A . n 
A 1 67 ALA 67 67 67 ALA ALA A . n 
A 1 68 ALA 68 68 68 ALA ALA A . n 
A 1 69 SER 69 69 69 SER SER A . n 
A 1 70 LEU 70 70 70 LEU LEU A . n 
A 1 71 PRO 71 71 71 PRO PRO A . n 
A 1 72 SER 72 72 72 SER SER A . n 
A 1 73 LYS 73 73 73 LYS LYS A . n 
A 1 74 CYS 74 74 74 CYS CYS A . n 
A 1 75 GLY 75 75 75 GLY GLY A . n 
A 1 76 VAL 76 76 76 VAL VAL A . n 
A 1 77 ASN 77 77 77 ASN ASN A . n 
A 1 78 ILE 78 78 78 ILE ILE A . n 
A 1 79 PRO 79 79 79 PRO PRO A . n 
A 1 80 TYR 80 80 80 TYR TYR A . n 
A 1 81 LYS 81 81 81 LYS LYS A . n 
A 1 82 ILE 82 82 82 ILE ILE A . n 
A 1 83 SER 83 83 83 SER SER A . n 
A 1 84 LEU 84 84 84 LEU LEU A . n 
A 1 85 GLU 85 85 85 GLU GLU A . n 
A 1 86 THR 86 86 86 THR THR A . n 
A 1 87 ASP 87 87 87 ASP ASP A . n 
A 1 88 CYS 88 88 88 CYS CYS A . n 
A 1 89 ASN 89 89 89 ASN ASN A . n 
A 1 90 LYS 90 90 90 LYS LYS A . n 
A 1 91 VAL 91 91 91 VAL VAL A . n 
A 1 92 LYS 92 92 92 LYS LYS A . n 
B 1 1  MET 1  1  1  MET MET B . n 
B 1 2  ILE 2  2  2  ILE ILE B . n 
B 1 3  LYS 3  3  3  LYS LYS B . n 
B 1 4  CYS 4  4  4  CYS CYS B . n 
B 1 5  SER 5  5  5  SER SER B . n 
B 1 6  ASP 6  6  6  ASP ASP B . n 
B 1 7  VAL 7  7  7  VAL VAL B . n 
B 1 8  SER 8  8  8  SER SER B . n 
B 1 9  ASN 9  9  9  ASN ASN B . n 
B 1 10 LYS 10 10 10 LYS LYS B . n 
B 1 11 ILE 11 11 11 ILE ILE B . n 
B 1 12 SER 12 12 12 SER SER B . n 
B 1 13 ALA 13 13 13 ALA ALA B . n 
B 1 14 CYS 14 14 14 CYS CYS B . n 
B 1 15 LEU 15 15 15 LEU LEU B . n 
B 1 16 SER 16 16 16 SER SER B . n 
B 1 17 TYR 17 17 17 TYR TYR B . n 
B 1 18 LEU 18 18 18 LEU LEU B . n 
B 1 19 LYS 19 19 19 LYS LYS B . n 
B 1 20 GLN 20 20 20 GLN GLN B . n 
B 1 21 GLY 21 21 21 GLY GLY B . n 
B 1 22 GLY 22 22 22 GLY GLY B . n 
B 1 23 GLU 23 23 23 GLU GLU B . n 
B 1 24 VAL 24 24 24 VAL VAL B . n 
B 1 25 PRO 25 25 25 PRO PRO B . n 
B 1 26 ALA 26 26 26 ALA ALA B . n 
B 1 27 ASP 27 27 27 ASP ASP B . n 
B 1 28 CYS 28 28 28 CYS CYS B . n 
B 1 29 CYS 29 29 29 CYS CYS B . n 
B 1 30 THR 30 30 30 THR THR B . n 
B 1 31 GLY 31 31 31 GLY GLY B . n 
B 1 32 VAL 32 32 32 VAL VAL B . n 
B 1 33 LYS 33 33 33 LYS LYS B . n 
B 1 34 GLY 34 34 34 GLY GLY B . n 
B 1 35 LEU 35 35 35 LEU LEU B . n 
B 1 36 ASN 36 36 36 ASN ASN B . n 
B 1 37 ASP 37 37 37 ASP ASP B . n 
B 1 38 ALA 38 38 38 ALA ALA B . n 
B 1 39 ALA 39 39 39 ALA ALA B . n 
B 1 40 LYS 40 40 40 LYS LYS B . n 
B 1 41 THR 41 41 41 THR THR B . n 
B 1 42 THR 42 42 42 THR THR B . n 
B 1 43 PRO 43 43 43 PRO PRO B . n 
B 1 44 ASP 44 44 44 ASP ASP B . n 
B 1 45 ARG 45 45 45 ARG ARG B . n 
B 1 46 GLN 46 46 46 GLN GLN B . n 
B 1 47 THR 47 47 47 THR THR B . n 
B 1 48 ALA 48 48 48 ALA ALA B . n 
B 1 49 CYS 49 49 49 CYS CYS B . n 
B 1 50 ASN 50 50 50 ASN ASN B . n 
B 1 51 CYS 51 51 51 CYS CYS B . n 
B 1 52 LEU 52 52 52 LEU LEU B . n 
B 1 53 LYS 53 53 53 LYS LYS B . n 
B 1 54 THR 54 54 54 THR THR B . n 
B 1 55 THR 55 55 55 THR THR B . n 
B 1 56 PHE 56 56 56 PHE PHE B . n 
B 1 57 LYS 57 57 57 LYS LYS B . n 
B 1 58 SER 58 58 58 SER SER B . n 
B 1 59 ASN 59 59 59 ASN ASN B . n 
B 1 60 LYS 60 60 60 LYS LYS B . n 
B 1 61 ASP 61 61 61 ASP ASP B . n 
B 1 62 PHE 62 62 62 PHE PHE B . n 
B 1 63 LYS 63 63 63 LYS LYS B . n 
B 1 64 SER 64 64 64 SER SER B . n 
B 1 65 ASP 65 65 65 ASP ASP B . n 
B 1 66 PHE 66 66 66 PHE PHE B . n 
B 1 67 ALA 67 67 67 ALA ALA B . n 
B 1 68 ALA 68 68 68 ALA ALA B . n 
B 1 69 SER 69 69 69 SER SER B . n 
B 1 70 LEU 70 70 70 LEU LEU B . n 
B 1 71 PRO 71 71 71 PRO PRO B . n 
B 1 72 SER 72 72 72 SER SER B . n 
B 1 73 LYS 73 73 73 LYS LYS B . n 
B 1 74 CYS 74 74 74 CYS CYS B . n 
B 1 75 GLY 75 75 75 GLY GLY B . n 
B 1 76 VAL 76 76 76 VAL VAL B . n 
B 1 77 ASN 77 77 77 ASN ASN B . n 
B 1 78 ILE 78 78 78 ILE ILE B . n 
B 1 79 PRO 79 79 79 PRO PRO B . n 
B 1 80 TYR 80 80 80 TYR TYR B . n 
B 1 81 LYS 81 81 81 LYS LYS B . n 
B 1 82 ILE 82 82 82 ILE ILE B . n 
B 1 83 SER 83 83 83 SER SER B . n 
B 1 84 LEU 84 84 84 LEU LEU B . n 
B 1 85 GLU 85 85 85 GLU GLU B . n 
B 1 86 THR 86 86 86 THR THR B . n 
B 1 87 ASP 87 87 87 ASP ASP B . n 
B 1 88 CYS 88 88 88 CYS CYS B . n 
B 1 89 ASN 89 89 89 ASN ASN B . n 
B 1 90 LYS 90 90 90 LYS LYS B . n 
B 1 91 VAL 91 91 91 VAL VAL B . n 
B 1 92 LYS 92 92 92 LYS LYS B . n 
# 
loop_
_pdbx_nonpoly_scheme.asym_id 
_pdbx_nonpoly_scheme.entity_id 
_pdbx_nonpoly_scheme.mon_id 
_pdbx_nonpoly_scheme.ndb_seq_num 
_pdbx_nonpoly_scheme.pdb_seq_num 
_pdbx_nonpoly_scheme.auth_seq_num 
_pdbx_nonpoly_scheme.pdb_mon_id 
_pdbx_nonpoly_scheme.auth_mon_id 
_pdbx_nonpoly_scheme.pdb_strand_id 
_pdbx_nonpoly_scheme.pdb_ins_code 
C 2 SO4 1   101 2   SO4 SO4 A . 
D 2 SO4 1   102 4   SO4 SO4 A . 
E 2 SO4 1   101 1   SO4 SO4 B . 
F 3 HOH 1   201 53  HOH HOH A . 
F 3 HOH 2   202 134 HOH HOH A . 
F 3 HOH 3   203 84  HOH HOH A . 
F 3 HOH 4   204 92  HOH HOH A . 
F 3 HOH 5   205 291 HOH HOH A . 
F 3 HOH 6   206 219 HOH HOH A . 
F 3 HOH 7   207 55  HOH HOH A . 
F 3 HOH 8   208 65  HOH HOH A . 
F 3 HOH 9   209 64  HOH HOH A . 
F 3 HOH 10  210 35  HOH HOH A . 
F 3 HOH 11  211 221 HOH HOH A . 
F 3 HOH 12  212 108 HOH HOH A . 
F 3 HOH 13  213 46  HOH HOH A . 
F 3 HOH 14  214 32  HOH HOH A . 
F 3 HOH 15  215 269 HOH HOH A . 
F 3 HOH 16  216 146 HOH HOH A . 
F 3 HOH 17  217 127 HOH HOH A . 
F 3 HOH 18  218 75  HOH HOH A . 
F 3 HOH 19  219 59  HOH HOH A . 
F 3 HOH 20  220 124 HOH HOH A . 
F 3 HOH 21  221 307 HOH HOH A . 
F 3 HOH 22  222 33  HOH HOH A . 
F 3 HOH 23  223 12  HOH HOH A . 
F 3 HOH 24  224 308 HOH HOH A . 
F 3 HOH 25  225 48  HOH HOH A . 
F 3 HOH 26  226 31  HOH HOH A . 
F 3 HOH 27  227 78  HOH HOH A . 
F 3 HOH 28  228 79  HOH HOH A . 
F 3 HOH 29  229 230 HOH HOH A . 
F 3 HOH 30  230 224 HOH HOH A . 
F 3 HOH 31  231 167 HOH HOH A . 
F 3 HOH 32  232 91  HOH HOH A . 
F 3 HOH 33  233 7   HOH HOH A . 
F 3 HOH 34  234 14  HOH HOH A . 
F 3 HOH 35  235 199 HOH HOH A . 
F 3 HOH 36  236 24  HOH HOH A . 
F 3 HOH 37  237 6   HOH HOH A . 
F 3 HOH 38  238 39  HOH HOH A . 
F 3 HOH 39  239 157 HOH HOH A . 
F 3 HOH 40  240 58  HOH HOH A . 
F 3 HOH 41  241 171 HOH HOH A . 
F 3 HOH 42  242 184 HOH HOH A . 
F 3 HOH 43  243 22  HOH HOH A . 
F 3 HOH 44  244 51  HOH HOH A . 
F 3 HOH 45  245 168 HOH HOH A . 
F 3 HOH 46  246 49  HOH HOH A . 
F 3 HOH 47  247 174 HOH HOH A . 
F 3 HOH 48  248 30  HOH HOH A . 
F 3 HOH 49  249 1   HOH HOH A . 
F 3 HOH 50  250 217 HOH HOH A . 
F 3 HOH 51  251 40  HOH HOH A . 
F 3 HOH 52  252 62  HOH HOH A . 
F 3 HOH 53  253 285 HOH HOH A . 
F 3 HOH 54  254 10  HOH HOH A . 
F 3 HOH 55  255 101 HOH HOH A . 
F 3 HOH 56  256 96  HOH HOH A . 
F 3 HOH 57  257 201 HOH HOH A . 
F 3 HOH 58  258 54  HOH HOH A . 
F 3 HOH 59  259 47  HOH HOH A . 
F 3 HOH 60  260 209 HOH HOH A . 
F 3 HOH 61  261 227 HOH HOH A . 
F 3 HOH 62  262 98  HOH HOH A . 
F 3 HOH 63  263 255 HOH HOH A . 
F 3 HOH 64  264 72  HOH HOH A . 
F 3 HOH 65  265 126 HOH HOH A . 
F 3 HOH 66  266 13  HOH HOH A . 
F 3 HOH 67  267 109 HOH HOH A . 
F 3 HOH 68  268 125 HOH HOH A . 
F 3 HOH 69  269 122 HOH HOH A . 
F 3 HOH 70  270 288 HOH HOH A . 
F 3 HOH 71  271 160 HOH HOH A . 
F 3 HOH 72  272 94  HOH HOH A . 
F 3 HOH 73  273 37  HOH HOH A . 
F 3 HOH 74  274 18  HOH HOH A . 
F 3 HOH 75  275 69  HOH HOH A . 
F 3 HOH 76  276 8   HOH HOH A . 
F 3 HOH 77  277 61  HOH HOH A . 
F 3 HOH 78  278 210 HOH HOH A . 
F 3 HOH 79  279 172 HOH HOH A . 
F 3 HOH 80  280 163 HOH HOH A . 
F 3 HOH 81  281 29  HOH HOH A . 
F 3 HOH 82  282 290 HOH HOH A . 
F 3 HOH 83  283 85  HOH HOH A . 
F 3 HOH 84  284 257 HOH HOH A . 
F 3 HOH 85  285 63  HOH HOH A . 
F 3 HOH 86  286 137 HOH HOH A . 
F 3 HOH 87  287 41  HOH HOH A . 
F 3 HOH 88  288 135 HOH HOH A . 
F 3 HOH 89  289 170 HOH HOH A . 
F 3 HOH 90  290 318 HOH HOH A . 
F 3 HOH 91  291 113 HOH HOH A . 
F 3 HOH 92  292 20  HOH HOH A . 
F 3 HOH 93  293 4   HOH HOH A . 
F 3 HOH 94  294 253 HOH HOH A . 
F 3 HOH 95  295 152 HOH HOH A . 
F 3 HOH 96  296 222 HOH HOH A . 
F 3 HOH 97  297 83  HOH HOH A . 
F 3 HOH 98  298 284 HOH HOH A . 
F 3 HOH 99  299 156 HOH HOH A . 
F 3 HOH 100 300 231 HOH HOH A . 
F 3 HOH 101 301 158 HOH HOH A . 
F 3 HOH 102 302 200 HOH HOH A . 
F 3 HOH 103 303 236 HOH HOH A . 
F 3 HOH 104 304 287 HOH HOH A . 
F 3 HOH 105 305 304 HOH HOH A . 
F 3 HOH 106 306 187 HOH HOH A . 
F 3 HOH 107 307 211 HOH HOH A . 
F 3 HOH 108 308 216 HOH HOH A . 
F 3 HOH 109 309 238 HOH HOH A . 
F 3 HOH 110 310 208 HOH HOH A . 
F 3 HOH 111 311 185 HOH HOH A . 
F 3 HOH 112 312 198 HOH HOH A . 
G 3 HOH 1   201 161 HOH HOH B . 
G 3 HOH 2   202 97  HOH HOH B . 
G 3 HOH 3   203 114 HOH HOH B . 
G 3 HOH 4   204 229 HOH HOH B . 
G 3 HOH 5   205 56  HOH HOH B . 
G 3 HOH 6   206 191 HOH HOH B . 
G 3 HOH 7   207 74  HOH HOH B . 
G 3 HOH 8   208 166 HOH HOH B . 
G 3 HOH 9   209 3   HOH HOH B . 
G 3 HOH 10  210 43  HOH HOH B . 
G 3 HOH 11  211 226 HOH HOH B . 
G 3 HOH 12  212 183 HOH HOH B . 
G 3 HOH 13  213 286 HOH HOH B . 
G 3 HOH 14  214 36  HOH HOH B . 
G 3 HOH 15  215 262 HOH HOH B . 
G 3 HOH 16  216 27  HOH HOH B . 
G 3 HOH 17  217 42  HOH HOH B . 
G 3 HOH 18  218 234 HOH HOH B . 
G 3 HOH 19  219 303 HOH HOH B . 
G 3 HOH 20  220 143 HOH HOH B . 
G 3 HOH 21  221 52  HOH HOH B . 
G 3 HOH 22  222 16  HOH HOH B . 
G 3 HOH 23  223 9   HOH HOH B . 
G 3 HOH 24  224 93  HOH HOH B . 
G 3 HOH 25  225 265 HOH HOH B . 
G 3 HOH 26  226 292 HOH HOH B . 
G 3 HOH 27  227 26  HOH HOH B . 
G 3 HOH 28  228 111 HOH HOH B . 
G 3 HOH 29  229 232 HOH HOH B . 
G 3 HOH 30  230 100 HOH HOH B . 
G 3 HOH 31  231 19  HOH HOH B . 
G 3 HOH 32  232 17  HOH HOH B . 
G 3 HOH 33  233 103 HOH HOH B . 
G 3 HOH 34  234 261 HOH HOH B . 
G 3 HOH 35  235 263 HOH HOH B . 
G 3 HOH 36  236 67  HOH HOH B . 
G 3 HOH 37  237 50  HOH HOH B . 
G 3 HOH 38  238 315 HOH HOH B . 
G 3 HOH 39  239 260 HOH HOH B . 
G 3 HOH 40  240 181 HOH HOH B . 
G 3 HOH 41  241 123 HOH HOH B . 
G 3 HOH 42  242 34  HOH HOH B . 
G 3 HOH 43  243 82  HOH HOH B . 
G 3 HOH 44  244 99  HOH HOH B . 
G 3 HOH 45  245 45  HOH HOH B . 
G 3 HOH 46  246 15  HOH HOH B . 
G 3 HOH 47  247 5   HOH HOH B . 
G 3 HOH 48  248 44  HOH HOH B . 
G 3 HOH 49  249 283 HOH HOH B . 
G 3 HOH 50  250 106 HOH HOH B . 
G 3 HOH 51  251 28  HOH HOH B . 
G 3 HOH 52  252 2   HOH HOH B . 
G 3 HOH 53  253 66  HOH HOH B . 
G 3 HOH 54  254 155 HOH HOH B . 
G 3 HOH 55  255 140 HOH HOH B . 
G 3 HOH 56  256 259 HOH HOH B . 
G 3 HOH 57  257 277 HOH HOH B . 
G 3 HOH 58  258 267 HOH HOH B . 
G 3 HOH 59  259 154 HOH HOH B . 
G 3 HOH 60  260 115 HOH HOH B . 
G 3 HOH 61  261 110 HOH HOH B . 
G 3 HOH 62  262 176 HOH HOH B . 
G 3 HOH 63  263 21  HOH HOH B . 
G 3 HOH 64  264 121 HOH HOH B . 
G 3 HOH 65  265 178 HOH HOH B . 
G 3 HOH 66  266 297 HOH HOH B . 
G 3 HOH 67  267 301 HOH HOH B . 
G 3 HOH 68  268 313 HOH HOH B . 
G 3 HOH 69  269 311 HOH HOH B . 
G 3 HOH 70  270 274 HOH HOH B . 
G 3 HOH 71  271 175 HOH HOH B . 
G 3 HOH 72  272 266 HOH HOH B . 
G 3 HOH 73  273 298 HOH HOH B . 
G 3 HOH 74  274 87  HOH HOH B . 
G 3 HOH 75  275 151 HOH HOH B . 
G 3 HOH 76  276 302 HOH HOH B . 
G 3 HOH 77  277 316 HOH HOH B . 
G 3 HOH 78  278 293 HOH HOH B . 
G 3 HOH 79  279 202 HOH HOH B . 
G 3 HOH 80  280 205 HOH HOH B . 
G 3 HOH 81  281 306 HOH HOH B . 
G 3 HOH 82  282 206 HOH HOH B . 
# 
loop_
_pdbx_unobs_or_zero_occ_atoms.id 
_pdbx_unobs_or_zero_occ_atoms.PDB_model_num 
_pdbx_unobs_or_zero_occ_atoms.polymer_flag 
_pdbx_unobs_or_zero_occ_atoms.occupancy_flag 
_pdbx_unobs_or_zero_occ_atoms.auth_asym_id 
_pdbx_unobs_or_zero_occ_atoms.auth_comp_id 
_pdbx_unobs_or_zero_occ_atoms.auth_seq_id 
_pdbx_unobs_or_zero_occ_atoms.PDB_ins_code 
_pdbx_unobs_or_zero_occ_atoms.auth_atom_id 
_pdbx_unobs_or_zero_occ_atoms.label_alt_id 
_pdbx_unobs_or_zero_occ_atoms.label_asym_id 
_pdbx_unobs_or_zero_occ_atoms.label_comp_id 
_pdbx_unobs_or_zero_occ_atoms.label_seq_id 
_pdbx_unobs_or_zero_occ_atoms.label_atom_id 
1  1 Y 0 A SER 64 ? CB ? A SER 64 CB 
2  1 Y 0 A SER 64 ? OG ? A SER 64 OG 
3  1 Y 0 A LYS 92 ? CD ? A LYS 92 CD 
4  1 Y 0 A LYS 92 ? CE ? A LYS 92 CE 
5  1 Y 0 A LYS 92 ? NZ ? A LYS 92 NZ 
6  1 Y 0 B LYS 3  ? CE ? B LYS 3  CE 
7  1 Y 0 B LYS 3  ? NZ ? B LYS 3  NZ 
8  1 Y 0 B LYS 53 ? CD ? B LYS 53 CD 
9  1 Y 0 B LYS 53 ? CE ? B LYS 53 CE 
10 1 Y 0 B LYS 53 ? NZ ? B LYS 53 NZ 
# 
loop_
_software.citation_id 
_software.classification 
_software.compiler_name 
_software.compiler_version 
_software.contact_author 
_software.contact_author_email 
_software.date 
_software.description 
_software.dependencies 
_software.hardware 
_software.language 
_software.location 
_software.mods 
_software.name 
_software.os 
_software.os_version 
_software.type 
_software.version 
_software.pdbx_ordinal 
? refinement       ? ? ? ? ? ? ? ? ? ? ? PHENIX ? ? ? '(1.10.1_2155: ???)' 1 
? 'data reduction' ? ? ? ? ? ? ? ? ? ? ? MOSFLM ? ? ? .                    2 
? 'data scaling'   ? ? ? ? ? ? ? ? ? ? ? SCALA  ? ? ? .                    3 
? phasing          ? ? ? ? ? ? ? ? ? ? ? REFMAC ? ? ? .                    4 
? 'model building' ? ? ? ? ? ? ? ? ? ? ? Coot   ? ? ? .                    5 
# 
_cell.angle_alpha                  90.00 
_cell.angle_alpha_esd              ? 
_cell.angle_beta                   90.00 
_cell.angle_beta_esd               ? 
_cell.angle_gamma                  120.00 
_cell.angle_gamma_esd              ? 
_cell.entry_id                     6FRR 
_cell.details                      ? 
_cell.formula_units_Z              ? 
_cell.length_a                     60.398 
_cell.length_a_esd                 ? 
_cell.length_b                     60.398 
_cell.length_b_esd                 ? 
_cell.length_c                     91.460 
_cell.length_c_esd                 ? 
_cell.volume                       ? 
_cell.volume_esd                   ? 
_cell.Z_PDB                        12 
_cell.reciprocal_angle_alpha       ? 
_cell.reciprocal_angle_beta        ? 
_cell.reciprocal_angle_gamma       ? 
_cell.reciprocal_angle_alpha_esd   ? 
_cell.reciprocal_angle_beta_esd    ? 
_cell.reciprocal_angle_gamma_esd   ? 
_cell.reciprocal_length_a          ? 
_cell.reciprocal_length_b          ? 
_cell.reciprocal_length_c          ? 
_cell.reciprocal_length_a_esd      ? 
_cell.reciprocal_length_b_esd      ? 
_cell.reciprocal_length_c_esd      ? 
_cell.pdbx_unique_axis             ? 
# 
_symmetry.entry_id                         6FRR 
_symmetry.cell_setting                     ? 
_symmetry.Int_Tables_number                154 
_symmetry.space_group_name_Hall            ? 
_symmetry.space_group_name_H-M             'P 32 2 1' 
_symmetry.pdbx_full_space_group_name_H-M   ? 
# 
_exptl.absorpt_coefficient_mu     ? 
_exptl.absorpt_correction_T_max   ? 
_exptl.absorpt_correction_T_min   ? 
_exptl.absorpt_correction_type    ? 
_exptl.absorpt_process_details    ? 
_exptl.entry_id                   6FRR 
_exptl.crystals_number            1 
_exptl.details                    ? 
_exptl.method                     'X-RAY DIFFRACTION' 
_exptl.method_details             ? 
# 
_exptl_crystal.colour                      ? 
_exptl_crystal.density_diffrn              ? 
_exptl_crystal.density_Matthews            2.44 
_exptl_crystal.density_method              ? 
_exptl_crystal.density_percent_sol         47.42 
_exptl_crystal.description                 ? 
_exptl_crystal.F_000                       ? 
_exptl_crystal.id                          1 
_exptl_crystal.preparation                 ? 
_exptl_crystal.size_max                    ? 
_exptl_crystal.size_mid                    ? 
_exptl_crystal.size_min                    ? 
_exptl_crystal.size_rad                    ? 
_exptl_crystal.colour_lustre               ? 
_exptl_crystal.colour_modifier             ? 
_exptl_crystal.colour_primary              ? 
_exptl_crystal.density_meas                ? 
_exptl_crystal.density_meas_esd            ? 
_exptl_crystal.density_meas_gt             ? 
_exptl_crystal.density_meas_lt             ? 
_exptl_crystal.density_meas_temp           ? 
_exptl_crystal.density_meas_temp_esd       ? 
_exptl_crystal.density_meas_temp_gt        ? 
_exptl_crystal.density_meas_temp_lt        ? 
_exptl_crystal.pdbx_crystal_image_url      ? 
_exptl_crystal.pdbx_crystal_image_format   ? 
_exptl_crystal.pdbx_mosaicity              ? 
_exptl_crystal.pdbx_mosaicity_esd          ? 
# 
_exptl_crystal_grow.apparatus       ? 
_exptl_crystal_grow.atmosphere      ? 
_exptl_crystal_grow.crystal_id      1 
_exptl_crystal_grow.details         ? 
_exptl_crystal_grow.method          'VAPOR DIFFUSION, SITTING DROP' 
_exptl_crystal_grow.method_ref      ? 
_exptl_crystal_grow.pH              7 
_exptl_crystal_grow.pressure        ? 
_exptl_crystal_grow.pressure_esd    ? 
_exptl_crystal_grow.seeding         ? 
_exptl_crystal_grow.seeding_ref     ? 
_exptl_crystal_grow.temp            293 
_exptl_crystal_grow.temp_details    ? 
_exptl_crystal_grow.temp_esd        ? 
_exptl_crystal_grow.time            ? 
_exptl_crystal_grow.pdbx_details    
;3.2 M ammonium sulphate, 
0.1 M HEPES, pH 7.0
;
_exptl_crystal_grow.pdbx_pH_range   ? 
# 
_diffrn.ambient_environment    ? 
_diffrn.ambient_temp           100 
_diffrn.ambient_temp_details   ? 
_diffrn.ambient_temp_esd       ? 
_diffrn.crystal_id             1 
_diffrn.crystal_support        ? 
_diffrn.crystal_treatment      ? 
_diffrn.details                ? 
_diffrn.id                     1 
_diffrn.ambient_pressure       ? 
_diffrn.ambient_pressure_esd   ? 
_diffrn.ambient_pressure_gt    ? 
_diffrn.ambient_pressure_lt    ? 
_diffrn.ambient_temp_gt        ? 
_diffrn.ambient_temp_lt        ? 
# 
_diffrn_detector.details                      ? 
_diffrn_detector.detector                     PIXEL 
_diffrn_detector.diffrn_id                    1 
_diffrn_detector.type                         'DECTRIS PILATUS 6M' 
_diffrn_detector.area_resol_mean              ? 
_diffrn_detector.dtime                        ? 
_diffrn_detector.pdbx_frames_total            ? 
_diffrn_detector.pdbx_collection_time_total   ? 
_diffrn_detector.pdbx_collection_date         2012-07-24 
# 
_diffrn_radiation.collimation                      ? 
_diffrn_radiation.diffrn_id                        1 
_diffrn_radiation.filter_edge                      ? 
_diffrn_radiation.inhomogeneity                    ? 
_diffrn_radiation.monochromator                    ? 
_diffrn_radiation.polarisn_norm                    ? 
_diffrn_radiation.polarisn_ratio                   ? 
_diffrn_radiation.probe                            ? 
_diffrn_radiation.type                             ? 
_diffrn_radiation.xray_symbol                      ? 
_diffrn_radiation.wavelength_id                    1 
_diffrn_radiation.pdbx_monochromatic_or_laue_m_l   M 
_diffrn_radiation.pdbx_wavelength_list             ? 
_diffrn_radiation.pdbx_wavelength                  ? 
_diffrn_radiation.pdbx_diffrn_protocol             'SINGLE WAVELENGTH' 
_diffrn_radiation.pdbx_analyzer                    ? 
_diffrn_radiation.pdbx_scattering_type             x-ray 
# 
_diffrn_radiation_wavelength.id           1 
_diffrn_radiation_wavelength.wavelength   0.8856 
_diffrn_radiation_wavelength.wt           1.0 
# 
_diffrn_source.current                     ? 
_diffrn_source.details                     ? 
_diffrn_source.diffrn_id                   1 
_diffrn_source.power                       ? 
_diffrn_source.size                        ? 
_diffrn_source.source                      SYNCHROTRON 
_diffrn_source.target                      ? 
_diffrn_source.type                        'ESRF BEAMLINE ID29' 
_diffrn_source.voltage                     ? 
_diffrn_source.take-off_angle              ? 
_diffrn_source.pdbx_wavelength_list        0.8856 
_diffrn_source.pdbx_wavelength             ? 
_diffrn_source.pdbx_synchrotron_beamline   ID29 
_diffrn_source.pdbx_synchrotron_site       ESRF 
# 
_reflns.B_iso_Wilson_estimate            25.7 
_reflns.entry_id                         6FRR 
_reflns.data_reduction_details           ? 
_reflns.data_reduction_method            ? 
_reflns.d_resolution_high                1.948 
_reflns.d_resolution_low                 52.31 
_reflns.details                          ? 
_reflns.limit_h_max                      ? 
_reflns.limit_h_min                      ? 
_reflns.limit_k_max                      ? 
_reflns.limit_k_min                      ? 
_reflns.limit_l_max                      ? 
_reflns.limit_l_min                      ? 
_reflns.number_all                       ? 
_reflns.number_obs                       14608 
_reflns.observed_criterion               ? 
_reflns.observed_criterion_F_max         ? 
_reflns.observed_criterion_F_min         ? 
_reflns.observed_criterion_I_max         ? 
_reflns.observed_criterion_I_min         ? 
_reflns.observed_criterion_sigma_F       ? 
_reflns.observed_criterion_sigma_I       ? 
_reflns.percent_possible_obs             99.7 
_reflns.R_free_details                   ? 
_reflns.Rmerge_F_all                     ? 
_reflns.Rmerge_F_obs                     ? 
_reflns.Friedel_coverage                 ? 
_reflns.number_gt                        ? 
_reflns.threshold_expression             ? 
_reflns.pdbx_redundancy                  6.4 
_reflns.pdbx_Rmerge_I_obs                0.083 
_reflns.pdbx_Rmerge_I_all                ? 
_reflns.pdbx_Rsym_value                  ? 
_reflns.pdbx_netI_over_av_sigmaI         ? 
_reflns.pdbx_netI_over_sigmaI            17.2 
_reflns.pdbx_res_netI_over_av_sigmaI_2   ? 
_reflns.pdbx_res_netI_over_sigmaI_2      ? 
_reflns.pdbx_chi_squared                 ? 
_reflns.pdbx_scaling_rejects             ? 
_reflns.pdbx_d_res_high_opt              ? 
_reflns.pdbx_d_res_low_opt               ? 
_reflns.pdbx_d_res_opt_method            ? 
_reflns.phase_calculation_details        ? 
_reflns.pdbx_Rrim_I_all                  ? 
_reflns.pdbx_Rpim_I_all                  ? 
_reflns.pdbx_d_opt                       ? 
_reflns.pdbx_number_measured_all         ? 
_reflns.pdbx_diffrn_id                   1 
_reflns.pdbx_ordinal                     1 
_reflns.pdbx_CC_half                     ? 
_reflns.pdbx_R_split                     ? 
# 
_reflns_shell.d_res_high                  1.95 
_reflns_shell.d_res_low                   2.05 
_reflns_shell.meanI_over_sigI_all         ? 
_reflns_shell.meanI_over_sigI_obs         6.7 
_reflns_shell.number_measured_all         ? 
_reflns_shell.number_measured_obs         ? 
_reflns_shell.number_possible             ? 
_reflns_shell.number_unique_all           ? 
_reflns_shell.number_unique_obs           2087 
_reflns_shell.percent_possible_all        99.9 
_reflns_shell.percent_possible_obs        ? 
_reflns_shell.Rmerge_F_all                ? 
_reflns_shell.Rmerge_F_obs                ? 
_reflns_shell.Rmerge_I_all                ? 
_reflns_shell.Rmerge_I_obs                0.31 
_reflns_shell.meanI_over_sigI_gt          ? 
_reflns_shell.meanI_over_uI_all           ? 
_reflns_shell.meanI_over_uI_gt            ? 
_reflns_shell.number_measured_gt          ? 
_reflns_shell.number_unique_gt            ? 
_reflns_shell.percent_possible_gt         ? 
_reflns_shell.Rmerge_F_gt                 ? 
_reflns_shell.Rmerge_I_gt                 ? 
_reflns_shell.pdbx_redundancy             10 
_reflns_shell.pdbx_Rsym_value             ? 
_reflns_shell.pdbx_chi_squared            ? 
_reflns_shell.pdbx_netI_over_sigmaI_all   ? 
_reflns_shell.pdbx_netI_over_sigmaI_obs   ? 
_reflns_shell.pdbx_Rrim_I_all             ? 
_reflns_shell.pdbx_Rpim_I_all             ? 
_reflns_shell.pdbx_rejects                ? 
_reflns_shell.pdbx_ordinal                1 
_reflns_shell.pdbx_diffrn_id              1 
_reflns_shell.pdbx_CC_half                ? 
_reflns_shell.pdbx_R_split                ? 
# 
_refine.aniso_B[1][1]                            ? 
_refine.aniso_B[1][2]                            ? 
_refine.aniso_B[1][3]                            ? 
_refine.aniso_B[2][2]                            ? 
_refine.aniso_B[2][3]                            ? 
_refine.aniso_B[3][3]                            ? 
_refine.B_iso_max                                ? 
_refine.B_iso_mean                               ? 
_refine.B_iso_min                                ? 
_refine.correlation_coeff_Fo_to_Fc               ? 
_refine.correlation_coeff_Fo_to_Fc_free          ? 
_refine.details                                  ? 
_refine.diff_density_max                         ? 
_refine.diff_density_max_esd                     ? 
_refine.diff_density_min                         ? 
_refine.diff_density_min_esd                     ? 
_refine.diff_density_rms                         ? 
_refine.diff_density_rms_esd                     ? 
_refine.entry_id                                 6FRR 
_refine.pdbx_refine_id                           'X-RAY DIFFRACTION' 
_refine.ls_abs_structure_details                 ? 
_refine.ls_abs_structure_Flack                   ? 
_refine.ls_abs_structure_Flack_esd               ? 
_refine.ls_abs_structure_Rogers                  ? 
_refine.ls_abs_structure_Rogers_esd              ? 
_refine.ls_d_res_high                            1.948 
_refine.ls_d_res_low                             45.405 
_refine.ls_extinction_coef                       ? 
_refine.ls_extinction_coef_esd                   ? 
_refine.ls_extinction_expression                 ? 
_refine.ls_extinction_method                     ? 
_refine.ls_goodness_of_fit_all                   ? 
_refine.ls_goodness_of_fit_all_esd               ? 
_refine.ls_goodness_of_fit_obs                   ? 
_refine.ls_goodness_of_fit_obs_esd               ? 
_refine.ls_hydrogen_treatment                    ? 
_refine.ls_matrix_type                           ? 
_refine.ls_number_constraints                    ? 
_refine.ls_number_parameters                     ? 
_refine.ls_number_reflns_all                     ? 
_refine.ls_number_reflns_obs                     14560 
_refine.ls_number_reflns_R_free                  733 
_refine.ls_number_reflns_R_work                  ? 
_refine.ls_number_restraints                     ? 
_refine.ls_percent_reflns_obs                    99.48 
_refine.ls_percent_reflns_R_free                 5.03 
_refine.ls_R_factor_all                          ? 
_refine.ls_R_factor_obs                          0.1956 
_refine.ls_R_factor_R_free                       0.2494 
_refine.ls_R_factor_R_free_error                 ? 
_refine.ls_R_factor_R_free_error_details         ? 
_refine.ls_R_factor_R_work                       0.1928 
_refine.ls_R_Fsqd_factor_obs                     ? 
_refine.ls_R_I_factor_obs                        ? 
_refine.ls_redundancy_reflns_all                 ? 
_refine.ls_redundancy_reflns_obs                 ? 
_refine.ls_restrained_S_all                      ? 
_refine.ls_restrained_S_obs                      ? 
_refine.ls_shift_over_esd_max                    ? 
_refine.ls_shift_over_esd_mean                   ? 
_refine.ls_structure_factor_coef                 ? 
_refine.ls_weighting_details                     ? 
_refine.ls_weighting_scheme                      ? 
_refine.ls_wR_factor_all                         ? 
_refine.ls_wR_factor_obs                         ? 
_refine.ls_wR_factor_R_free                      ? 
_refine.ls_wR_factor_R_work                      ? 
_refine.occupancy_max                            ? 
_refine.occupancy_min                            ? 
_refine.solvent_model_details                    ? 
_refine.solvent_model_param_bsol                 ? 
_refine.solvent_model_param_ksol                 ? 
_refine.ls_R_factor_gt                           ? 
_refine.ls_goodness_of_fit_gt                    ? 
_refine.ls_goodness_of_fit_ref                   ? 
_refine.ls_shift_over_su_max                     ? 
_refine.ls_shift_over_su_max_lt                  ? 
_refine.ls_shift_over_su_mean                    ? 
_refine.ls_shift_over_su_mean_lt                 ? 
_refine.pdbx_ls_sigma_I                          ? 
_refine.pdbx_ls_sigma_F                          1.35 
_refine.pdbx_ls_sigma_Fsqd                       ? 
_refine.pdbx_data_cutoff_high_absF               ? 
_refine.pdbx_data_cutoff_high_rms_absF           ? 
_refine.pdbx_data_cutoff_low_absF                ? 
_refine.pdbx_isotropic_thermal_model             ? 
_refine.pdbx_ls_cross_valid_method               'FREE R-VALUE' 
_refine.pdbx_method_to_determine_struct          'MOLECULAR REPLACEMENT' 
_refine.pdbx_starting_model                      2ALG 
_refine.pdbx_stereochemistry_target_values       ? 
_refine.pdbx_R_Free_selection_details            ? 
_refine.pdbx_stereochem_target_val_spec_case     ? 
_refine.pdbx_overall_ESU_R                       ? 
_refine.pdbx_overall_ESU_R_Free                  ? 
_refine.pdbx_solvent_vdw_probe_radii             1.11 
_refine.pdbx_solvent_ion_probe_radii             ? 
_refine.pdbx_solvent_shrinkage_radii             0.90 
_refine.pdbx_real_space_R                        ? 
_refine.pdbx_density_correlation                 ? 
_refine.pdbx_pd_number_of_powder_patterns        ? 
_refine.pdbx_pd_number_of_points                 ? 
_refine.pdbx_pd_meas_number_of_points            ? 
_refine.pdbx_pd_proc_ls_prof_R_factor            ? 
_refine.pdbx_pd_proc_ls_prof_wR_factor           ? 
_refine.pdbx_pd_Marquardt_correlation_coeff      ? 
_refine.pdbx_pd_Fsqrd_R_factor                   ? 
_refine.pdbx_pd_ls_matrix_band_width             ? 
_refine.pdbx_overall_phase_error                 24.71 
_refine.pdbx_overall_SU_R_free_Cruickshank_DPI   ? 
_refine.pdbx_overall_SU_R_free_Blow_DPI          ? 
_refine.pdbx_overall_SU_R_Blow_DPI               ? 
_refine.pdbx_TLS_residual_ADP_flag               ? 
_refine.pdbx_diffrn_id                           1 
_refine.overall_SU_B                             ? 
_refine.overall_SU_ML                            0.25 
_refine.overall_SU_R_Cruickshank_DPI             ? 
_refine.overall_SU_R_free                        ? 
_refine.overall_FOM_free_R_set                   ? 
_refine.overall_FOM_work_R_set                   ? 
_refine.pdbx_average_fsc_overall                 ? 
_refine.pdbx_average_fsc_work                    ? 
_refine.pdbx_average_fsc_free                    ? 
# 
_refine_hist.pdbx_refine_id                   'X-RAY DIFFRACTION' 
_refine_hist.cycle_id                         LAST 
_refine_hist.pdbx_number_atoms_protein        1366 
_refine_hist.pdbx_number_atoms_nucleic_acid   0 
_refine_hist.pdbx_number_atoms_ligand         15 
_refine_hist.number_atoms_solvent             194 
_refine_hist.number_atoms_total               1575 
_refine_hist.d_res_high                       1.948 
_refine_hist.d_res_low                        45.405 
# 
loop_
_refine_ls_restr.pdbx_refine_id 
_refine_ls_restr.criterion 
_refine_ls_restr.dev_ideal 
_refine_ls_restr.dev_ideal_target 
_refine_ls_restr.number 
_refine_ls_restr.rejects 
_refine_ls_restr.type 
_refine_ls_restr.weight 
_refine_ls_restr.pdbx_restraint_function 
'X-RAY DIFFRACTION' ? 0.007  ? 1419 ? f_bond_d           ? ? 
'X-RAY DIFFRACTION' ? 0.828  ? 1916 ? f_angle_d          ? ? 
'X-RAY DIFFRACTION' ? 13.837 ? 910  ? f_dihedral_angle_d ? ? 
'X-RAY DIFFRACTION' ? 0.050  ? 220  ? f_chiral_restr     ? ? 
'X-RAY DIFFRACTION' ? 0.005  ? 242  ? f_plane_restr      ? ? 
# 
loop_
_refine_ls_shell.pdbx_refine_id 
_refine_ls_shell.d_res_high 
_refine_ls_shell.d_res_low 
_refine_ls_shell.number_reflns_all 
_refine_ls_shell.number_reflns_obs 
_refine_ls_shell.number_reflns_R_free 
_refine_ls_shell.number_reflns_R_work 
_refine_ls_shell.percent_reflns_obs 
_refine_ls_shell.percent_reflns_R_free 
_refine_ls_shell.R_factor_all 
_refine_ls_shell.R_factor_obs 
_refine_ls_shell.R_factor_R_free 
_refine_ls_shell.R_factor_R_free_error 
_refine_ls_shell.R_factor_R_work 
_refine_ls_shell.redundancy_reflns_all 
_refine_ls_shell.redundancy_reflns_obs 
_refine_ls_shell.wR_factor_all 
_refine_ls_shell.wR_factor_obs 
_refine_ls_shell.wR_factor_R_free 
_refine_ls_shell.wR_factor_R_work 
_refine_ls_shell.pdbx_total_number_of_bins_used 
_refine_ls_shell.pdbx_phase_error 
_refine_ls_shell.pdbx_fsc_work 
_refine_ls_shell.pdbx_fsc_free 
'X-RAY DIFFRACTION' 1.9476 2.0979  . . 170 2693 100.00 . . . 0.2934 . 0.2087 . . . . . . . . . . 
'X-RAY DIFFRACTION' 2.0979 2.3090  . . 153 2697 99.00  . . . 0.2552 . 0.1838 . . . . . . . . . . 
'X-RAY DIFFRACTION' 2.3090 2.6431  . . 145 2735 100.00 . . . 0.2369 . 0.1896 . . . . . . . . . . 
'X-RAY DIFFRACTION' 2.6431 3.3299  . . 129 2796 99.00  . . . 0.2753 . 0.2088 . . . . . . . . . . 
'X-RAY DIFFRACTION' 3.3299 45.4177 . . 136 2906 99.00  . . . 0.2269 . 0.1842 . . . . . . . . . . 
# 
_struct.entry_id                     6FRR 
_struct.title                        'Structural and immunological properties of the allergen Art v 3' 
_struct.pdbx_model_details           ? 
_struct.pdbx_formula_weight          ? 
_struct.pdbx_formula_weight_method   ? 
_struct.pdbx_model_type_details      ? 
_struct.pdbx_CASP_flag               N 
# 
_struct_keywords.entry_id        6FRR 
_struct_keywords.text            'Art v 3.0201 lipid binding protein, ALLERGEN' 
_struct_keywords.pdbx_keywords   ALLERGEN 
# 
loop_
_struct_asym.id 
_struct_asym.pdbx_blank_PDB_chainid_flag 
_struct_asym.pdbx_modified 
_struct_asym.entity_id 
_struct_asym.details 
A N N 1 ? 
B N N 1 ? 
C N N 2 ? 
D N N 2 ? 
E N N 2 ? 
F N N 3 ? 
G N N 3 ? 
# 
_struct_ref.id                         1 
_struct_ref.db_name                    UNP 
_struct_ref.db_code                    C4MGG9_ARTVU 
_struct_ref.pdbx_db_accession          C4MGG9 
_struct_ref.pdbx_db_isoform            ? 
_struct_ref.entity_id                  1 
_struct_ref.pdbx_seq_one_letter_code   
;KCSDVSNKISACLSYLKQGGEVPADCCTGVKGLNDAAKTTPDRQTACNCLKTTFKSNKDFKSDFAASLPSKCGVNIPYKI
SLETDCNKVK
;
_struct_ref.pdbx_align_begin           25 
# 
loop_
_struct_ref_seq.align_id 
_struct_ref_seq.ref_id 
_struct_ref_seq.pdbx_PDB_id_code 
_struct_ref_seq.pdbx_strand_id 
_struct_ref_seq.seq_align_beg 
_struct_ref_seq.pdbx_seq_align_beg_ins_code 
_struct_ref_seq.seq_align_end 
_struct_ref_seq.pdbx_seq_align_end_ins_code 
_struct_ref_seq.pdbx_db_accession 
_struct_ref_seq.db_align_beg 
_struct_ref_seq.pdbx_db_align_beg_ins_code 
_struct_ref_seq.db_align_end 
_struct_ref_seq.pdbx_db_align_end_ins_code 
_struct_ref_seq.pdbx_auth_seq_align_beg 
_struct_ref_seq.pdbx_auth_seq_align_end 
1 1 6FRR A 3 ? 92 ? C4MGG9 25 ? 114 ? 3 92 
2 1 6FRR B 3 ? 92 ? C4MGG9 25 ? 114 ? 3 92 
# 
loop_
_struct_ref_seq_dif.align_id 
_struct_ref_seq_dif.pdbx_pdb_id_code 
_struct_ref_seq_dif.mon_id 
_struct_ref_seq_dif.pdbx_pdb_strand_id 
_struct_ref_seq_dif.seq_num 
_struct_ref_seq_dif.pdbx_pdb_ins_code 
_struct_ref_seq_dif.pdbx_seq_db_name 
_struct_ref_seq_dif.pdbx_seq_db_accession_code 
_struct_ref_seq_dif.db_mon_id 
_struct_ref_seq_dif.pdbx_seq_db_seq_num 
_struct_ref_seq_dif.details 
_struct_ref_seq_dif.pdbx_auth_seq_num 
_struct_ref_seq_dif.pdbx_ordinal 
1 6FRR MET A 1 ? UNP C4MGG9 ? ? 'initiating methionine' 1 1 
1 6FRR ILE A 2 ? UNP C4MGG9 ? ? 'expression tag'        2 2 
2 6FRR MET B 1 ? UNP C4MGG9 ? ? 'initiating methionine' 1 3 
2 6FRR ILE B 2 ? UNP C4MGG9 ? ? 'expression tag'        2 4 
# 
loop_
_pdbx_struct_assembly.id 
_pdbx_struct_assembly.details 
_pdbx_struct_assembly.method_details 
_pdbx_struct_assembly.oligomeric_details 
_pdbx_struct_assembly.oligomeric_count 
1 author_defined_assembly ? monomeric 1 
2 author_defined_assembly ? monomeric 1 
# 
loop_
_pdbx_struct_assembly_gen.assembly_id 
_pdbx_struct_assembly_gen.oper_expression 
_pdbx_struct_assembly_gen.asym_id_list 
1 1 A,C,D,F 
2 1 B,E,G   
# 
_pdbx_struct_assembly_auth_evidence.id                     1 
_pdbx_struct_assembly_auth_evidence.assembly_id            1 
_pdbx_struct_assembly_auth_evidence.experimental_support   'gel filtration' 
_pdbx_struct_assembly_auth_evidence.details                ? 
# 
_pdbx_struct_oper_list.id                   1 
_pdbx_struct_oper_list.type                 'identity operation' 
_pdbx_struct_oper_list.name                 1_555 
_pdbx_struct_oper_list.symmetry_operation   x,y,z 
_pdbx_struct_oper_list.matrix[1][1]         1.0000000000 
_pdbx_struct_oper_list.matrix[1][2]         0.0000000000 
_pdbx_struct_oper_list.matrix[1][3]         0.0000000000 
_pdbx_struct_oper_list.vector[1]            0.0000000000 
_pdbx_struct_oper_list.matrix[2][1]         0.0000000000 
_pdbx_struct_oper_list.matrix[2][2]         1.0000000000 
_pdbx_struct_oper_list.matrix[2][3]         0.0000000000 
_pdbx_struct_oper_list.vector[2]            0.0000000000 
_pdbx_struct_oper_list.matrix[3][1]         0.0000000000 
_pdbx_struct_oper_list.matrix[3][2]         0.0000000000 
_pdbx_struct_oper_list.matrix[3][3]         1.0000000000 
_pdbx_struct_oper_list.vector[3]            0.0000000000 
# 
loop_
_struct_conf.conf_type_id 
_struct_conf.id 
_struct_conf.pdbx_PDB_helix_id 
_struct_conf.beg_label_comp_id 
_struct_conf.beg_label_asym_id 
_struct_conf.beg_label_seq_id 
_struct_conf.pdbx_beg_PDB_ins_code 
_struct_conf.end_label_comp_id 
_struct_conf.end_label_asym_id 
_struct_conf.end_label_seq_id 
_struct_conf.pdbx_end_PDB_ins_code 
_struct_conf.beg_auth_comp_id 
_struct_conf.beg_auth_asym_id 
_struct_conf.beg_auth_seq_id 
_struct_conf.end_auth_comp_id 
_struct_conf.end_auth_asym_id 
_struct_conf.end_auth_seq_id 
_struct_conf.pdbx_PDB_helix_class 
_struct_conf.details 
_struct_conf.pdbx_PDB_helix_length 
HELX_P HELX_P1  AA1 LYS A 3  ? SER A 12 ? LYS A 3  SER A 12 1 ? 10 
HELX_P HELX_P2  AA2 CYS A 14 ? GLY A 21 ? CYS A 14 GLY A 21 1 ? 8  
HELX_P HELX_P3  AA3 PRO A 25 ? ALA A 39 ? PRO A 25 ALA A 39 1 ? 15 
HELX_P HELX_P4  AA4 THR A 41 ? SER A 58 ? THR A 41 SER A 58 1 ? 18 
HELX_P HELX_P5  AA5 LYS A 63 ? GLY A 75 ? LYS A 63 GLY A 75 1 ? 13 
HELX_P HELX_P6  AA6 ASP A 87 ? VAL A 91 ? ASP A 87 VAL A 91 5 ? 5  
HELX_P HELX_P7  AA7 LYS B 3  ? ILE B 11 ? LYS B 3  ILE B 11 1 ? 9  
HELX_P HELX_P8  AA8 CYS B 14 ? GLY B 21 ? CYS B 14 GLY B 21 1 ? 8  
HELX_P HELX_P9  AA9 PRO B 25 ? ALA B 38 ? PRO B 25 ALA B 38 1 ? 14 
HELX_P HELX_P10 AB1 THR B 41 ? ASN B 59 ? THR B 41 ASN B 59 1 ? 19 
HELX_P HELX_P11 AB2 LYS B 63 ? CYS B 74 ? LYS B 63 CYS B 74 1 ? 12 
HELX_P HELX_P12 AB3 ASP B 87 ? VAL B 91 ? ASP B 87 VAL B 91 5 ? 5  
# 
_struct_conf_type.id          HELX_P 
_struct_conf_type.criteria    ? 
_struct_conf_type.reference   ? 
# 
loop_
_struct_conn.id 
_struct_conn.conn_type_id 
_struct_conn.pdbx_leaving_atom_flag 
_struct_conn.pdbx_PDB_id 
_struct_conn.ptnr1_label_asym_id 
_struct_conn.ptnr1_label_comp_id 
_struct_conn.ptnr1_label_seq_id 
_struct_conn.ptnr1_label_atom_id 
_struct_conn.pdbx_ptnr1_label_alt_id 
_struct_conn.pdbx_ptnr1_PDB_ins_code 
_struct_conn.pdbx_ptnr1_standard_comp_id 
_struct_conn.ptnr1_symmetry 
_struct_conn.ptnr2_label_asym_id 
_struct_conn.ptnr2_label_comp_id 
_struct_conn.ptnr2_label_seq_id 
_struct_conn.ptnr2_label_atom_id 
_struct_conn.pdbx_ptnr2_label_alt_id 
_struct_conn.pdbx_ptnr2_PDB_ins_code 
_struct_conn.ptnr1_auth_asym_id 
_struct_conn.ptnr1_auth_comp_id 
_struct_conn.ptnr1_auth_seq_id 
_struct_conn.ptnr2_auth_asym_id 
_struct_conn.ptnr2_auth_comp_id 
_struct_conn.ptnr2_auth_seq_id 
_struct_conn.ptnr2_symmetry 
_struct_conn.pdbx_ptnr3_label_atom_id 
_struct_conn.pdbx_ptnr3_label_seq_id 
_struct_conn.pdbx_ptnr3_label_comp_id 
_struct_conn.pdbx_ptnr3_label_asym_id 
_struct_conn.pdbx_ptnr3_label_alt_id 
_struct_conn.pdbx_ptnr3_PDB_ins_code 
_struct_conn.details 
_struct_conn.pdbx_dist_value 
_struct_conn.pdbx_value_order 
_struct_conn.pdbx_role 
disulf1 disulf ? ? A CYS 4  SG ? ? ? 1_555 A CYS 51 SG ? ? A CYS 4  A CYS 51 1_555 ? ? ? ? ? ? ? 2.048 ? ? 
disulf2 disulf ? ? A CYS 14 SG ? ? ? 1_555 A CYS 28 SG ? ? A CYS 14 A CYS 28 1_555 ? ? ? ? ? ? ? 2.052 ? ? 
disulf3 disulf ? ? A CYS 29 SG ? ? ? 1_555 A CYS 74 SG ? ? A CYS 29 A CYS 74 1_555 ? ? ? ? ? ? ? 2.037 ? ? 
disulf4 disulf ? ? A CYS 49 SG ? ? ? 1_555 A CYS 88 SG ? ? A CYS 49 A CYS 88 1_555 ? ? ? ? ? ? ? 2.053 ? ? 
disulf5 disulf ? ? B CYS 4  SG ? ? ? 1_555 B CYS 51 SG ? ? B CYS 4  B CYS 51 1_555 ? ? ? ? ? ? ? 2.046 ? ? 
disulf6 disulf ? ? B CYS 14 SG ? ? ? 1_555 B CYS 28 SG ? ? B CYS 14 B CYS 28 1_555 ? ? ? ? ? ? ? 2.032 ? ? 
disulf7 disulf ? ? B CYS 29 SG ? ? ? 1_555 B CYS 74 SG ? ? B CYS 29 B CYS 74 1_555 ? ? ? ? ? ? ? 2.027 ? ? 
disulf8 disulf ? ? B CYS 49 SG ? ? ? 1_555 B CYS 88 SG ? ? B CYS 49 B CYS 88 1_555 ? ? ? ? ? ? ? 2.044 ? ? 
# 
_struct_conn_type.id          disulf 
_struct_conn_type.criteria    ? 
_struct_conn_type.reference   ? 
# 
loop_
_pdbx_modification_feature.ordinal 
_pdbx_modification_feature.label_comp_id 
_pdbx_modification_feature.label_asym_id 
_pdbx_modification_feature.label_seq_id 
_pdbx_modification_feature.label_alt_id 
_pdbx_modification_feature.modified_residue_label_comp_id 
_pdbx_modification_feature.modified_residue_label_asym_id 
_pdbx_modification_feature.modified_residue_label_seq_id 
_pdbx_modification_feature.modified_residue_label_alt_id 
_pdbx_modification_feature.auth_comp_id 
_pdbx_modification_feature.auth_asym_id 
_pdbx_modification_feature.auth_seq_id 
_pdbx_modification_feature.PDB_ins_code 
_pdbx_modification_feature.symmetry 
_pdbx_modification_feature.modified_residue_auth_comp_id 
_pdbx_modification_feature.modified_residue_auth_asym_id 
_pdbx_modification_feature.modified_residue_auth_seq_id 
_pdbx_modification_feature.modified_residue_PDB_ins_code 
_pdbx_modification_feature.modified_residue_symmetry 
_pdbx_modification_feature.comp_id_linking_atom 
_pdbx_modification_feature.modified_residue_id_linking_atom 
_pdbx_modification_feature.modified_residue_id 
_pdbx_modification_feature.ref_pcm_id 
_pdbx_modification_feature.ref_comp_id 
_pdbx_modification_feature.type 
_pdbx_modification_feature.category 
1 CYS A 4  ? CYS A 51 ? CYS A 4  ? 1_555 CYS A 51 ? 1_555 SG SG . . . None 'Disulfide bridge' 
2 CYS A 14 ? CYS A 28 ? CYS A 14 ? 1_555 CYS A 28 ? 1_555 SG SG . . . None 'Disulfide bridge' 
3 CYS A 29 ? CYS A 74 ? CYS A 29 ? 1_555 CYS A 74 ? 1_555 SG SG . . . None 'Disulfide bridge' 
4 CYS A 49 ? CYS A 88 ? CYS A 49 ? 1_555 CYS A 88 ? 1_555 SG SG . . . None 'Disulfide bridge' 
5 CYS B 4  ? CYS B 51 ? CYS B 4  ? 1_555 CYS B 51 ? 1_555 SG SG . . . None 'Disulfide bridge' 
6 CYS B 14 ? CYS B 28 ? CYS B 14 ? 1_555 CYS B 28 ? 1_555 SG SG . . . None 'Disulfide bridge' 
7 CYS B 29 ? CYS B 74 ? CYS B 29 ? 1_555 CYS B 74 ? 1_555 SG SG . . . None 'Disulfide bridge' 
8 CYS B 49 ? CYS B 88 ? CYS B 49 ? 1_555 CYS B 88 ? 1_555 SG SG . . . None 'Disulfide bridge' 
# 
loop_
_struct_site.id 
_struct_site.pdbx_evidence_code 
_struct_site.pdbx_auth_asym_id 
_struct_site.pdbx_auth_comp_id 
_struct_site.pdbx_auth_seq_id 
_struct_site.pdbx_auth_ins_code 
_struct_site.pdbx_num_residues 
_struct_site.details 
AC1 Software A SO4 101 ? 5 'binding site for residue SO4 A 101' 
AC2 Software A SO4 102 ? 3 'binding site for residue SO4 A 102' 
AC3 Software B SO4 101 ? 6 'binding site for residue SO4 B 101' 
# 
loop_
_struct_site_gen.id 
_struct_site_gen.site_id 
_struct_site_gen.pdbx_num_res 
_struct_site_gen.label_comp_id 
_struct_site_gen.label_asym_id 
_struct_site_gen.label_seq_id 
_struct_site_gen.pdbx_auth_ins_code 
_struct_site_gen.auth_comp_id 
_struct_site_gen.auth_asym_id 
_struct_site_gen.auth_seq_id 
_struct_site_gen.label_atom_id 
_struct_site_gen.label_alt_id 
_struct_site_gen.symmetry 
_struct_site_gen.details 
1  AC1 5 SER A 12 ? SER A 12  . ? 1_555 ? 
2  AC1 5 ASN A 59 ? ASN A 59  . ? 5_555 ? 
3  AC1 5 HOH F .  ? HOH A 206 . ? 1_555 ? 
4  AC1 5 HOH F .  ? HOH A 210 . ? 1_555 ? 
5  AC1 5 HOH F .  ? HOH A 238 . ? 1_555 ? 
6  AC2 3 ARG A 45 ? ARG A 45  . ? 1_555 ? 
7  AC2 3 HOH F .  ? HOH A 262 . ? 1_555 ? 
8  AC2 3 LYS B 33 ? LYS B 33  . ? 1_555 ? 
9  AC3 6 LYS A 60 ? LYS A 60  . ? 4_545 ? 
10 AC3 6 LYS B 3  ? LYS B 3   . ? 1_555 ? 
11 AC3 6 CYS B 4  ? CYS B 4   . ? 1_555 ? 
12 AC3 6 SER B 5  ? SER B 5   . ? 1_555 ? 
13 AC3 6 HOH G .  ? HOH B 219 . ? 1_555 ? 
14 AC3 6 HOH G .  ? HOH B 254 . ? 1_555 ? 
# 
_pdbx_entry_details.entry_id                   6FRR 
_pdbx_entry_details.compound_details           ? 
_pdbx_entry_details.source_details             ? 
_pdbx_entry_details.nonpolymer_details         ? 
_pdbx_entry_details.sequence_details           ? 
_pdbx_entry_details.has_ligand_of_interest     ? 
_pdbx_entry_details.has_protein_modification   Y 
# 
loop_
_pdbx_validate_torsion.id 
_pdbx_validate_torsion.PDB_model_num 
_pdbx_validate_torsion.auth_comp_id 
_pdbx_validate_torsion.auth_asym_id 
_pdbx_validate_torsion.auth_seq_id 
_pdbx_validate_torsion.PDB_ins_code 
_pdbx_validate_torsion.label_alt_id 
_pdbx_validate_torsion.phi 
_pdbx_validate_torsion.psi 
1 1 GLN B 20 ? ? -142.76 42.78 
2 1 PRO B 79 ? ? -79.47  23.38 
# 
_pdbx_struct_special_symmetry.id              1 
_pdbx_struct_special_symmetry.PDB_model_num   1 
_pdbx_struct_special_symmetry.auth_asym_id    A 
_pdbx_struct_special_symmetry.auth_comp_id    HOH 
_pdbx_struct_special_symmetry.auth_seq_id     224 
_pdbx_struct_special_symmetry.PDB_ins_code    ? 
_pdbx_struct_special_symmetry.label_asym_id   F 
_pdbx_struct_special_symmetry.label_comp_id   HOH 
_pdbx_struct_special_symmetry.label_seq_id    . 
# 
loop_
_pdbx_distant_solvent_atoms.id 
_pdbx_distant_solvent_atoms.PDB_model_num 
_pdbx_distant_solvent_atoms.auth_atom_id 
_pdbx_distant_solvent_atoms.label_alt_id 
_pdbx_distant_solvent_atoms.auth_asym_id 
_pdbx_distant_solvent_atoms.auth_comp_id 
_pdbx_distant_solvent_atoms.auth_seq_id 
_pdbx_distant_solvent_atoms.PDB_ins_code 
_pdbx_distant_solvent_atoms.neighbor_macromolecule_distance 
_pdbx_distant_solvent_atoms.neighbor_ligand_distance 
1 1 O ? A HOH 311 ? 7.56  . 
2 1 O ? A HOH 312 ? 8.29  . 
3 1 O ? B HOH 279 ? 7.12  . 
4 1 O ? B HOH 280 ? 9.81  . 
5 1 O ? B HOH 281 ? 10.02 . 
6 1 O ? B HOH 282 ? 15.94 . 
# 
loop_
_chem_comp_atom.comp_id 
_chem_comp_atom.atom_id 
_chem_comp_atom.type_symbol 
_chem_comp_atom.pdbx_aromatic_flag 
_chem_comp_atom.pdbx_stereo_config 
_chem_comp_atom.pdbx_ordinal 
ALA N    N N N 1   
ALA CA   C N S 2   
ALA C    C N N 3   
ALA O    O N N 4   
ALA CB   C N N 5   
ALA OXT  O N N 6   
ALA H    H N N 7   
ALA H2   H N N 8   
ALA HA   H N N 9   
ALA HB1  H N N 10  
ALA HB2  H N N 11  
ALA HB3  H N N 12  
ALA HXT  H N N 13  
ARG N    N N N 14  
ARG CA   C N S 15  
ARG C    C N N 16  
ARG O    O N N 17  
ARG CB   C N N 18  
ARG CG   C N N 19  
ARG CD   C N N 20  
ARG NE   N N N 21  
ARG CZ   C N N 22  
ARG NH1  N N N 23  
ARG NH2  N N N 24  
ARG OXT  O N N 25  
ARG H    H N N 26  
ARG H2   H N N 27  
ARG HA   H N N 28  
ARG HB2  H N N 29  
ARG HB3  H N N 30  
ARG HG2  H N N 31  
ARG HG3  H N N 32  
ARG HD2  H N N 33  
ARG HD3  H N N 34  
ARG HE   H N N 35  
ARG HH11 H N N 36  
ARG HH12 H N N 37  
ARG HH21 H N N 38  
ARG HH22 H N N 39  
ARG HXT  H N N 40  
ASN N    N N N 41  
ASN CA   C N S 42  
ASN C    C N N 43  
ASN O    O N N 44  
ASN CB   C N N 45  
ASN CG   C N N 46  
ASN OD1  O N N 47  
ASN ND2  N N N 48  
ASN OXT  O N N 49  
ASN H    H N N 50  
ASN H2   H N N 51  
ASN HA   H N N 52  
ASN HB2  H N N 53  
ASN HB3  H N N 54  
ASN HD21 H N N 55  
ASN HD22 H N N 56  
ASN HXT  H N N 57  
ASP N    N N N 58  
ASP CA   C N S 59  
ASP C    C N N 60  
ASP O    O N N 61  
ASP CB   C N N 62  
ASP CG   C N N 63  
ASP OD1  O N N 64  
ASP OD2  O N N 65  
ASP OXT  O N N 66  
ASP H    H N N 67  
ASP H2   H N N 68  
ASP HA   H N N 69  
ASP HB2  H N N 70  
ASP HB3  H N N 71  
ASP HD2  H N N 72  
ASP HXT  H N N 73  
CYS N    N N N 74  
CYS CA   C N R 75  
CYS C    C N N 76  
CYS O    O N N 77  
CYS CB   C N N 78  
CYS SG   S N N 79  
CYS OXT  O N N 80  
CYS H    H N N 81  
CYS H2   H N N 82  
CYS HA   H N N 83  
CYS HB2  H N N 84  
CYS HB3  H N N 85  
CYS HG   H N N 86  
CYS HXT  H N N 87  
GLN N    N N N 88  
GLN CA   C N S 89  
GLN C    C N N 90  
GLN O    O N N 91  
GLN CB   C N N 92  
GLN CG   C N N 93  
GLN CD   C N N 94  
GLN OE1  O N N 95  
GLN NE2  N N N 96  
GLN OXT  O N N 97  
GLN H    H N N 98  
GLN H2   H N N 99  
GLN HA   H N N 100 
GLN HB2  H N N 101 
GLN HB3  H N N 102 
GLN HG2  H N N 103 
GLN HG3  H N N 104 
GLN HE21 H N N 105 
GLN HE22 H N N 106 
GLN HXT  H N N 107 
GLU N    N N N 108 
GLU CA   C N S 109 
GLU C    C N N 110 
GLU O    O N N 111 
GLU CB   C N N 112 
GLU CG   C N N 113 
GLU CD   C N N 114 
GLU OE1  O N N 115 
GLU OE2  O N N 116 
GLU OXT  O N N 117 
GLU H    H N N 118 
GLU H2   H N N 119 
GLU HA   H N N 120 
GLU HB2  H N N 121 
GLU HB3  H N N 122 
GLU HG2  H N N 123 
GLU HG3  H N N 124 
GLU HE2  H N N 125 
GLU HXT  H N N 126 
GLY N    N N N 127 
GLY CA   C N N 128 
GLY C    C N N 129 
GLY O    O N N 130 
GLY OXT  O N N 131 
GLY H    H N N 132 
GLY H2   H N N 133 
GLY HA2  H N N 134 
GLY HA3  H N N 135 
GLY HXT  H N N 136 
HOH O    O N N 137 
HOH H1   H N N 138 
HOH H2   H N N 139 
ILE N    N N N 140 
ILE CA   C N S 141 
ILE C    C N N 142 
ILE O    O N N 143 
ILE CB   C N S 144 
ILE CG1  C N N 145 
ILE CG2  C N N 146 
ILE CD1  C N N 147 
ILE OXT  O N N 148 
ILE H    H N N 149 
ILE H2   H N N 150 
ILE HA   H N N 151 
ILE HB   H N N 152 
ILE HG12 H N N 153 
ILE HG13 H N N 154 
ILE HG21 H N N 155 
ILE HG22 H N N 156 
ILE HG23 H N N 157 
ILE HD11 H N N 158 
ILE HD12 H N N 159 
ILE HD13 H N N 160 
ILE HXT  H N N 161 
LEU N    N N N 162 
LEU CA   C N S 163 
LEU C    C N N 164 
LEU O    O N N 165 
LEU CB   C N N 166 
LEU CG   C N N 167 
LEU CD1  C N N 168 
LEU CD2  C N N 169 
LEU OXT  O N N 170 
LEU H    H N N 171 
LEU H2   H N N 172 
LEU HA   H N N 173 
LEU HB2  H N N 174 
LEU HB3  H N N 175 
LEU HG   H N N 176 
LEU HD11 H N N 177 
LEU HD12 H N N 178 
LEU HD13 H N N 179 
LEU HD21 H N N 180 
LEU HD22 H N N 181 
LEU HD23 H N N 182 
LEU HXT  H N N 183 
LYS N    N N N 184 
LYS CA   C N S 185 
LYS C    C N N 186 
LYS O    O N N 187 
LYS CB   C N N 188 
LYS CG   C N N 189 
LYS CD   C N N 190 
LYS CE   C N N 191 
LYS NZ   N N N 192 
LYS OXT  O N N 193 
LYS H    H N N 194 
LYS H2   H N N 195 
LYS HA   H N N 196 
LYS HB2  H N N 197 
LYS HB3  H N N 198 
LYS HG2  H N N 199 
LYS HG3  H N N 200 
LYS HD2  H N N 201 
LYS HD3  H N N 202 
LYS HE2  H N N 203 
LYS HE3  H N N 204 
LYS HZ1  H N N 205 
LYS HZ2  H N N 206 
LYS HZ3  H N N 207 
LYS HXT  H N N 208 
MET N    N N N 209 
MET CA   C N S 210 
MET C    C N N 211 
MET O    O N N 212 
MET CB   C N N 213 
MET CG   C N N 214 
MET SD   S N N 215 
MET CE   C N N 216 
MET OXT  O N N 217 
MET H    H N N 218 
MET H2   H N N 219 
MET HA   H N N 220 
MET HB2  H N N 221 
MET HB3  H N N 222 
MET HG2  H N N 223 
MET HG3  H N N 224 
MET HE1  H N N 225 
MET HE2  H N N 226 
MET HE3  H N N 227 
MET HXT  H N N 228 
PHE N    N N N 229 
PHE CA   C N S 230 
PHE C    C N N 231 
PHE O    O N N 232 
PHE CB   C N N 233 
PHE CG   C Y N 234 
PHE CD1  C Y N 235 
PHE CD2  C Y N 236 
PHE CE1  C Y N 237 
PHE CE2  C Y N 238 
PHE CZ   C Y N 239 
PHE OXT  O N N 240 
PHE H    H N N 241 
PHE H2   H N N 242 
PHE HA   H N N 243 
PHE HB2  H N N 244 
PHE HB3  H N N 245 
PHE HD1  H N N 246 
PHE HD2  H N N 247 
PHE HE1  H N N 248 
PHE HE2  H N N 249 
PHE HZ   H N N 250 
PHE HXT  H N N 251 
PRO N    N N N 252 
PRO CA   C N S 253 
PRO C    C N N 254 
PRO O    O N N 255 
PRO CB   C N N 256 
PRO CG   C N N 257 
PRO CD   C N N 258 
PRO OXT  O N N 259 
PRO H    H N N 260 
PRO HA   H N N 261 
PRO HB2  H N N 262 
PRO HB3  H N N 263 
PRO HG2  H N N 264 
PRO HG3  H N N 265 
PRO HD2  H N N 266 
PRO HD3  H N N 267 
PRO HXT  H N N 268 
SER N    N N N 269 
SER CA   C N S 270 
SER C    C N N 271 
SER O    O N N 272 
SER CB   C N N 273 
SER OG   O N N 274 
SER OXT  O N N 275 
SER H    H N N 276 
SER H2   H N N 277 
SER HA   H N N 278 
SER HB2  H N N 279 
SER HB3  H N N 280 
SER HG   H N N 281 
SER HXT  H N N 282 
SO4 S    S N N 283 
SO4 O1   O N N 284 
SO4 O2   O N N 285 
SO4 O3   O N N 286 
SO4 O4   O N N 287 
THR N    N N N 288 
THR CA   C N S 289 
THR C    C N N 290 
THR O    O N N 291 
THR CB   C N R 292 
THR OG1  O N N 293 
THR CG2  C N N 294 
THR OXT  O N N 295 
THR H    H N N 296 
THR H2   H N N 297 
THR HA   H N N 298 
THR HB   H N N 299 
THR HG1  H N N 300 
THR HG21 H N N 301 
THR HG22 H N N 302 
THR HG23 H N N 303 
THR HXT  H N N 304 
TYR N    N N N 305 
TYR CA   C N S 306 
TYR C    C N N 307 
TYR O    O N N 308 
TYR CB   C N N 309 
TYR CG   C Y N 310 
TYR CD1  C Y N 311 
TYR CD2  C Y N 312 
TYR CE1  C Y N 313 
TYR CE2  C Y N 314 
TYR CZ   C Y N 315 
TYR OH   O N N 316 
TYR OXT  O N N 317 
TYR H    H N N 318 
TYR H2   H N N 319 
TYR HA   H N N 320 
TYR HB2  H N N 321 
TYR HB3  H N N 322 
TYR HD1  H N N 323 
TYR HD2  H N N 324 
TYR HE1  H N N 325 
TYR HE2  H N N 326 
TYR HH   H N N 327 
TYR HXT  H N N 328 
VAL N    N N N 329 
VAL CA   C N S 330 
VAL C    C N N 331 
VAL O    O N N 332 
VAL CB   C N N 333 
VAL CG1  C N N 334 
VAL CG2  C N N 335 
VAL OXT  O N N 336 
VAL H    H N N 337 
VAL H2   H N N 338 
VAL HA   H N N 339 
VAL HB   H N N 340 
VAL HG11 H N N 341 
VAL HG12 H N N 342 
VAL HG13 H N N 343 
VAL HG21 H N N 344 
VAL HG22 H N N 345 
VAL HG23 H N N 346 
VAL HXT  H N N 347 
# 
loop_
_chem_comp_bond.comp_id 
_chem_comp_bond.atom_id_1 
_chem_comp_bond.atom_id_2 
_chem_comp_bond.value_order 
_chem_comp_bond.pdbx_aromatic_flag 
_chem_comp_bond.pdbx_stereo_config 
_chem_comp_bond.pdbx_ordinal 
ALA N   CA   sing N N 1   
ALA N   H    sing N N 2   
ALA N   H2   sing N N 3   
ALA CA  C    sing N N 4   
ALA CA  CB   sing N N 5   
ALA CA  HA   sing N N 6   
ALA C   O    doub N N 7   
ALA C   OXT  sing N N 8   
ALA CB  HB1  sing N N 9   
ALA CB  HB2  sing N N 10  
ALA CB  HB3  sing N N 11  
ALA OXT HXT  sing N N 12  
ARG N   CA   sing N N 13  
ARG N   H    sing N N 14  
ARG N   H2   sing N N 15  
ARG CA  C    sing N N 16  
ARG CA  CB   sing N N 17  
ARG CA  HA   sing N N 18  
ARG C   O    doub N N 19  
ARG C   OXT  sing N N 20  
ARG CB  CG   sing N N 21  
ARG CB  HB2  sing N N 22  
ARG CB  HB3  sing N N 23  
ARG CG  CD   sing N N 24  
ARG CG  HG2  sing N N 25  
ARG CG  HG3  sing N N 26  
ARG CD  NE   sing N N 27  
ARG CD  HD2  sing N N 28  
ARG CD  HD3  sing N N 29  
ARG NE  CZ   sing N N 30  
ARG NE  HE   sing N N 31  
ARG CZ  NH1  sing N N 32  
ARG CZ  NH2  doub N N 33  
ARG NH1 HH11 sing N N 34  
ARG NH1 HH12 sing N N 35  
ARG NH2 HH21 sing N N 36  
ARG NH2 HH22 sing N N 37  
ARG OXT HXT  sing N N 38  
ASN N   CA   sing N N 39  
ASN N   H    sing N N 40  
ASN N   H2   sing N N 41  
ASN CA  C    sing N N 42  
ASN CA  CB   sing N N 43  
ASN CA  HA   sing N N 44  
ASN C   O    doub N N 45  
ASN C   OXT  sing N N 46  
ASN CB  CG   sing N N 47  
ASN CB  HB2  sing N N 48  
ASN CB  HB3  sing N N 49  
ASN CG  OD1  doub N N 50  
ASN CG  ND2  sing N N 51  
ASN ND2 HD21 sing N N 52  
ASN ND2 HD22 sing N N 53  
ASN OXT HXT  sing N N 54  
ASP N   CA   sing N N 55  
ASP N   H    sing N N 56  
ASP N   H2   sing N N 57  
ASP CA  C    sing N N 58  
ASP CA  CB   sing N N 59  
ASP CA  HA   sing N N 60  
ASP C   O    doub N N 61  
ASP C   OXT  sing N N 62  
ASP CB  CG   sing N N 63  
ASP CB  HB2  sing N N 64  
ASP CB  HB3  sing N N 65  
ASP CG  OD1  doub N N 66  
ASP CG  OD2  sing N N 67  
ASP OD2 HD2  sing N N 68  
ASP OXT HXT  sing N N 69  
CYS N   CA   sing N N 70  
CYS N   H    sing N N 71  
CYS N   H2   sing N N 72  
CYS CA  C    sing N N 73  
CYS CA  CB   sing N N 74  
CYS CA  HA   sing N N 75  
CYS C   O    doub N N 76  
CYS C   OXT  sing N N 77  
CYS CB  SG   sing N N 78  
CYS CB  HB2  sing N N 79  
CYS CB  HB3  sing N N 80  
CYS SG  HG   sing N N 81  
CYS OXT HXT  sing N N 82  
GLN N   CA   sing N N 83  
GLN N   H    sing N N 84  
GLN N   H2   sing N N 85  
GLN CA  C    sing N N 86  
GLN CA  CB   sing N N 87  
GLN CA  HA   sing N N 88  
GLN C   O    doub N N 89  
GLN C   OXT  sing N N 90  
GLN CB  CG   sing N N 91  
GLN CB  HB2  sing N N 92  
GLN CB  HB3  sing N N 93  
GLN CG  CD   sing N N 94  
GLN CG  HG2  sing N N 95  
GLN CG  HG3  sing N N 96  
GLN CD  OE1  doub N N 97  
GLN CD  NE2  sing N N 98  
GLN NE2 HE21 sing N N 99  
GLN NE2 HE22 sing N N 100 
GLN OXT HXT  sing N N 101 
GLU N   CA   sing N N 102 
GLU N   H    sing N N 103 
GLU N   H2   sing N N 104 
GLU CA  C    sing N N 105 
GLU CA  CB   sing N N 106 
GLU CA  HA   sing N N 107 
GLU C   O    doub N N 108 
GLU C   OXT  sing N N 109 
GLU CB  CG   sing N N 110 
GLU CB  HB2  sing N N 111 
GLU CB  HB3  sing N N 112 
GLU CG  CD   sing N N 113 
GLU CG  HG2  sing N N 114 
GLU CG  HG3  sing N N 115 
GLU CD  OE1  doub N N 116 
GLU CD  OE2  sing N N 117 
GLU OE2 HE2  sing N N 118 
GLU OXT HXT  sing N N 119 
GLY N   CA   sing N N 120 
GLY N   H    sing N N 121 
GLY N   H2   sing N N 122 
GLY CA  C    sing N N 123 
GLY CA  HA2  sing N N 124 
GLY CA  HA3  sing N N 125 
GLY C   O    doub N N 126 
GLY C   OXT  sing N N 127 
GLY OXT HXT  sing N N 128 
HOH O   H1   sing N N 129 
HOH O   H2   sing N N 130 
ILE N   CA   sing N N 131 
ILE N   H    sing N N 132 
ILE N   H2   sing N N 133 
ILE CA  C    sing N N 134 
ILE CA  CB   sing N N 135 
ILE CA  HA   sing N N 136 
ILE C   O    doub N N 137 
ILE C   OXT  sing N N 138 
ILE CB  CG1  sing N N 139 
ILE CB  CG2  sing N N 140 
ILE CB  HB   sing N N 141 
ILE CG1 CD1  sing N N 142 
ILE CG1 HG12 sing N N 143 
ILE CG1 HG13 sing N N 144 
ILE CG2 HG21 sing N N 145 
ILE CG2 HG22 sing N N 146 
ILE CG2 HG23 sing N N 147 
ILE CD1 HD11 sing N N 148 
ILE CD1 HD12 sing N N 149 
ILE CD1 HD13 sing N N 150 
ILE OXT HXT  sing N N 151 
LEU N   CA   sing N N 152 
LEU N   H    sing N N 153 
LEU N   H2   sing N N 154 
LEU CA  C    sing N N 155 
LEU CA  CB   sing N N 156 
LEU CA  HA   sing N N 157 
LEU C   O    doub N N 158 
LEU C   OXT  sing N N 159 
LEU CB  CG   sing N N 160 
LEU CB  HB2  sing N N 161 
LEU CB  HB3  sing N N 162 
LEU CG  CD1  sing N N 163 
LEU CG  CD2  sing N N 164 
LEU CG  HG   sing N N 165 
LEU CD1 HD11 sing N N 166 
LEU CD1 HD12 sing N N 167 
LEU CD1 HD13 sing N N 168 
LEU CD2 HD21 sing N N 169 
LEU CD2 HD22 sing N N 170 
LEU CD2 HD23 sing N N 171 
LEU OXT HXT  sing N N 172 
LYS N   CA   sing N N 173 
LYS N   H    sing N N 174 
LYS N   H2   sing N N 175 
LYS CA  C    sing N N 176 
LYS CA  CB   sing N N 177 
LYS CA  HA   sing N N 178 
LYS C   O    doub N N 179 
LYS C   OXT  sing N N 180 
LYS CB  CG   sing N N 181 
LYS CB  HB2  sing N N 182 
LYS CB  HB3  sing N N 183 
LYS CG  CD   sing N N 184 
LYS CG  HG2  sing N N 185 
LYS CG  HG3  sing N N 186 
LYS CD  CE   sing N N 187 
LYS CD  HD2  sing N N 188 
LYS CD  HD3  sing N N 189 
LYS CE  NZ   sing N N 190 
LYS CE  HE2  sing N N 191 
LYS CE  HE3  sing N N 192 
LYS NZ  HZ1  sing N N 193 
LYS NZ  HZ2  sing N N 194 
LYS NZ  HZ3  sing N N 195 
LYS OXT HXT  sing N N 196 
MET N   CA   sing N N 197 
MET N   H    sing N N 198 
MET N   H2   sing N N 199 
MET CA  C    sing N N 200 
MET CA  CB   sing N N 201 
MET CA  HA   sing N N 202 
MET C   O    doub N N 203 
MET C   OXT  sing N N 204 
MET CB  CG   sing N N 205 
MET CB  HB2  sing N N 206 
MET CB  HB3  sing N N 207 
MET CG  SD   sing N N 208 
MET CG  HG2  sing N N 209 
MET CG  HG3  sing N N 210 
MET SD  CE   sing N N 211 
MET CE  HE1  sing N N 212 
MET CE  HE2  sing N N 213 
MET CE  HE3  sing N N 214 
MET OXT HXT  sing N N 215 
PHE N   CA   sing N N 216 
PHE N   H    sing N N 217 
PHE N   H2   sing N N 218 
PHE CA  C    sing N N 219 
PHE CA  CB   sing N N 220 
PHE CA  HA   sing N N 221 
PHE C   O    doub N N 222 
PHE C   OXT  sing N N 223 
PHE CB  CG   sing N N 224 
PHE CB  HB2  sing N N 225 
PHE CB  HB3  sing N N 226 
PHE CG  CD1  doub Y N 227 
PHE CG  CD2  sing Y N 228 
PHE CD1 CE1  sing Y N 229 
PHE CD1 HD1  sing N N 230 
PHE CD2 CE2  doub Y N 231 
PHE CD2 HD2  sing N N 232 
PHE CE1 CZ   doub Y N 233 
PHE CE1 HE1  sing N N 234 
PHE CE2 CZ   sing Y N 235 
PHE CE2 HE2  sing N N 236 
PHE CZ  HZ   sing N N 237 
PHE OXT HXT  sing N N 238 
PRO N   CA   sing N N 239 
PRO N   CD   sing N N 240 
PRO N   H    sing N N 241 
PRO CA  C    sing N N 242 
PRO CA  CB   sing N N 243 
PRO CA  HA   sing N N 244 
PRO C   O    doub N N 245 
PRO C   OXT  sing N N 246 
PRO CB  CG   sing N N 247 
PRO CB  HB2  sing N N 248 
PRO CB  HB3  sing N N 249 
PRO CG  CD   sing N N 250 
PRO CG  HG2  sing N N 251 
PRO CG  HG3  sing N N 252 
PRO CD  HD2  sing N N 253 
PRO CD  HD3  sing N N 254 
PRO OXT HXT  sing N N 255 
SER N   CA   sing N N 256 
SER N   H    sing N N 257 
SER N   H2   sing N N 258 
SER CA  C    sing N N 259 
SER CA  CB   sing N N 260 
SER CA  HA   sing N N 261 
SER C   O    doub N N 262 
SER C   OXT  sing N N 263 
SER CB  OG   sing N N 264 
SER CB  HB2  sing N N 265 
SER CB  HB3  sing N N 266 
SER OG  HG   sing N N 267 
SER OXT HXT  sing N N 268 
SO4 S   O1   doub N N 269 
SO4 S   O2   doub N N 270 
SO4 S   O3   sing N N 271 
SO4 S   O4   sing N N 272 
THR N   CA   sing N N 273 
THR N   H    sing N N 274 
THR N   H2   sing N N 275 
THR CA  C    sing N N 276 
THR CA  CB   sing N N 277 
THR CA  HA   sing N N 278 
THR C   O    doub N N 279 
THR C   OXT  sing N N 280 
THR CB  OG1  sing N N 281 
THR CB  CG2  sing N N 282 
THR CB  HB   sing N N 283 
THR OG1 HG1  sing N N 284 
THR CG2 HG21 sing N N 285 
THR CG2 HG22 sing N N 286 
THR CG2 HG23 sing N N 287 
THR OXT HXT  sing N N 288 
TYR N   CA   sing N N 289 
TYR N   H    sing N N 290 
TYR N   H2   sing N N 291 
TYR CA  C    sing N N 292 
TYR CA  CB   sing N N 293 
TYR CA  HA   sing N N 294 
TYR C   O    doub N N 295 
TYR C   OXT  sing N N 296 
TYR CB  CG   sing N N 297 
TYR CB  HB2  sing N N 298 
TYR CB  HB3  sing N N 299 
TYR CG  CD1  doub Y N 300 
TYR CG  CD2  sing Y N 301 
TYR CD1 CE1  sing Y N 302 
TYR CD1 HD1  sing N N 303 
TYR CD2 CE2  doub Y N 304 
TYR CD2 HD2  sing N N 305 
TYR CE1 CZ   doub Y N 306 
TYR CE1 HE1  sing N N 307 
TYR CE2 CZ   sing Y N 308 
TYR CE2 HE2  sing N N 309 
TYR CZ  OH   sing N N 310 
TYR OH  HH   sing N N 311 
TYR OXT HXT  sing N N 312 
VAL N   CA   sing N N 313 
VAL N   H    sing N N 314 
VAL N   H2   sing N N 315 
VAL CA  C    sing N N 316 
VAL CA  CB   sing N N 317 
VAL CA  HA   sing N N 318 
VAL C   O    doub N N 319 
VAL C   OXT  sing N N 320 
VAL CB  CG1  sing N N 321 
VAL CB  CG2  sing N N 322 
VAL CB  HB   sing N N 323 
VAL CG1 HG11 sing N N 324 
VAL CG1 HG12 sing N N 325 
VAL CG1 HG13 sing N N 326 
VAL CG2 HG21 sing N N 327 
VAL CG2 HG22 sing N N 328 
VAL CG2 HG23 sing N N 329 
VAL OXT HXT  sing N N 330 
# 
_pdbx_audit_support.funding_organization   'Austrian Science Fund' 
_pdbx_audit_support.country                Austria 
_pdbx_audit_support.grant_number           W_1213 
_pdbx_audit_support.ordinal                1 
# 
_pdbx_initial_refinement_model.id               1 
_pdbx_initial_refinement_model.entity_id_list   ? 
_pdbx_initial_refinement_model.type             'experimental model' 
_pdbx_initial_refinement_model.source_name      PDB 
_pdbx_initial_refinement_model.accession_code   2ALG 
_pdbx_initial_refinement_model.details          ? 
# 
_atom_sites.entry_id                    6FRR 
_atom_sites.fract_transf_matrix[1][1]   0.01438104 
_atom_sites.fract_transf_matrix[1][2]   -0.00991405 
_atom_sites.fract_transf_matrix[1][3]   -0.00777212 
_atom_sites.fract_transf_matrix[2][1]   0.01795594 
_atom_sites.fract_transf_matrix[2][2]   0.00306141 
_atom_sites.fract_transf_matrix[2][3]   0.00580603 
_atom_sites.fract_transf_matrix[3][1]   -0.00116642 
_atom_sites.fract_transf_matrix[3][2]   -0.00770481 
_atom_sites.fract_transf_matrix[3][3]   0.00766992 
_atom_sites.fract_transf_vector[1]      0.054525 
_atom_sites.fract_transf_vector[2]      -0.388078 
_atom_sites.fract_transf_vector[3]      0.051900 
# 
loop_
_atom_type.symbol 
C 
N 
O 
S 
# 
loop_
_atom_site.group_PDB 
_atom_site.id 
_atom_site.type_symbol 
_atom_site.label_atom_id 
_atom_site.label_alt_id 
_atom_site.label_comp_id 
_atom_site.label_asym_id 
_atom_site.label_entity_id 
_atom_site.label_seq_id 
_atom_site.pdbx_PDB_ins_code 
_atom_site.Cartn_x 
_atom_site.Cartn_y 
_atom_site.Cartn_z 
_atom_site.occupancy 
_atom_site.B_iso_or_equiv 
_atom_site.pdbx_formal_charge 
_atom_site.auth_seq_id 
_atom_site.auth_comp_id 
_atom_site.auth_asym_id 
_atom_site.auth_atom_id 
_atom_site.pdbx_PDB_model_num 
ATOM   1    N N   A MET A 1 1  ? -11.495 8.361   16.435  0.48 24.10 ? 1   MET A N   1 
ATOM   2    N N   B MET A 1 1  ? -11.504 8.352   16.374  0.52 24.09 ? 1   MET A N   1 
ATOM   3    C CA  A MET A 1 1  ? -10.431 9.279   16.829  0.48 24.98 ? 1   MET A CA  1 
ATOM   4    C CA  B MET A 1 1  ? -10.439 9.242   16.819  0.52 24.97 ? 1   MET A CA  1 
ATOM   5    C C   A MET A 1 1  ? -9.076  8.578   16.963  0.48 25.16 ? 1   MET A C   1 
ATOM   6    C C   B MET A 1 1  ? -9.085  8.529   16.903  0.52 25.16 ? 1   MET A C   1 
ATOM   7    O O   A MET A 1 1  ? -8.958  7.564   17.646  0.48 24.75 ? 1   MET A O   1 
ATOM   8    O O   B MET A 1 1  ? -8.978  7.452   17.482  0.52 24.81 ? 1   MET A O   1 
ATOM   9    C CB  A MET A 1 1  ? -10.781 9.966   18.150  0.48 28.07 ? 1   MET A CB  1 
ATOM   10   C CB  B MET A 1 1  ? -10.797 9.850   18.181  0.52 28.04 ? 1   MET A CB  1 
ATOM   11   C CG  A MET A 1 1  ? -9.633  10.775  18.736  0.48 27.50 ? 1   MET A CG  1 
ATOM   12   C CG  B MET A 1 1  ? -9.667  10.645  18.816  0.52 27.39 ? 1   MET A CG  1 
ATOM   13   S SD  A MET A 1 1  ? -10.037 11.584  20.285  0.48 39.13 ? 1   MET A SD  1 
ATOM   14   S SD  B MET A 1 1  ? -9.219  12.083  17.820  0.52 33.35 ? 1   MET A SD  1 
ATOM   15   C CE  A MET A 1 1  ? -11.376 12.658  19.766  0.48 33.87 ? 1   MET A CE  1 
ATOM   16   C CE  B MET A 1 1  ? -10.668 13.120  18.068  0.52 36.51 ? 1   MET A CE  1 
ATOM   17   N N   . ILE A 1 2  ? -8.060  9.137   16.313  1.00 24.05 ? 2   ILE A N   1 
ATOM   18   C CA  . ILE A 1 2  ? -6.682  8.669   16.423  1.00 21.88 ? 2   ILE A CA  1 
ATOM   19   C C   . ILE A 1 2  ? -5.810  9.896   16.635  1.00 27.14 ? 2   ILE A C   1 
ATOM   20   O O   . ILE A 1 2  ? -6.028  10.936  16.007  1.00 27.43 ? 2   ILE A O   1 
ATOM   21   C CB  . ILE A 1 2  ? -6.216  7.872   15.176  1.00 22.15 ? 2   ILE A CB  1 
ATOM   22   C CG1 . ILE A 1 2  ? -6.784  6.454   15.193  1.00 25.92 ? 2   ILE A CG1 1 
ATOM   23   C CG2 . ILE A 1 2  ? -4.698  7.738   15.142  1.00 24.31 ? 2   ILE A CG2 1 
ATOM   24   C CD1 . ILE A 1 2  ? -6.490  5.660   13.961  1.00 28.18 ? 2   ILE A CD1 1 
ATOM   25   N N   . LYS A 1 3  ? -4.848  9.789   17.542  1.00 20.13 ? 3   LYS A N   1 
ATOM   26   C CA  . LYS A 1 3  ? -3.860  10.830  17.766  1.00 18.23 ? 3   LYS A CA  1 
ATOM   27   C C   . LYS A 1 3  ? -2.475  10.273  17.479  1.00 23.85 ? 3   LYS A C   1 
ATOM   28   O O   . LYS A 1 3  ? -2.267  9.061   17.491  1.00 20.50 ? 3   LYS A O   1 
ATOM   29   C CB  . LYS A 1 3  ? -3.925  11.347  19.208  1.00 22.84 ? 3   LYS A CB  1 
ATOM   30   C CG  . LYS A 1 3  ? -5.300  11.846  19.608  1.00 27.77 ? 3   LYS A CG  1 
ATOM   31   C CD  . LYS A 1 3  ? -5.269  12.410  21.010  1.00 29.93 ? 3   LYS A CD  1 
ATOM   32   C CE  . LYS A 1 3  ? -6.627  12.950  21.418  1.00 46.23 ? 3   LYS A CE  1 
ATOM   33   N NZ  . LYS A 1 3  ? -6.679  13.210  22.885  1.00 50.67 ? 3   LYS A NZ  1 
ATOM   34   N N   . CYS A 1 4  ? -1.511  11.164  17.235  1.00 18.31 ? 4   CYS A N   1 
ATOM   35   C CA  . CYS A 1 4  ? -0.154  10.678  17.022  1.00 20.18 ? 4   CYS A CA  1 
ATOM   36   C C   . CYS A 1 4  ? 0.347   9.904   18.235  1.00 19.70 ? 4   CYS A C   1 
ATOM   37   O O   . CYS A 1 4  ? 1.175   8.995   18.094  1.00 18.05 ? 4   CYS A O   1 
ATOM   38   C CB  . CYS A 1 4  ? 0.790   11.838  16.698  1.00 24.82 ? 4   CYS A CB  1 
ATOM   39   S SG  . CYS A 1 4  ? 0.515   12.608  15.062  1.00 23.95 ? 4   CYS A SG  1 
ATOM   40   N N   . SER A 1 5  ? -0.153  10.233  19.429  1.00 19.42 ? 5   SER A N   1 
ATOM   41   C CA  . SER A 1 5  ? 0.218   9.461   20.611  1.00 24.92 ? 5   SER A CA  1 
ATOM   42   C C   . SER A 1 5  ? -0.224  8.001   20.481  1.00 22.79 ? 5   SER A C   1 
ATOM   43   O O   . SER A 1 5  ? 0.508   7.087   20.880  1.00 21.85 ? 5   SER A O   1 
ATOM   44   C CB  . SER A 1 5  ? -0.377  10.109  21.864  1.00 21.36 ? 5   SER A CB  1 
ATOM   45   O OG  . SER A 1 5  ? -1.773  10.238  21.733  1.00 24.06 ? 5   SER A OG  1 
ATOM   46   N N   . ASP A 1 6  ? -1.414  7.759   19.917  1.00 19.28 ? 6   ASP A N   1 
ATOM   47   C CA  . ASP A 1 6  ? -1.821  6.384   19.639  1.00 22.27 ? 6   ASP A CA  1 
ATOM   48   C C   . ASP A 1 6  ? -0.867  5.717   18.661  1.00 19.24 ? 6   ASP A C   1 
ATOM   49   O O   . ASP A 1 6  ? -0.531  4.537   18.817  1.00 19.59 ? 6   ASP A O   1 
ATOM   50   C CB  . ASP A 1 6  ? -3.231  6.321   19.048  1.00 18.31 ? 6   ASP A CB  1 
ATOM   51   C CG  . ASP A 1 6  ? -4.311  6.868   19.978  1.00 20.48 ? 6   ASP A CG  1 
ATOM   52   O OD1 . ASP A 1 6  ? -4.385  6.504   21.183  1.00 18.50 ? 6   ASP A OD1 1 
ATOM   53   O OD2 . ASP A 1 6  ? -5.108  7.662   19.458  1.00 18.11 ? 6   ASP A OD2 1 
ATOM   54   N N   . VAL A 1 7  ? -0.472  6.441   17.612  1.00 18.21 ? 7   VAL A N   1 
ATOM   55   C CA  . VAL A 1 7  ? 0.375   5.848   16.580  1.00 17.53 ? 7   VAL A CA  1 
ATOM   56   C C   . VAL A 1 7  ? 1.705   5.433   17.179  1.00 18.47 ? 7   VAL A C   1 
ATOM   57   O O   . VAL A 1 7  ? 2.189   4.319   16.937  1.00 17.32 ? 7   VAL A O   1 
ATOM   58   C CB  . VAL A 1 7  ? 0.548   6.830   15.397  1.00 17.69 ? 7   VAL A CB  1 
ATOM   59   C CG1 . VAL A 1 7  ? 1.545   6.303   14.392  1.00 17.33 ? 7   VAL A CG1 1 
ATOM   60   C CG2 . VAL A 1 7  ? -0.815  7.055   14.708  1.00 19.27 ? 7   VAL A CG2 1 
ATOM   61   N N   . SER A 1 8  ? 2.285   6.301   18.019  1.00 19.60 ? 8   SER A N   1 
ATOM   62   C CA  . SER A 1 8  ? 3.576   6.009   18.634  1.00 22.81 ? 8   SER A CA  1 
ATOM   63   C C   . SER A 1 8  ? 3.503   4.778   19.526  1.00 20.73 ? 8   SER A C   1 
ATOM   64   O O   . SER A 1 8  ? 4.443   3.977   19.554  1.00 20.50 ? 8   SER A O   1 
ATOM   65   C CB  . SER A 1 8  ? 4.070   7.209   19.445  1.00 24.27 ? 8   SER A CB  1 
ATOM   66   O OG  . SER A 1 8  ? 4.183   8.363   18.629  1.00 31.84 ? 8   SER A OG  1 
ATOM   67   N N   . ASN A 1 9  ? 2.403   4.624   20.276  1.00 17.61 ? 9   ASN A N   1 
ATOM   68   C CA  . ASN A 1 9  ? 2.219   3.432   21.106  1.00 17.61 ? 9   ASN A CA  1 
ATOM   69   C C   . ASN A 1 9  ? 2.225   2.168   20.256  1.00 20.71 ? 9   ASN A C   1 
ATOM   70   O O   . ASN A 1 9  ? 2.823   1.153   20.631  1.00 21.36 ? 9   ASN A O   1 
ATOM   71   C CB  . ASN A 1 9  ? 0.905   3.514   21.888  1.00 19.83 ? 9   ASN A CB  1 
ATOM   72   C CG  . ASN A 1 9  ? 0.876   4.656   22.908  1.00 26.08 ? 9   ASN A CG  1 
ATOM   73   O OD1 . ASN A 1 9  ? 1.916   5.116   23.380  1.00 21.10 ? 9   ASN A OD1 1 
ATOM   74   N ND2 . ASN A 1 9  ? -0.333  5.102   23.261  1.00 23.13 ? 9   ASN A ND2 1 
ATOM   75   N N   . LYS A 1 10 ? 1.535   2.207   19.121  1.00 16.56 ? 10  LYS A N   1 
ATOM   76   C CA  . LYS A 1 10 ? 1.406   1.022   18.281  1.00 20.62 ? 10  LYS A CA  1 
ATOM   77   C C   . LYS A 1 10 ? 2.713   0.680   17.584  1.00 19.45 ? 10  LYS A C   1 
ATOM   78   O O   . LYS A 1 10 ? 3.062   -0.499  17.455  1.00 18.72 ? 10  LYS A O   1 
ATOM   79   C CB  . LYS A 1 10 ? 0.303   1.250   17.251  1.00 22.14 ? 10  LYS A CB  1 
ATOM   80   C CG  . LYS A 1 10 ? -1.089  1.301   17.865  1.00 16.65 ? 10  LYS A CG  1 
ATOM   81   C CD  . LYS A 1 10 ? -1.535  -0.110  18.214  1.00 23.64 ? 10  LYS A CD  1 
ATOM   82   C CE  . LYS A 1 10 ? -2.974  -0.153  18.700  1.00 23.61 ? 10  LYS A CE  1 
ATOM   83   N NZ  . LYS A 1 10 ? -3.125  0.322   20.099  1.00 21.91 ? 10  LYS A NZ  1 
ATOM   84   N N   . ILE A 1 11 ? 3.437   1.692   17.102  1.00 15.12 ? 11  ILE A N   1 
ATOM   85   C CA  . ILE A 1 11 ? 4.617   1.435   16.282  1.00 20.89 ? 11  ILE A CA  1 
ATOM   86   C C   . ILE A 1 11 ? 5.882   1.285   17.120  1.00 18.64 ? 11  ILE A C   1 
ATOM   87   O O   . ILE A 1 11 ? 6.923   0.874   16.579  1.00 17.40 ? 11  ILE A O   1 
ATOM   88   C CB  . ILE A 1 11 ? 4.744   2.546   15.215  1.00 18.60 ? 11  ILE A CB  1 
ATOM   89   C CG1 . ILE A 1 11 ? 5.506   2.041   13.991  1.00 28.13 ? 11  ILE A CG1 1 
ATOM   90   C CG2 . ILE A 1 11 ? 5.322   3.835   15.803  1.00 17.25 ? 11  ILE A CG2 1 
ATOM   91   C CD1 . ILE A 1 11 ? 4.671   1.094   13.138  1.00 28.83 ? 11  ILE A CD1 1 
ATOM   92   N N   . SER A 1 12 ? 5.810   1.560   18.431  1.00 16.58 ? 12  SER A N   1 
ATOM   93   C CA  . SER A 1 12 ? 6.983   1.500   19.306  1.00 16.68 ? 12  SER A CA  1 
ATOM   94   C C   . SER A 1 12 ? 7.758   0.192   19.133  1.00 19.25 ? 12  SER A C   1 
ATOM   95   O O   . SER A 1 12 ? 8.984   0.196   18.977  1.00 18.82 ? 12  SER A O   1 
ATOM   96   C CB  . SER A 1 12 ? 6.533   1.662   20.764  1.00 21.42 ? 12  SER A CB  1 
ATOM   97   O OG  . SER A 1 12 ? 7.644   1.754   21.640  1.00 30.57 ? 12  SER A OG  1 
ATOM   98   N N   . ALA A 1 13 ? 7.049   -0.940  19.131  1.00 17.35 ? 13  ALA A N   1 
ATOM   99   C CA  . ALA A 1 13 ? 7.685   -2.248  19.013  1.00 19.02 ? 13  ALA A CA  1 
ATOM   100  C C   . ALA A 1 13 ? 8.385   -2.462  17.671  1.00 18.34 ? 13  ALA A C   1 
ATOM   101  O O   . ALA A 1 13 ? 9.175   -3.403  17.548  1.00 17.25 ? 13  ALA A O   1 
ATOM   102  C CB  . ALA A 1 13 ? 6.641   -3.341  19.236  1.00 20.29 ? 13  ALA A CB  1 
ATOM   103  N N   . CYS A 1 14 ? 8.117   -1.620  16.674  1.00 15.76 ? 14  CYS A N   1 
ATOM   104  C CA  . CYS A 1 14 ? 8.642   -1.785  15.323  1.00 19.80 ? 14  CYS A CA  1 
ATOM   105  C C   . CYS A 1 14 ? 9.878   -0.942  15.034  1.00 17.69 ? 14  CYS A C   1 
ATOM   106  O O   . CYS A 1 14 ? 10.519  -1.163  13.999  1.00 13.65 ? 14  CYS A O   1 
ATOM   107  C CB  . CYS A 1 14 ? 7.570   -1.412  14.298  1.00 14.57 ? 14  CYS A CB  1 
ATOM   108  S SG  . CYS A 1 14 ? 6.095   -2.425  14.389  1.00 16.82 ? 14  CYS A SG  1 
ATOM   109  N N   . LEU A 1 15 ? 10.184  0.043   15.888  1.00 14.74 ? 15  LEU A N   1 
ATOM   110  C CA  . LEU A 1 15 ? 11.143  1.086   15.525  1.00 16.36 ? 15  LEU A CA  1 
ATOM   111  C C   . LEU A 1 15 ? 12.518  0.508   15.207  1.00 15.81 ? 15  LEU A C   1 
ATOM   112  O O   . LEU A 1 15 ? 13.164  0.924   14.240  1.00 18.09 ? 15  LEU A O   1 
ATOM   113  C CB  . LEU A 1 15 ? 11.240  2.118   16.653  1.00 20.49 ? 15  LEU A CB  1 
ATOM   114  C CG  . LEU A 1 15 ? 9.948   2.901   16.964  1.00 19.48 ? 15  LEU A CG  1 
ATOM   115  C CD1 . LEU A 1 15 ? 10.165  3.886   18.115  1.00 23.80 ? 15  LEU A CD1 1 
ATOM   116  C CD2 . LEU A 1 15 ? 9.479   3.626   15.723  1.00 20.82 ? 15  LEU A CD2 1 
ATOM   117  N N   . SER A 1 16 ? 12.987  -0.458  15.994  1.00 15.15 ? 16  SER A N   1 
ATOM   118  C CA  . SER A 1 16 ? 14.342  -0.955  15.758  1.00 14.96 ? 16  SER A CA  1 
ATOM   119  C C   . SER A 1 16 ? 14.401  -1.782  14.486  1.00 15.48 ? 16  SER A C   1 
ATOM   120  O O   . SER A 1 16 ? 15.375  -1.683  13.729  1.00 13.88 ? 16  SER A O   1 
ATOM   121  C CB  . SER A 1 16 ? 14.842  -1.743  16.966  1.00 14.97 ? 16  SER A CB  1 
ATOM   122  O OG  . SER A 1 16 ? 15.023  -0.835  18.058  1.00 20.37 ? 16  SER A OG  1 
ATOM   123  N N   . TYR A 1 17 ? 13.341  -2.552  14.196  1.00 18.49 ? 17  TYR A N   1 
ATOM   124  C CA  . TYR A 1 17 ? 13.271  -3.229  12.901  1.00 12.23 ? 17  TYR A CA  1 
ATOM   125  C C   . TYR A 1 17 ? 13.225  -2.220  11.759  1.00 14.78 ? 17  TYR A C   1 
ATOM   126  O O   . TYR A 1 17 ? 13.815  -2.445  10.693  1.00 15.56 ? 17  TYR A O   1 
ATOM   127  C CB  . TYR A 1 17 ? 12.039  -4.154  12.820  1.00 18.56 ? 17  TYR A CB  1 
ATOM   128  C CG  . TYR A 1 17 ? 11.801  -4.635  11.391  1.00 16.96 ? 17  TYR A CG  1 
ATOM   129  C CD1 . TYR A 1 17 ? 12.518  -5.716  10.884  1.00 17.43 ? 17  TYR A CD1 1 
ATOM   130  C CD2 . TYR A 1 17 ? 10.916  -3.967  10.534  1.00 17.81 ? 17  TYR A CD2 1 
ATOM   131  C CE1 . TYR A 1 17 ? 12.354  -6.149  9.577   1.00 16.99 ? 17  TYR A CE1 1 
ATOM   132  C CE2 . TYR A 1 17 ? 10.739  -4.391  9.219   1.00 15.55 ? 17  TYR A CE2 1 
ATOM   133  C CZ  . TYR A 1 17 ? 11.464  -5.495  8.754   1.00 21.76 ? 17  TYR A CZ  1 
ATOM   134  O OH  . TYR A 1 17 ? 11.318  -5.946  7.459   1.00 25.54 ? 17  TYR A OH  1 
ATOM   135  N N   . LEU A 1 18 ? 12.501  -1.110  11.946  1.00 14.49 ? 18  LEU A N   1 
ATOM   136  C CA  . LEU A 1 18 ? 12.382  -0.140  10.862  1.00 14.94 ? 18  LEU A CA  1 
ATOM   137  C C   . LEU A 1 18 ? 13.725  0.508   10.546  1.00 19.43 ? 18  LEU A C   1 
ATOM   138  O O   . LEU A 1 18 ? 13.943  0.950   9.410   1.00 18.72 ? 18  LEU A O   1 
ATOM   139  C CB  . LEU A 1 18 ? 11.314  0.911   11.220  1.00 14.97 ? 18  LEU A CB  1 
ATOM   140  C CG  . LEU A 1 18 ? 9.873   0.355   11.181  1.00 11.58 ? 18  LEU A CG  1 
ATOM   141  C CD1 . LEU A 1 18 ? 8.844   1.344   11.793  1.00 14.43 ? 18  LEU A CD1 1 
ATOM   142  C CD2 . LEU A 1 18 ? 9.478   -0.036  9.744   1.00 17.29 ? 18  LEU A CD2 1 
ATOM   143  N N   . LYS A 1 19 ? 14.647  0.525   11.511  1.00 16.08 ? 19  LYS A N   1 
ATOM   144  C CA  . LYS A 1 19 ? 15.995  1.042   11.306  1.00 12.92 ? 19  LYS A CA  1 
ATOM   145  C C   . LYS A 1 19 ? 16.992  -0.032  10.861  1.00 16.19 ? 19  LYS A C   1 
ATOM   146  O O   . LYS A 1 19 ? 17.859  0.235   10.018  1.00 17.58 ? 19  LYS A O   1 
ATOM   147  C CB  . LYS A 1 19 ? 16.502  1.681   12.607  1.00 17.46 ? 19  LYS A CB  1 
ATOM   148  C CG  . LYS A 1 19 ? 15.809  2.955   13.004  1.00 17.31 ? 19  LYS A CG  1 
ATOM   149  C CD  . LYS A 1 19 ? 16.247  3.398   14.402  1.00 17.41 ? 19  LYS A CD  1 
ATOM   150  C CE  . LYS A 1 19 ? 15.459  4.607   14.896  1.00 27.27 ? 19  LYS A CE  1 
ATOM   151  N NZ  . LYS A 1 19 ? 15.879  4.994   16.285  1.00 23.71 ? 19  LYS A NZ  1 
ATOM   152  N N   . GLN A 1 20 ? 16.918  -1.235  11.430  1.00 13.39 ? 20  GLN A N   1 
ATOM   153  C CA  . GLN A 1 20 ? 17.967  -2.228  11.239  1.00 14.29 ? 20  GLN A CA  1 
ATOM   154  C C   . GLN A 1 20 ? 17.520  -3.496  10.527  1.00 19.27 ? 20  GLN A C   1 
ATOM   155  O O   . GLN A 1 20 ? 18.383  -4.313  10.179  1.00 16.19 ? 20  GLN A O   1 
ATOM   156  C CB  . GLN A 1 20 ? 18.595  -2.624  12.589  1.00 12.07 ? 20  GLN A CB  1 
ATOM   157  C CG  . GLN A 1 20 ? 19.331  -1.465  13.308  1.00 15.14 ? 20  GLN A CG  1 
ATOM   158  C CD  . GLN A 1 20 ? 20.593  -1.028  12.562  1.00 18.06 ? 20  GLN A CD  1 
ATOM   159  O OE1 . GLN A 1 20 ? 20.770  0.153   12.240  1.00 19.14 ? 20  GLN A OE1 1 
ATOM   160  N NE2 . GLN A 1 20 ? 21.467  -1.978  12.275  1.00 12.82 ? 20  GLN A NE2 1 
ATOM   161  N N   . GLY A 1 21 ? 16.217  -3.705  10.317  1.00 18.00 ? 21  GLY A N   1 
ATOM   162  C CA  . GLY A 1 21 ? 15.786  -4.904  9.610   1.00 18.42 ? 21  GLY A CA  1 
ATOM   163  C C   . GLY A 1 21 ? 15.839  -6.152  10.482  1.00 16.36 ? 21  GLY A C   1 
ATOM   164  O O   . GLY A 1 21 ? 15.607  -6.107  11.690  1.00 15.80 ? 21  GLY A O   1 
ATOM   165  N N   . GLY A 1 22 ? 16.122  -7.288  9.849   1.00 15.97 ? 22  GLY A N   1 
ATOM   166  C CA  . GLY A 1 22 ? 16.204  -8.537  10.591  1.00 18.50 ? 22  GLY A CA  1 
ATOM   167  C C   . GLY A 1 22 ? 14.840  -9.154  10.877  1.00 19.38 ? 22  GLY A C   1 
ATOM   168  O O   . GLY A 1 22 ? 13.916  -9.068  10.070  1.00 17.08 ? 22  GLY A O   1 
ATOM   169  N N   . GLU A 1 23 ? 14.724  -9.800  12.048  1.00 14.24 ? 23  GLU A N   1 
ATOM   170  C CA  . GLU A 1 23 ? 13.499  -10.506 12.422  1.00 13.76 ? 23  GLU A CA  1 
ATOM   171  C C   . GLU A 1 23 ? 12.463  -9.522  12.960  1.00 16.48 ? 23  GLU A C   1 
ATOM   172  O O   . GLU A 1 23 ? 12.713  -8.840  13.958  1.00 14.42 ? 23  GLU A O   1 
ATOM   173  C CB  . GLU A 1 23 ? 13.790  -11.579 13.481  1.00 14.06 ? 23  GLU A CB  1 
ATOM   174  C CG  . GLU A 1 23 ? 12.499  -12.134 14.115  1.00 16.47 ? 23  GLU A CG  1 
ATOM   175  C CD  . GLU A 1 23 ? 12.733  -13.306 15.080  1.00 19.80 ? 23  GLU A CD  1 
ATOM   176  O OE1 . GLU A 1 23 ? 11.782  -13.657 15.802  1.00 20.44 ? 23  GLU A OE1 1 
ATOM   177  O OE2 . GLU A 1 23 ? 13.845  -13.887 15.093  1.00 20.46 ? 23  GLU A OE2 1 
ATOM   178  N N   . VAL A 1 24 ? 11.287  -9.470  12.330  1.00 14.11 ? 24  VAL A N   1 
ATOM   179  C CA  . VAL A 1 24 ? 10.204  -8.635  12.857  1.00 13.84 ? 24  VAL A CA  1 
ATOM   180  C C   . VAL A 1 24 ? 9.689   -9.233  14.163  1.00 13.76 ? 24  VAL A C   1 
ATOM   181  O O   . VAL A 1 24 ? 9.250   -10.394 14.181  1.00 16.88 ? 24  VAL A O   1 
ATOM   182  C CB  . VAL A 1 24 ? 9.054   -8.498  11.847  1.00 15.20 ? 24  VAL A CB  1 
ATOM   183  C CG1 . VAL A 1 24 ? 7.930   -7.652  12.432  1.00 11.99 ? 24  VAL A CG1 1 
ATOM   184  C CG2 . VAL A 1 24 ? 9.562   -7.892  10.552  1.00 15.81 ? 24  VAL A CG2 1 
ATOM   185  N N   . PRO A 1 25 ? 9.694   -8.491  15.265  1.00 18.45 ? 25  PRO A N   1 
ATOM   186  C CA  . PRO A 1 25 ? 9.157   -9.043  16.515  1.00 14.97 ? 25  PRO A CA  1 
ATOM   187  C C   . PRO A 1 25 ? 7.647   -9.200  16.455  1.00 16.30 ? 25  PRO A C   1 
ATOM   188  O O   . PRO A 1 25 ? 6.940   -8.415  15.814  1.00 14.62 ? 25  PRO A O   1 
ATOM   189  C CB  . PRO A 1 25 ? 9.558   -8.004  17.572  1.00 18.04 ? 25  PRO A CB  1 
ATOM   190  C CG  . PRO A 1 25 ? 10.626  -7.140  16.901  1.00 19.70 ? 25  PRO A CG  1 
ATOM   191  C CD  . PRO A 1 25 ? 10.277  -7.151  15.454  1.00 17.65 ? 25  PRO A CD  1 
ATOM   192  N N   . ALA A 1 26 ? 7.159   -10.239 17.144  1.00 14.88 ? 26  ALA A N   1 
ATOM   193  C CA  . ALA A 1 26 ? 5.721   -10.492 17.199  1.00 19.91 ? 26  ALA A CA  1 
ATOM   194  C C   . ALA A 1 26 ? 4.964   -9.265  17.679  1.00 18.79 ? 26  ALA A C   1 
ATOM   195  O O   . ALA A 1 26 ? 3.897   -8.935  17.148  1.00 17.43 ? 26  ALA A O   1 
ATOM   196  C CB  . ALA A 1 26 ? 5.431   -11.684 18.118  1.00 21.57 ? 26  ALA A CB  1 
ATOM   197  N N   . ASP A 1 27 ? 5.512   -8.567  18.679  1.00 19.17 ? 27  ASP A N   1 
ATOM   198  C CA  . ASP A 1 27 ? 4.855   -7.380  19.212  1.00 20.81 ? 27  ASP A CA  1 
ATOM   199  C C   . ASP A 1 27 ? 4.757   -6.274  18.170  1.00 20.63 ? 27  ASP A C   1 
ATOM   200  O O   . ASP A 1 27 ? 3.825   -5.454  18.219  1.00 15.47 ? 27  ASP A O   1 
ATOM   201  C CB  . ASP A 1 27 ? 5.606   -6.883  20.442  1.00 15.05 ? 27  ASP A CB  1 
ATOM   202  C CG  . ASP A 1 27 ? 5.389   -7.775  21.657  1.00 23.61 ? 27  ASP A CG  1 
ATOM   203  O OD1 . ASP A 1 27 ? 4.707   -8.811  21.525  1.00 25.46 ? 27  ASP A OD1 1 
ATOM   204  O OD2 . ASP A 1 27 ? 5.911   -7.437  22.730  1.00 22.89 ? 27  ASP A OD2 1 
ATOM   205  N N   . CYS A 1 28 ? 5.704   -6.227  17.226  1.00 18.68 ? 28  CYS A N   1 
ATOM   206  C CA  . CYS A 1 28 ? 5.588   -5.272  16.126  1.00 20.17 ? 28  CYS A CA  1 
ATOM   207  C C   . CYS A 1 28 ? 4.365   -5.585  15.270  1.00 19.10 ? 28  CYS A C   1 
ATOM   208  O O   . CYS A 1 28 ? 3.561   -4.696  14.983  1.00 15.48 ? 28  CYS A O   1 
ATOM   209  C CB  . CYS A 1 28 ? 6.863   -5.252  15.270  1.00 13.49 ? 28  CYS A CB  1 
ATOM   210  S SG  . CYS A 1 28 ? 6.746   -4.259  13.739  1.00 16.12 ? 28  CYS A SG  1 
ATOM   211  N N   . CYS A 1 29 ? 4.205   -6.845  14.848  1.00 16.38 ? 29  CYS A N   1 
ATOM   212  C CA  . CYS A 1 29 ? 3.018   -7.208  14.075  1.00 17.52 ? 29  CYS A CA  1 
ATOM   213  C C   . CYS A 1 29 ? 1.735   -6.905  14.841  1.00 18.57 ? 29  CYS A C   1 
ATOM   214  O O   . CYS A 1 29 ? 0.721   -6.517  14.243  1.00 19.02 ? 29  CYS A O   1 
ATOM   215  C CB  . CYS A 1 29 ? 3.062   -8.686  13.687  1.00 16.03 ? 29  CYS A CB  1 
ATOM   216  S SG  . CYS A 1 29 ? 4.381   -9.054  12.499  1.00 18.24 ? 29  CYS A SG  1 
ATOM   217  N N   . THR A 1 30 ? 1.747   -7.105  16.161  1.00 19.02 ? 30  THR A N   1 
ATOM   218  C CA  . THR A 1 30 ? 0.563   -6.786  16.958  1.00 20.46 ? 30  THR A CA  1 
ATOM   219  C C   . THR A 1 30 ? 0.206   -5.303  16.842  1.00 20.48 ? 30  THR A C   1 
ATOM   220  O O   . THR A 1 30 ? -0.970  -4.947  16.713  1.00 16.04 ? 30  THR A O   1 
ATOM   221  C CB  . THR A 1 30 ? 0.795   -7.199  18.418  1.00 25.73 ? 30  THR A CB  1 
ATOM   222  O OG1 . THR A 1 30 ? 0.937   -8.632  18.494  1.00 18.54 ? 30  THR A OG1 1 
ATOM   223  C CG2 . THR A 1 30 ? -0.376  -6.757  19.325  1.00 23.96 ? 30  THR A CG2 1 
ATOM   224  N N   . GLY A 1 31 ? 1.211   -4.428  16.859  1.00 19.39 ? 31  GLY A N   1 
ATOM   225  C CA  . GLY A 1 31 ? 0.945   -2.999  16.740  1.00 14.21 ? 31  GLY A CA  1 
ATOM   226  C C   . GLY A 1 31 ? 0.473   -2.598  15.354  1.00 16.15 ? 31  GLY A C   1 
ATOM   227  O O   . GLY A 1 31 ? -0.389  -1.729  15.214  1.00 19.18 ? 31  GLY A O   1 
ATOM   228  N N   . VAL A 1 32 ? 1.055   -3.197  14.310  1.00 17.12 ? 32  VAL A N   1 
ATOM   229  C CA  . VAL A 1 32 ? 0.632   -2.903  12.941  1.00 15.35 ? 32  VAL A CA  1 
ATOM   230  C C   . VAL A 1 32 ? -0.834  -3.284  12.752  1.00 18.33 ? 32  VAL A C   1 
ATOM   231  O O   . VAL A 1 32 ? -1.635  -2.513  12.204  1.00 18.29 ? 32  VAL A O   1 
ATOM   232  C CB  . VAL A 1 32 ? 1.528   -3.650  11.934  1.00 17.68 ? 32  VAL A CB  1 
ATOM   233  C CG1 . VAL A 1 32 ? 0.936   -3.585  10.529  1.00 17.87 ? 32  VAL A CG1 1 
ATOM   234  C CG2 . VAL A 1 32 ? 2.947   -3.110  11.941  1.00 18.25 ? 32  VAL A CG2 1 
ATOM   235  N N   . LYS A 1 33 ? -1.195  -4.501  13.175  1.00 18.16 ? 33  LYS A N   1 
ATOM   236  C CA  . LYS A 1 33 ? -2.578  -4.962  13.050  1.00 17.83 ? 33  LYS A CA  1 
ATOM   237  C C   . LYS A 1 33 ? -3.510  -4.123  13.903  1.00 21.46 ? 33  LYS A C   1 
ATOM   238  O O   . LYS A 1 33 ? -4.621  -3.793  13.477  1.00 20.55 ? 33  LYS A O   1 
ATOM   239  C CB  . LYS A 1 33 ? -2.692  -6.432  13.451  1.00 20.40 ? 33  LYS A CB  1 
ATOM   240  C CG  . LYS A 1 33 ? -1.966  -7.405  12.514  1.00 26.00 ? 33  LYS A CG  1 
ATOM   241  C CD  . LYS A 1 33 ? -2.142  -8.849  12.986  1.00 35.14 ? 33  LYS A CD  1 
ATOM   242  C CE  . LYS A 1 33 ? -1.552  -9.853  11.995  1.00 40.25 ? 33  LYS A CE  1 
ATOM   243  N NZ  . LYS A 1 33 ? -2.169  -9.731  10.642  1.00 41.55 ? 33  LYS A NZ  1 
ATOM   244  N N   . GLY A 1 34 ? -3.069  -3.760  15.110  1.00 15.58 ? 34  GLY A N   1 
ATOM   245  C CA  . GLY A 1 34 ? -3.916  -2.976  15.991  1.00 17.30 ? 34  GLY A CA  1 
ATOM   246  C C   . GLY A 1 34 ? -4.161  -1.580  15.457  1.00 19.82 ? 34  GLY A C   1 
ATOM   247  O O   . GLY A 1 34 ? -5.267  -1.044  15.582  1.00 19.04 ? 34  GLY A O   1 
ATOM   248  N N   . LEU A 1 35 ? -3.136  -0.974  14.844  1.00 14.23 ? 35  LEU A N   1 
ATOM   249  C CA  . LEU A 1 35 ? -3.316  0.337   14.233  1.00 16.25 ? 35  LEU A CA  1 
ATOM   250  C C   . LEU A 1 35 ? -4.308  0.272   13.080  1.00 20.80 ? 35  LEU A C   1 
ATOM   251  O O   . LEU A 1 35 ? -5.183  1.140   12.951  1.00 18.68 ? 35  LEU A O   1 
ATOM   252  C CB  . LEU A 1 35 ? -1.965  0.888   13.760  1.00 23.44 ? 35  LEU A CB  1 
ATOM   253  C CG  . LEU A 1 35 ? -1.933  2.343   13.280  1.00 26.53 ? 35  LEU A CG  1 
ATOM   254  C CD1 . LEU A 1 35 ? -2.582  3.289   14.302  1.00 20.74 ? 35  LEU A CD1 1 
ATOM   255  C CD2 . LEU A 1 35 ? -0.510  2.780   13.002  1.00 25.80 ? 35  LEU A CD2 1 
ATOM   256  N N   A ASN A 1 36 ? -4.208  -0.760  12.241  0.48 20.44 ? 36  ASN A N   1 
ATOM   257  N N   B ASN A 1 36 ? -4.179  -0.742  12.218  0.52 20.43 ? 36  ASN A N   1 
ATOM   258  C CA  A ASN A 1 36 ? -5.157  -0.894  11.141  0.48 23.01 ? 36  ASN A CA  1 
ATOM   259  C CA  B ASN A 1 36 ? -5.157  -0.923  11.149  0.52 23.01 ? 36  ASN A CA  1 
ATOM   260  C C   A ASN A 1 36 ? -6.569  -1.175  11.651  0.48 24.39 ? 36  ASN A C   1 
ATOM   261  C C   B ASN A 1 36 ? -6.557  -1.097  11.713  0.52 24.41 ? 36  ASN A C   1 
ATOM   262  O O   A ASN A 1 36 ? -7.546  -0.692  11.066  0.48 22.99 ? 36  ASN A O   1 
ATOM   263  O O   B ASN A 1 36 ? -7.509  -0.479  11.223  0.52 22.89 ? 36  ASN A O   1 
ATOM   264  C CB  A ASN A 1 36 ? -4.692  -1.987  10.178  0.48 23.99 ? 36  ASN A CB  1 
ATOM   265  C CB  B ASN A 1 36 ? -4.806  -2.128  10.279  0.52 23.99 ? 36  ASN A CB  1 
ATOM   266  C CG  A ASN A 1 36 ? -3.603  -1.506  9.226   0.48 24.46 ? 36  ASN A CG  1 
ATOM   267  C CG  B ASN A 1 36 ? -5.899  -2.442  9.261   0.52 26.60 ? 36  ASN A CG  1 
ATOM   268  O OD1 A ASN A 1 36 ? -3.875  -1.138  8.083   0.48 26.40 ? 36  ASN A OD1 1 
ATOM   269  O OD1 B ASN A 1 36 ? -6.337  -1.560  8.525   0.52 26.76 ? 36  ASN A OD1 1 
ATOM   270  N ND2 A ASN A 1 36 ? -2.362  -1.510  9.697   0.48 24.05 ? 36  ASN A ND2 1 
ATOM   271  N ND2 B ASN A 1 36 ? -6.351  -3.695  9.230   0.52 25.83 ? 36  ASN A ND2 1 
ATOM   272  N N   . ASP A 1 37 ? -6.700  -1.941  12.743  1.00 19.52 ? 37  ASP A N   1 
ATOM   273  C CA  . ASP A 1 37 ? -8.022  -2.209  13.313  1.00 19.22 ? 37  ASP A CA  1 
ATOM   274  C C   . ASP A 1 37 ? -8.697  -0.928  13.791  1.00 21.91 ? 37  ASP A C   1 
ATOM   275  O O   . ASP A 1 37 ? -9.930  -0.826  13.755  1.00 21.24 ? 37  ASP A O   1 
ATOM   276  C CB  . ASP A 1 37 ? -7.931  -3.181  14.502  1.00 21.79 ? 37  ASP A CB  1 
ATOM   277  C CG  . ASP A 1 37 ? -7.661  -4.648  14.091  1.00 30.98 ? 37  ASP A CG  1 
ATOM   278  O OD1 . ASP A 1 37 ? -7.824  -5.027  12.915  1.00 20.88 ? 37  ASP A OD1 1 
ATOM   279  O OD2 . ASP A 1 37 ? -7.298  -5.439  14.988  1.00 31.01 ? 37  ASP A OD2 1 
ATOM   280  N N   . ALA A 1 38 ? -7.912  0.047   14.259  1.00 20.32 ? 38  ALA A N   1 
ATOM   281  C CA  . ALA A 1 38 ? -8.419  1.283   14.846  1.00 21.77 ? 38  ALA A CA  1 
ATOM   282  C C   . ALA A 1 38 ? -8.581  2.429   13.847  1.00 24.98 ? 38  ALA A C   1 
ATOM   283  O O   . ALA A 1 38 ? -9.176  3.451   14.195  1.00 26.44 ? 38  ALA A O   1 
ATOM   284  C CB  . ALA A 1 38 ? -7.490  1.750   15.970  1.00 23.60 ? 38  ALA A CB  1 
ATOM   285  N N   . ALA A 1 39 ? -8.076  2.287   12.627  1.00 20.87 ? 39  ALA A N   1 
ATOM   286  C CA  . ALA A 1 39 ? -8.147  3.340   11.617  1.00 25.80 ? 39  ALA A CA  1 
ATOM   287  C C   . ALA A 1 39 ? -9.274  2.963   10.660  1.00 26.16 ? 39  ALA A C   1 
ATOM   288  O O   . ALA A 1 39 ? -9.066  2.275   9.663   1.00 27.29 ? 39  ALA A O   1 
ATOM   289  C CB  . ALA A 1 39 ? -6.809  3.498   10.906  1.00 29.50 ? 39  ALA A CB  1 
ATOM   290  N N   . LYS A 1 40 ? -10.484 3.415   10.984  1.00 23.73 ? 40  LYS A N   1 
ATOM   291  C CA  . LYS A 1 40 ? -11.685 2.973   10.296  1.00 25.69 ? 40  LYS A CA  1 
ATOM   292  C C   . LYS A 1 40 ? -12.378 4.072   9.508   1.00 29.70 ? 40  LYS A C   1 
ATOM   293  O O   . LYS A 1 40 ? -13.358 3.782   8.815   1.00 32.86 ? 40  LYS A O   1 
ATOM   294  C CB  . LYS A 1 40 ? -12.678 2.377   11.304  1.00 30.47 ? 40  LYS A CB  1 
ATOM   295  C CG  . LYS A 1 40 ? -12.193 1.075   11.903  1.00 33.11 ? 40  LYS A CG  1 
ATOM   296  C CD  . LYS A 1 40 ? -12.263 1.092   13.427  1.00 38.83 ? 40  LYS A CD  1 
ATOM   297  C CE  . LYS A 1 40 ? -13.622 1.482   13.926  1.00 36.06 ? 40  LYS A CE  1 
ATOM   298  N NZ  . LYS A 1 40 ? -14.631 0.451   13.529  1.00 41.75 ? 40  LYS A NZ  1 
ATOM   299  N N   . THR A 1 41 ? -11.921 5.317   9.610   1.00 30.15 ? 41  THR A N   1 
ATOM   300  C CA  . THR A 1 41 ? -12.490 6.417   8.849   1.00 28.93 ? 41  THR A CA  1 
ATOM   301  C C   . THR A 1 41 ? -11.391 7.095   8.050   1.00 28.99 ? 41  THR A C   1 
ATOM   302  O O   . THR A 1 41 ? -10.213 7.036   8.404   1.00 29.00 ? 41  THR A O   1 
ATOM   303  C CB  . THR A 1 41 ? -13.179 7.447   9.754   1.00 27.10 ? 41  THR A CB  1 
ATOM   304  O OG1 . THR A 1 41 ? -12.203 8.139   10.535  1.00 25.12 ? 41  THR A OG1 1 
ATOM   305  C CG2 . THR A 1 41 ? -14.183 6.770   10.673  1.00 27.53 ? 41  THR A CG2 1 
ATOM   306  N N   . THR A 1 42 ? -11.788 7.743   6.959   1.00 25.94 ? 42  THR A N   1 
ATOM   307  C CA  . THR A 1 42 ? -10.803 8.472   6.165   1.00 29.19 ? 42  THR A CA  1 
ATOM   308  C C   . THR A 1 42 ? -10.026 9.489   6.996   1.00 22.28 ? 42  THR A C   1 
ATOM   309  O O   . THR A 1 42 ? -8.783  9.507   6.899   1.00 24.61 ? 42  THR A O   1 
ATOM   310  C CB  . THR A 1 42 ? -11.485 9.101   4.943   1.00 30.79 ? 42  THR A CB  1 
ATOM   311  O OG1 . THR A 1 42 ? -11.934 8.049   4.076   1.00 29.63 ? 42  THR A OG1 1 
ATOM   312  C CG2 . THR A 1 42 ? -10.497 9.971   4.175   1.00 30.98 ? 42  THR A CG2 1 
ATOM   313  N N   . PRO A 1 43 ? -10.647 10.321  7.842   1.00 29.43 ? 43  PRO A N   1 
ATOM   314  C CA  . PRO A 1 43 ? -9.831  11.259  8.635   1.00 30.42 ? 43  PRO A CA  1 
ATOM   315  C C   . PRO A 1 43 ? -8.820  10.567  9.534   1.00 25.93 ? 43  PRO A C   1 
ATOM   316  O O   . PRO A 1 43 ? -7.667  11.010  9.611   1.00 26.57 ? 43  PRO A O   1 
ATOM   317  C CB  . PRO A 1 43 ? -10.878 12.030  9.450   1.00 25.74 ? 43  PRO A CB  1 
ATOM   318  C CG  . PRO A 1 43 ? -12.116 11.923  8.657   1.00 33.73 ? 43  PRO A CG  1 
ATOM   319  C CD  . PRO A 1 43 ? -12.088 10.553  8.061   1.00 29.35 ? 43  PRO A CD  1 
ATOM   320  N N   . ASP A 1 44 ? -9.227  9.504   10.227  1.00 22.76 ? 44  ASP A N   1 
ATOM   321  C CA  . ASP A 1 44 ? -8.328  8.823   11.158  1.00 23.47 ? 44  ASP A CA  1 
ATOM   322  C C   . ASP A 1 44 ? -7.152  8.181   10.432  1.00 21.81 ? 44  ASP A C   1 
ATOM   323  O O   . ASP A 1 44 ? -6.019  8.220   10.925  1.00 23.15 ? 44  ASP A O   1 
ATOM   324  C CB  . ASP A 1 44 ? -9.097  7.770   11.959  1.00 21.21 ? 44  ASP A CB  1 
ATOM   325  C CG  . ASP A 1 44 ? -9.858  8.367   13.126  1.00 29.33 ? 44  ASP A CG  1 
ATOM   326  O OD1 . ASP A 1 44 ? -9.703  9.590   13.366  1.00 25.27 ? 44  ASP A OD1 1 
ATOM   327  O OD2 . ASP A 1 44 ? -10.581 7.605   13.814  1.00 25.41 ? 44  ASP A OD2 1 
ATOM   328  N N   . ARG A 1 45 ? -7.404  7.578   9.267   1.00 22.18 ? 45  ARG A N   1 
ATOM   329  C CA  . ARG A 1 45 ? -6.324  7.009   8.465   1.00 20.81 ? 45  ARG A CA  1 
ATOM   330  C C   . ARG A 1 45 ? -5.359  8.087   7.985   1.00 20.81 ? 45  ARG A C   1 
ATOM   331  O O   . ARG A 1 45 ? -4.141  7.875   7.960   1.00 21.28 ? 45  ARG A O   1 
ATOM   332  C CB  . ARG A 1 45 ? -6.913  6.250   7.276   1.00 21.17 ? 45  ARG A CB  1 
ATOM   333  C CG  . ARG A 1 45 ? -7.815  5.102   7.678   1.00 27.09 ? 45  ARG A CG  1 
ATOM   334  C CD  . ARG A 1 45 ? -8.666  4.669   6.518   1.00 26.44 ? 45  ARG A CD  1 
ATOM   335  N NE  . ARG A 1 45 ? -9.404  3.458   6.842   1.00 32.85 ? 45  ARG A NE  1 
ATOM   336  C CZ  . ARG A 1 45 ? -10.471 3.043   6.171   1.00 34.89 ? 45  ARG A CZ  1 
ATOM   337  N NH1 . ARG A 1 45 ? -10.917 3.755   5.137   1.00 31.87 ? 45  ARG A NH1 1 
ATOM   338  N NH2 . ARG A 1 45 ? -11.087 1.926   6.535   1.00 35.38 ? 45  ARG A NH2 1 
ATOM   339  N N   . GLN A 1 46 ? -5.879  9.248   7.578   1.00 21.95 ? 46  GLN A N   1 
ATOM   340  C CA  . GLN A 1 46 ? -4.986  10.317  7.137   1.00 22.37 ? 46  GLN A CA  1 
ATOM   341  C C   . GLN A 1 46 ? -4.175  10.860  8.305   1.00 19.63 ? 46  GLN A C   1 
ATOM   342  O O   . GLN A 1 46 ? -2.975  11.139  8.157   1.00 19.80 ? 46  GLN A O   1 
ATOM   343  C CB  . GLN A 1 46 ? -5.784  11.427  6.440   1.00 27.78 ? 46  GLN A CB  1 
ATOM   344  C CG  . GLN A 1 46 ? -6.440  10.955  5.141   1.00 29.20 ? 46  GLN A CG  1 
ATOM   345  C CD  . GLN A 1 46 ? -7.047  12.081  4.303   1.00 36.03 ? 46  GLN A CD  1 
ATOM   346  O OE1 . GLN A 1 46 ? -7.248  13.198  4.782   1.00 31.55 ? 46  GLN A OE1 1 
ATOM   347  N NE2 . GLN A 1 46 ? -7.358  11.773  3.048   1.00 32.33 ? 46  GLN A NE2 1 
ATOM   348  N N   . THR A 1 47 ? -4.797  10.974  9.484   1.00 20.48 ? 47  THR A N   1 
ATOM   349  C CA  . THR A 1 47 ? -4.051  11.356  10.681  1.00 20.22 ? 47  THR A CA  1 
ATOM   350  C C   . THR A 1 47 ? -2.920  10.369  10.966  1.00 17.04 ? 47  THR A C   1 
ATOM   351  O O   . THR A 1 47 ? -1.775  10.767  11.198  1.00 17.85 ? 47  THR A O   1 
ATOM   352  C CB  . THR A 1 47 ? -4.994  11.445  11.884  1.00 25.61 ? 47  THR A CB  1 
ATOM   353  O OG1 . THR A 1 47 ? -5.993  12.446  11.639  1.00 23.95 ? 47  THR A OG1 1 
ATOM   354  C CG2 . THR A 1 47 ? -4.207  11.809  13.148  1.00 19.54 ? 47  THR A CG2 1 
ATOM   355  N N   . ALA A 1 48 ? -3.230  9.071   10.963  1.00 17.91 ? 48  ALA A N   1 
ATOM   356  C CA  . ALA A 1 48 ? -2.196  8.072   11.215  1.00 20.62 ? 48  ALA A CA  1 
ATOM   357  C C   . ALA A 1 48 ? -1.089  8.148   10.171  1.00 21.52 ? 48  ALA A C   1 
ATOM   358  O O   . ALA A 1 48 ? 0.102   8.070   10.508  1.00 20.84 ? 48  ALA A O   1 
ATOM   359  C CB  . ALA A 1 48 ? -2.812  6.680   11.238  1.00 18.11 ? 48  ALA A CB  1 
ATOM   360  N N   . CYS A 1 49 ? -1.467  8.291   8.898   1.00 19.90 ? 49  CYS A N   1 
ATOM   361  C CA  . CYS A 1 49 ? -0.493  8.461   7.821   1.00 21.52 ? 49  CYS A CA  1 
ATOM   362  C C   . CYS A 1 49 ? 0.459   9.608   8.107   1.00 22.07 ? 49  CYS A C   1 
ATOM   363  O O   . CYS A 1 49 ? 1.679   9.463   7.980   1.00 18.75 ? 49  CYS A O   1 
ATOM   364  C CB  . CYS A 1 49 ? -1.216  8.697   6.491   1.00 21.03 ? 49  CYS A CB  1 
ATOM   365  S SG  . CYS A 1 49 ? -0.138  8.832   5.011   1.00 22.92 ? 49  CYS A SG  1 
ATOM   366  N N   . ASN A 1 50 ? -0.083  10.761  8.509   1.00 22.12 ? 50  ASN A N   1 
ATOM   367  C CA  . ASN A 1 50 ? 0.763   11.926  8.761   1.00 22.82 ? 50  ASN A CA  1 
ATOM   368  C C   . ASN A 1 50 ? 1.661   11.718  9.973   1.00 18.68 ? 50  ASN A C   1 
ATOM   369  O O   . ASN A 1 50 ? 2.830   12.122  9.961   1.00 17.62 ? 50  ASN A O   1 
ATOM   370  C CB  . ASN A 1 50 ? -0.110  13.171  8.934   1.00 26.37 ? 50  ASN A CB  1 
ATOM   371  C CG  . ASN A 1 50 ? -0.535  13.754  7.603   1.00 23.77 ? 50  ASN A CG  1 
ATOM   372  O OD1 . ASN A 1 50 ? 0.277   13.852  6.687   1.00 23.66 ? 50  ASN A OD1 1 
ATOM   373  N ND2 . ASN A 1 50 ? -1.809  14.107  7.474   1.00 20.71 ? 50  ASN A ND2 1 
ATOM   374  N N   . CYS A 1 51 ? 1.139   11.085  11.027  1.00 20.23 ? 51  CYS A N   1 
ATOM   375  C CA  . CYS A 1 51 ? 1.977   10.797  12.189  1.00 20.27 ? 51  CYS A CA  1 
ATOM   376  C C   . CYS A 1 51 ? 3.134   9.880   11.822  1.00 20.47 ? 51  CYS A C   1 
ATOM   377  O O   . CYS A 1 51 ? 4.271   10.086  12.269  1.00 20.26 ? 51  CYS A O   1 
ATOM   378  C CB  . CYS A 1 51 ? 1.142   10.159  13.296  1.00 17.28 ? 51  CYS A CB  1 
ATOM   379  S SG  . CYS A 1 51 ? -0.271  11.135  13.876  1.00 20.94 ? 51  CYS A SG  1 
ATOM   380  N N   . LEU A 1 52 ? 2.862   8.848   11.022  1.00 21.43 ? 52  LEU A N   1 
ATOM   381  C CA  . LEU A 1 52 ? 3.911   7.900   10.662  1.00 21.29 ? 52  LEU A CA  1 
ATOM   382  C C   . LEU A 1 52 ? 4.977   8.555   9.792   1.00 23.35 ? 52  LEU A C   1 
ATOM   383  O O   . LEU A 1 52 ? 6.172   8.287   9.963   1.00 26.61 ? 52  LEU A O   1 
ATOM   384  C CB  . LEU A 1 52 ? 3.305   6.690   9.959   1.00 16.06 ? 52  LEU A CB  1 
ATOM   385  C CG  . LEU A 1 52 ? 2.526   5.727   10.869  1.00 22.70 ? 52  LEU A CG  1 
ATOM   386  C CD1 . LEU A 1 52 ? 1.686   4.768   10.041  1.00 21.84 ? 52  LEU A CD1 1 
ATOM   387  C CD2 . LEU A 1 52 ? 3.473   4.967   11.806  1.00 22.83 ? 52  LEU A CD2 1 
ATOM   388  N N   . LYS A 1 53 ? 4.574   9.416   8.854   1.00 21.76 ? 53  LYS A N   1 
ATOM   389  C CA  . LYS A 1 53 ? 5.585   10.084  8.032   1.00 22.94 ? 53  LYS A CA  1 
ATOM   390  C C   . LYS A 1 53 ? 6.441   11.032  8.872   1.00 19.87 ? 53  LYS A C   1 
ATOM   391  O O   . LYS A 1 53 ? 7.661   11.093  8.696   1.00 21.76 ? 53  LYS A O   1 
ATOM   392  C CB  . LYS A 1 53 ? 4.920   10.811  6.867   1.00 25.51 ? 53  LYS A CB  1 
ATOM   393  C CG  . LYS A 1 53 ? 4.384   9.865   5.782   1.00 27.62 ? 53  LYS A CG  1 
ATOM   394  C CD  . LYS A 1 53 ? 3.892   10.622  4.555   1.00 25.88 ? 53  LYS A CD  1 
ATOM   395  C CE  . LYS A 1 53 ? 5.026   11.348  3.845   1.00 33.99 ? 53  LYS A CE  1 
ATOM   396  N NZ  . LYS A 1 53 ? 4.537   12.133  2.660   1.00 30.44 ? 53  LYS A NZ  1 
ATOM   397  N N   . THR A 1 54 ? 5.833   11.753  9.813   1.00 26.11 ? 54  THR A N   1 
ATOM   398  C CA  . THR A 1 54 ? 6.630   12.585  10.714  1.00 26.45 ? 54  THR A CA  1 
ATOM   399  C C   . THR A 1 54 ? 7.684   11.750  11.439  1.00 27.13 ? 54  THR A C   1 
ATOM   400  O O   . THR A 1 54 ? 8.862   12.122  11.494  1.00 27.85 ? 54  THR A O   1 
ATOM   401  C CB  . THR A 1 54 ? 5.722   13.304  11.717  1.00 24.03 ? 54  THR A CB  1 
ATOM   402  O OG1 . THR A 1 54 ? 4.859   14.198  11.015  1.00 24.35 ? 54  THR A OG1 1 
ATOM   403  C CG2 . THR A 1 54 ? 6.551   14.133  12.720  1.00 28.69 ? 54  THR A CG2 1 
ATOM   404  N N   . THR A 1 55 ? 7.279   10.601  11.982  1.00 24.37 ? 55  THR A N   1 
ATOM   405  C CA  . THR A 1 55 ? 8.235   9.729   12.656  1.00 28.39 ? 55  THR A CA  1 
ATOM   406  C C   . THR A 1 55 ? 9.344   9.274   11.710  1.00 25.96 ? 55  THR A C   1 
ATOM   407  O O   . THR A 1 55 ? 10.526  9.287   12.078  1.00 25.10 ? 55  THR A O   1 
ATOM   408  C CB  . THR A 1 55 ? 7.502   8.531   13.261  1.00 30.11 ? 55  THR A CB  1 
ATOM   409  O OG1 . THR A 1 55 ? 6.570   8.998   14.247  1.00 28.22 ? 55  THR A OG1 1 
ATOM   410  C CG2 . THR A 1 55 ? 8.485   7.580   13.923  1.00 30.39 ? 55  THR A CG2 1 
ATOM   411  N N   . PHE A 1 56 ? 8.993   8.889   10.477  1.00 24.43 ? 56  PHE A N   1 
ATOM   412  C CA  . PHE A 1 56 ? 10.029  8.381   9.579   1.00 22.16 ? 56  PHE A CA  1 
ATOM   413  C C   . PHE A 1 56 ? 11.054  9.453   9.259   1.00 24.40 ? 56  PHE A C   1 
ATOM   414  O O   . PHE A 1 56 ? 12.243  9.146   9.114   1.00 25.64 ? 56  PHE A O   1 
ATOM   415  C CB  . PHE A 1 56 ? 9.422   7.843   8.282   1.00 20.50 ? 56  PHE A CB  1 
ATOM   416  C CG  . PHE A 1 56 ? 8.489   6.679   8.481   1.00 27.01 ? 56  PHE A CG  1 
ATOM   417  C CD1 . PHE A 1 56 ? 8.530   5.920   9.648   1.00 28.79 ? 56  PHE A CD1 1 
ATOM   418  C CD2 . PHE A 1 56 ? 7.570   6.342   7.497   1.00 28.50 ? 56  PHE A CD2 1 
ATOM   419  C CE1 . PHE A 1 56 ? 7.666   4.842   9.826   1.00 32.00 ? 56  PHE A CE1 1 
ATOM   420  C CE2 . PHE A 1 56 ? 6.704   5.272   7.669   1.00 29.06 ? 56  PHE A CE2 1 
ATOM   421  C CZ  . PHE A 1 56 ? 6.753   4.520   8.830   1.00 25.95 ? 56  PHE A CZ  1 
ATOM   422  N N   . LYS A 1 57 ? 10.623  10.712  9.171   1.00 24.53 ? 57  LYS A N   1 
ATOM   423  C CA  . LYS A 1 57 ? 11.521  11.825  8.884   1.00 24.18 ? 57  LYS A CA  1 
ATOM   424  C C   . LYS A 1 57 ? 12.363  12.253  10.078  1.00 27.67 ? 57  LYS A C   1 
ATOM   425  O O   . LYS A 1 57 ? 13.305  13.030  9.895   1.00 29.22 ? 57  LYS A O   1 
ATOM   426  C CB  . LYS A 1 57 ? 10.731  13.038  8.397   1.00 22.96 ? 57  LYS A CB  1 
ATOM   427  C CG  . LYS A 1 57 ? 10.000  12.850  7.089   1.00 29.25 ? 57  LYS A CG  1 
ATOM   428  C CD  . LYS A 1 57 ? 9.389   14.186  6.664   1.00 39.16 ? 57  LYS A CD  1 
ATOM   429  C CE  . LYS A 1 57 ? 8.139   14.006  5.819   1.00 39.53 ? 57  LYS A CE  1 
ATOM   430  N NZ  . LYS A 1 57 ? 6.937   14.558  6.515   1.00 44.06 ? 57  LYS A NZ  1 
ATOM   431  N N   . SER A 1 58 ? 12.051  11.781  11.285  1.00 24.92 ? 58  SER A N   1 
ATOM   432  C CA  . SER A 1 58 ? 12.696  12.268  12.500  1.00 31.01 ? 58  SER A CA  1 
ATOM   433  C C   . SER A 1 58 ? 14.047  11.625  12.777  1.00 34.79 ? 58  SER A C   1 
ATOM   434  O O   . SER A 1 58 ? 14.772  12.110  13.655  1.00 30.19 ? 58  SER A O   1 
ATOM   435  C CB  . SER A 1 58 ? 11.796  12.021  13.702  1.00 24.70 ? 58  SER A CB  1 
ATOM   436  O OG  . SER A 1 58 ? 11.745  10.635  13.995  1.00 29.02 ? 58  SER A OG  1 
ATOM   437  N N   . ASN A 1 59 ? 14.394  10.541  12.084  1.00 28.40 ? 59  ASN A N   1 
ATOM   438  C CA  . ASN A 1 59 ? 15.673  9.882   12.320  1.00 30.89 ? 59  ASN A CA  1 
ATOM   439  C C   . ASN A 1 59 ? 16.182  9.309   11.004  1.00 30.45 ? 59  ASN A C   1 
ATOM   440  O O   . ASN A 1 59 ? 15.449  8.600   10.307  1.00 25.65 ? 59  ASN A O   1 
ATOM   441  C CB  . ASN A 1 59 ? 15.543  8.791   13.395  1.00 26.27 ? 59  ASN A CB  1 
ATOM   442  C CG  . ASN A 1 59 ? 16.879  8.346   13.923  1.00 30.47 ? 59  ASN A CG  1 
ATOM   443  O OD1 . ASN A 1 59 ? 17.741  7.915   13.157  1.00 27.45 ? 59  ASN A OD1 1 
ATOM   444  N ND2 . ASN A 1 59 ? 17.079  8.480   15.236  1.00 32.23 ? 59  ASN A ND2 1 
ATOM   445  N N   . LYS A 1 60 ? 17.440  9.631   10.668  1.00 26.89 ? 60  LYS A N   1 
ATOM   446  C CA  . LYS A 1 60 ? 18.019  9.207   9.395   1.00 27.32 ? 60  LYS A CA  1 
ATOM   447  C C   . LYS A 1 60 ? 18.153  7.693   9.298   1.00 27.10 ? 60  LYS A C   1 
ATOM   448  O O   . LYS A 1 60 ? 18.313  7.166   8.188   1.00 23.39 ? 60  LYS A O   1 
ATOM   449  C CB  . LYS A 1 60 ? 19.394  9.875   9.191   1.00 28.77 ? 60  LYS A CB  1 
ATOM   450  C CG  . LYS A 1 60 ? 20.498  9.363   10.132  1.00 23.17 ? 60  LYS A CG  1 
ATOM   451  C CD  . LYS A 1 60 ? 21.858  10.019  9.838   1.00 28.75 ? 60  LYS A CD  1 
ATOM   452  C CE  . LYS A 1 60 ? 22.974  9.440   10.717  1.00 31.06 ? 60  LYS A CE  1 
ATOM   453  N NZ  . LYS A 1 60 ? 22.725  9.663   12.177  1.00 24.88 ? 60  LYS A NZ  1 
ATOM   454  N N   . ASP A 1 61 ? 18.098  6.989   10.434  1.00 23.13 ? 61  ASP A N   1 
ATOM   455  C CA  . ASP A 1 61 ? 18.277  5.543   10.462  1.00 23.27 ? 61  ASP A CA  1 
ATOM   456  C C   . ASP A 1 61 ? 17.080  4.788   9.891   1.00 22.24 ? 61  ASP A C   1 
ATOM   457  O O   . ASP A 1 61 ? 17.226  3.619   9.540   1.00 19.38 ? 61  ASP A O   1 
ATOM   458  C CB  . ASP A 1 61 ? 18.527  5.068   11.900  1.00 28.28 ? 61  ASP A CB  1 
ATOM   459  C CG  . ASP A 1 61 ? 19.973  5.255   12.352  1.00 30.36 ? 61  ASP A CG  1 
ATOM   460  O OD1 . ASP A 1 61 ? 20.775  5.830   11.581  1.00 23.50 ? 61  ASP A OD1 1 
ATOM   461  O OD2 . ASP A 1 61 ? 20.299  4.812   13.487  1.00 20.97 ? 61  ASP A OD2 1 
ATOM   462  N N   . PHE A 1 62 ? 15.901  5.405   9.809   1.00 20.67 ? 62  PHE A N   1 
ATOM   463  C CA  . PHE A 1 62 ? 14.733  4.673   9.326   1.00 21.32 ? 62  PHE A CA  1 
ATOM   464  C C   . PHE A 1 62 ? 14.892  4.344   7.848   1.00 22.12 ? 62  PHE A C   1 
ATOM   465  O O   . PHE A 1 62 ? 15.317  5.188   7.054   1.00 20.91 ? 62  PHE A O   1 
ATOM   466  C CB  . PHE A 1 62 ? 13.458  5.480   9.559   1.00 22.24 ? 62  PHE A CB  1 
ATOM   467  C CG  . PHE A 1 62 ? 13.036  5.549   11.006  1.00 27.01 ? 62  PHE A CG  1 
ATOM   468  C CD1 . PHE A 1 62 ? 12.678  4.390   11.696  1.00 22.37 ? 62  PHE A CD1 1 
ATOM   469  C CD2 . PHE A 1 62 ? 12.977  6.772   11.668  1.00 24.98 ? 62  PHE A CD2 1 
ATOM   470  C CE1 . PHE A 1 62 ? 12.287  4.458   13.028  1.00 28.77 ? 62  PHE A CE1 1 
ATOM   471  C CE2 . PHE A 1 62 ? 12.589  6.848   12.999  1.00 24.78 ? 62  PHE A CE2 1 
ATOM   472  C CZ  . PHE A 1 62 ? 12.240  5.693   13.681  1.00 30.19 ? 62  PHE A CZ  1 
ATOM   473  N N   . LYS A 1 63 ? 14.580  3.099   7.477   1.00 21.51 ? 63  LYS A N   1 
ATOM   474  C CA  . LYS A 1 63 ? 14.745  2.631   6.101   1.00 22.45 ? 63  LYS A CA  1 
ATOM   475  C C   . LYS A 1 63 ? 13.407  2.528   5.382   1.00 30.01 ? 63  LYS A C   1 
ATOM   476  O O   . LYS A 1 63 ? 12.446  1.955   5.910   1.00 21.37 ? 63  LYS A O   1 
ATOM   477  C CB  . LYS A 1 63 ? 15.435  1.270   6.041   1.00 29.66 ? 63  LYS A CB  1 
ATOM   478  C CG  . LYS A 1 63 ? 16.725  1.168   6.819   1.00 23.18 ? 63  LYS A CG  1 
ATOM   479  C CD  . LYS A 1 63 ? 17.813  1.990   6.199   1.00 31.92 ? 63  LYS A CD  1 
ATOM   480  C CE  . LYS A 1 63 ? 19.166  1.627   6.803   1.00 26.69 ? 63  LYS A CE  1 
ATOM   481  N NZ  . LYS A 1 63 ? 19.375  2.306   8.129   1.00 23.02 ? 63  LYS A NZ  1 
ATOM   482  N N   . SER A 1 64 ? 13.368  3.056   4.156   1.00 39.33 ? 64  SER A N   1 
ATOM   483  C CA  . SER A 1 64 ? 12.196  2.886   3.299   1.00 37.05 ? 64  SER A CA  1 
ATOM   484  C C   . SER A 1 64 ? 11.958  1.419   2.956   1.00 27.09 ? 64  SER A C   1 
ATOM   485  O O   . SER A 1 64 ? 10.812  0.968   2.911   1.00 39.41 ? 64  SER A O   1 
ATOM   486  C CB  . SER A 1 64 ? 12.363  3.712   2.020   0.00 37.45 ? 64  SER A CB  1 
ATOM   487  O OG  . SER A 1 64 ? 13.489  3.276   1.260   0.00 38.27 ? 64  SER A OG  1 
ATOM   488  N N   . ASP A 1 65 ? 13.029  0.657   2.706   1.00 37.21 ? 65  ASP A N   1 
ATOM   489  C CA  . ASP A 1 65 ? 12.881  -0.757  2.365   1.00 34.17 ? 65  ASP A CA  1 
ATOM   490  C C   . ASP A 1 65 ? 12.165  -1.526  3.470   1.00 39.63 ? 65  ASP A C   1 
ATOM   491  O O   . ASP A 1 65 ? 11.457  -2.500  3.191   1.00 34.28 ? 65  ASP A O   1 
ATOM   492  C CB  . ASP A 1 65 ? 14.255  -1.400  2.103   1.00 35.46 ? 65  ASP A CB  1 
ATOM   493  C CG  . ASP A 1 65 ? 14.862  -1.014  0.746   1.00 48.94 ? 65  ASP A CG  1 
ATOM   494  O OD1 . ASP A 1 65 ? 14.293  -0.146  0.036   1.00 40.71 ? 65  ASP A OD1 1 
ATOM   495  O OD2 . ASP A 1 65 ? 15.945  -1.556  0.417   1.00 44.46 ? 65  ASP A OD2 1 
ATOM   496  N N   . PHE A 1 66 ? 12.339  -1.111  4.726   1.00 33.33 ? 66  PHE A N   1 
ATOM   497  C CA  . PHE A 1 66 ? 11.778  -1.853  5.849   1.00 26.29 ? 66  PHE A CA  1 
ATOM   498  C C   . PHE A 1 66 ? 10.356  -1.414  6.183   1.00 22.55 ? 66  PHE A C   1 
ATOM   499  O O   . PHE A 1 66 ? 9.523   -2.253  6.544   1.00 22.84 ? 66  PHE A O   1 
ATOM   500  C CB  . PHE A 1 66 ? 12.683  -1.710  7.081   1.00 23.11 ? 66  PHE A CB  1 
ATOM   501  C CG  . PHE A 1 66 ? 14.063  -2.281  6.892   1.00 22.40 ? 66  PHE A CG  1 
ATOM   502  C CD1 . PHE A 1 66 ? 14.287  -3.307  5.985   1.00 29.49 ? 66  PHE A CD1 1 
ATOM   503  C CD2 . PHE A 1 66 ? 15.135  -1.802  7.625   1.00 21.23 ? 66  PHE A CD2 1 
ATOM   504  C CE1 . PHE A 1 66 ? 15.553  -3.832  5.810   1.00 26.23 ? 66  PHE A CE1 1 
ATOM   505  C CE2 . PHE A 1 66 ? 16.402  -2.321  7.448   1.00 25.80 ? 66  PHE A CE2 1 
ATOM   506  C CZ  . PHE A 1 66 ? 16.607  -3.343  6.540   1.00 22.98 ? 66  PHE A CZ  1 
ATOM   507  N N   . ALA A 1 67 ? 10.059  -0.114  6.092   1.00 22.07 ? 67  ALA A N   1 
ATOM   508  C CA  . ALA A 1 67 ? 8.675   0.325   6.252   1.00 28.58 ? 67  ALA A CA  1 
ATOM   509  C C   . ALA A 1 67 ? 7.776   -0.306  5.194   1.00 29.66 ? 67  ALA A C   1 
ATOM   510  O O   . ALA A 1 67 ? 6.640   -0.703  5.485   1.00 30.92 ? 67  ALA A O   1 
ATOM   511  C CB  . ALA A 1 67 ? 8.589   1.852   6.170   1.00 25.07 ? 67  ALA A CB  1 
ATOM   512  N N   . ALA A 1 68 ? 8.279   -0.416  3.962   1.00 35.32 ? 68  ALA A N   1 
ATOM   513  C CA  . ALA A 1 68 ? 7.458   -0.903  2.859   1.00 42.23 ? 68  ALA A CA  1 
ATOM   514  C C   . ALA A 1 68 ? 7.095   -2.369  3.047   1.00 30.69 ? 68  ALA A C   1 
ATOM   515  O O   . ALA A 1 68 ? 5.933   -2.755  2.890   1.00 35.01 ? 68  ALA A O   1 
ATOM   516  C CB  . ALA A 1 68 ? 8.189   -0.695  1.533   1.00 41.60 ? 68  ALA A CB  1 
ATOM   517  N N   . SER A 1 69 ? 8.077   -3.193  3.407   1.00 37.74 ? 69  SER A N   1 
ATOM   518  C CA  . SER A 1 69 ? 7.878   -4.629  3.547   1.00 33.04 ? 69  SER A CA  1 
ATOM   519  C C   . SER A 1 69 ? 7.163   -5.018  4.835   1.00 23.62 ? 69  SER A C   1 
ATOM   520  O O   . SER A 1 69 ? 6.856   -6.203  5.016   1.00 26.18 ? 69  SER A O   1 
ATOM   521  C CB  . SER A 1 69 ? 9.226   -5.344  3.478   1.00 33.79 ? 69  SER A CB  1 
ATOM   522  O OG  . SER A 1 69 ? 10.044  -4.996  4.587   1.00 39.15 ? 69  SER A OG  1 
ATOM   523  N N   . LEU A 1 70 ? 6.878   -4.066  5.731   1.00 24.87 ? 70  LEU A N   1 
ATOM   524  C CA  . LEU A 1 70 ? 6.389   -4.463  7.048   1.00 25.15 ? 70  LEU A CA  1 
ATOM   525  C C   . LEU A 1 70 ? 4.993   -5.082  6.994   1.00 25.07 ? 70  LEU A C   1 
ATOM   526  O O   . LEU A 1 70 ? 4.826   -6.195  7.515   1.00 20.07 ? 70  LEU A O   1 
ATOM   527  C CB  . LEU A 1 70 ? 6.471   -3.284  8.024   1.00 23.80 ? 70  LEU A CB  1 
ATOM   528  C CG  . LEU A 1 70 ? 6.132   -3.670  9.471   1.00 23.87 ? 70  LEU A CG  1 
ATOM   529  C CD1 . LEU A 1 70 ? 6.823   -4.975  9.876   1.00 17.76 ? 70  LEU A CD1 1 
ATOM   530  C CD2 . LEU A 1 70 ? 6.459   -2.544  10.463  1.00 16.95 ? 70  LEU A CD2 1 
ATOM   531  N N   . PRO A 1 71 ? 3.977   -4.469  6.369   1.00 31.36 ? 71  PRO A N   1 
ATOM   532  C CA  . PRO A 1 71 ? 2.654   -5.121  6.402   1.00 27.79 ? 71  PRO A CA  1 
ATOM   533  C C   . PRO A 1 71 ? 2.657   -6.527  5.812   1.00 25.52 ? 71  PRO A C   1 
ATOM   534  O O   . PRO A 1 71 ? 2.041   -7.427  6.393   1.00 28.37 ? 71  PRO A O   1 
ATOM   535  C CB  . PRO A 1 71 ? 1.751   -4.150  5.617   1.00 31.24 ? 71  PRO A CB  1 
ATOM   536  C CG  . PRO A 1 71 ? 2.660   -3.247  4.895   1.00 34.16 ? 71  PRO A CG  1 
ATOM   537  C CD  . PRO A 1 71 ? 3.912   -3.149  5.718   1.00 28.17 ? 71  PRO A CD  1 
ATOM   538  N N   . SER A 1 72 ? 3.370   -6.764  4.712   1.00 22.11 ? 72  SER A N   1 
ATOM   539  C CA  . SER A 1 72 ? 3.418   -8.111  4.150   1.00 24.14 ? 72  SER A CA  1 
ATOM   540  C C   . SER A 1 72 ? 4.250   -9.069  4.997   1.00 29.78 ? 72  SER A C   1 
ATOM   541  O O   . SER A 1 72 ? 4.053   -10.288 4.913   1.00 23.36 ? 72  SER A O   1 
ATOM   542  C CB  . SER A 1 72 ? 3.965   -8.075  2.723   1.00 29.59 ? 72  SER A CB  1 
ATOM   543  O OG  . SER A 1 72 ? 5.375   -7.909  2.708   1.00 35.62 ? 72  SER A OG  1 
ATOM   544  N N   . LYS A 1 73 ? 5.190   -8.553  5.790   1.00 25.50 ? 73  LYS A N   1 
ATOM   545  C CA  . LYS A 1 73 ? 5.896   -9.403  6.745   1.00 25.29 ? 73  LYS A CA  1 
ATOM   546  C C   . LYS A 1 73 ? 4.928   -10.056 7.727   1.00 21.66 ? 73  LYS A C   1 
ATOM   547  O O   . LYS A 1 73 ? 5.091   -11.228 8.081   1.00 19.49 ? 73  LYS A O   1 
ATOM   548  C CB  . LYS A 1 73 ? 6.936   -8.570  7.503   1.00 21.20 ? 73  LYS A CB  1 
ATOM   549  C CG  . LYS A 1 73 ? 8.269   -8.433  6.816   1.00 23.96 ? 73  LYS A CG  1 
ATOM   550  C CD  . LYS A 1 73 ? 9.070   -9.717  6.979   1.00 27.96 ? 73  LYS A CD  1 
ATOM   551  C CE  . LYS A 1 73 ? 10.520  -9.441  7.330   1.00 29.03 ? 73  LYS A CE  1 
ATOM   552  N NZ  . LYS A 1 73 ? 11.313  -10.696 7.539   1.00 19.28 ? 73  LYS A NZ  1 
ATOM   553  N N   . CYS A 1 74 ? 3.913   -9.311  8.173   1.00 18.28 ? 74  CYS A N   1 
ATOM   554  C CA  . CYS A 1 74 ? 3.090   -9.689  9.314   1.00 20.49 ? 74  CYS A CA  1 
ATOM   555  C C   . CYS A 1 74 ? 1.793   -10.395 8.952   1.00 26.38 ? 74  CYS A C   1 
ATOM   556  O O   . CYS A 1 74 ? 1.297   -11.198 9.751   1.00 26.21 ? 74  CYS A O   1 
ATOM   557  C CB  . CYS A 1 74 ? 2.734   -8.449  10.139  1.00 22.09 ? 74  CYS A CB  1 
ATOM   558  S SG  . CYS A 1 74 ? 4.137   -7.721  10.978  1.00 19.05 ? 74  CYS A SG  1 
ATOM   559  N N   . GLY A 1 75 ? 1.194   -10.086 7.810   1.00 30.72 ? 75  GLY A N   1 
ATOM   560  C CA  . GLY A 1 75 ? -0.086  -10.703 7.519   1.00 34.31 ? 75  GLY A CA  1 
ATOM   561  C C   . GLY A 1 75 ? -0.438  -10.555 6.057   1.00 34.61 ? 75  GLY A C   1 
ATOM   562  O O   . GLY A 1 75 ? 0.265   -9.897  5.286   1.00 32.48 ? 75  GLY A O   1 
ATOM   563  N N   . VAL A 1 76 ? -1.558  -11.176 5.690   1.00 34.85 ? 76  VAL A N   1 
ATOM   564  C CA  . VAL A 1 76 ? -2.040  -11.126 4.315   1.00 37.56 ? 76  VAL A CA  1 
ATOM   565  C C   . VAL A 1 76 ? -3.228  -10.192 4.145   1.00 33.30 ? 76  VAL A C   1 
ATOM   566  O O   . VAL A 1 76 ? -3.662  -9.968  3.007   1.00 34.09 ? 76  VAL A O   1 
ATOM   567  C CB  . VAL A 1 76 ? -2.408  -12.539 3.804   1.00 42.35 ? 76  VAL A CB  1 
ATOM   568  C CG1 . VAL A 1 76 ? -1.227  -13.477 3.952   1.00 33.95 ? 76  VAL A CG1 1 
ATOM   569  C CG2 . VAL A 1 76 ? -3.628  -13.083 4.549   1.00 35.62 ? 76  VAL A CG2 1 
ATOM   570  N N   . ASN A 1 77 ? -3.770  -9.642  5.226   1.00 37.63 ? 77  ASN A N   1 
ATOM   571  C CA  . ASN A 1 77 ? -5.008  -8.872  5.158   1.00 38.83 ? 77  ASN A CA  1 
ATOM   572  C C   . ASN A 1 77 ? -4.841  -7.521  5.832   1.00 41.46 ? 77  ASN A C   1 
ATOM   573  O O   . ASN A 1 77 ? -5.762  -6.996  6.469   1.00 46.88 ? 77  ASN A O   1 
ATOM   574  C CB  . ASN A 1 77 ? -6.171  -9.644  5.782   1.00 40.28 ? 77  ASN A CB  1 
ATOM   575  C CG  . ASN A 1 77 ? -6.586  -10.850 4.950   1.00 48.11 ? 77  ASN A CG  1 
ATOM   576  O OD1 . ASN A 1 77 ? -6.797  -10.740 3.738   1.00 49.35 ? 77  ASN A OD1 1 
ATOM   577  N ND2 . ASN A 1 77 ? -6.698  -12.007 5.595   1.00 42.39 ? 77  ASN A ND2 1 
ATOM   578  N N   . ILE A 1 78 ? -3.658  -6.936  5.713   1.00 31.92 ? 78  ILE A N   1 
ATOM   579  C CA  . ILE A 1 78 ? -3.399  -5.588  6.200   1.00 29.29 ? 78  ILE A CA  1 
ATOM   580  C C   . ILE A 1 78 ? -3.533  -4.632  5.011   1.00 25.53 ? 78  ILE A C   1 
ATOM   581  O O   . ILE A 1 78 ? -2.741  -4.731  4.069   1.00 26.72 ? 78  ILE A O   1 
ATOM   582  C CB  . ILE A 1 78 ? -2.017  -5.479  6.855   1.00 26.43 ? 78  ILE A CB  1 
ATOM   583  C CG1 . ILE A 1 78 ? -1.884  -6.549  7.954   1.00 30.39 ? 78  ILE A CG1 1 
ATOM   584  C CG2 . ILE A 1 78 ? -1.820  -4.081  7.410   1.00 23.79 ? 78  ILE A CG2 1 
ATOM   585  C CD1 . ILE A 1 78 ? -0.478  -6.692  8.528   1.00 30.43 ? 78  ILE A CD1 1 
ATOM   586  N N   . PRO A 1 79 ? -4.502  -3.718  5.025   1.00 24.10 ? 79  PRO A N   1 
ATOM   587  C CA  . PRO A 1 79 ? -4.823  -2.961  3.795   1.00 28.07 ? 79  PRO A CA  1 
ATOM   588  C C   . PRO A 1 79 ? -3.945  -1.747  3.505   1.00 24.48 ? 79  PRO A C   1 
ATOM   589  O O   . PRO A 1 79 ? -3.989  -1.246  2.370   1.00 23.93 ? 79  PRO A O   1 
ATOM   590  C CB  . PRO A 1 79 ? -6.280  -2.524  4.028   1.00 27.14 ? 79  PRO A CB  1 
ATOM   591  C CG  . PRO A 1 79 ? -6.432  -2.480  5.520   1.00 29.88 ? 79  PRO A CG  1 
ATOM   592  C CD  . PRO A 1 79 ? -5.519  -3.557  6.073   1.00 30.48 ? 79  PRO A CD  1 
ATOM   593  N N   . TYR A 1 80 ? -3.163  -1.248  4.463   1.00 24.11 ? 80  TYR A N   1 
ATOM   594  C CA  . TYR A 1 80 ? -2.454  0.013   4.285   1.00 20.85 ? 80  TYR A CA  1 
ATOM   595  C C   . TYR A 1 80 ? -0.953  -0.195  4.367   1.00 24.44 ? 80  TYR A C   1 
ATOM   596  O O   . TYR A 1 80 ? -0.466  -1.062  5.096   1.00 22.31 ? 80  TYR A O   1 
ATOM   597  C CB  . TYR A 1 80 ? -2.898  1.052   5.318   1.00 19.22 ? 80  TYR A CB  1 
ATOM   598  C CG  . TYR A 1 80 ? -4.315  1.475   5.077   1.00 24.28 ? 80  TYR A CG  1 
ATOM   599  C CD1 . TYR A 1 80 ? -4.620  2.339   4.038   1.00 30.62 ? 80  TYR A CD1 1 
ATOM   600  C CD2 . TYR A 1 80 ? -5.362  0.964   5.850   1.00 24.53 ? 80  TYR A CD2 1 
ATOM   601  C CE1 . TYR A 1 80 ? -5.923  2.711   3.779   1.00 35.79 ? 80  TYR A CE1 1 
ATOM   602  C CE2 . TYR A 1 80 ? -6.672  1.331   5.602   1.00 25.94 ? 80  TYR A CE2 1 
ATOM   603  C CZ  . TYR A 1 80 ? -6.942  2.204   4.560   1.00 32.41 ? 80  TYR A CZ  1 
ATOM   604  O OH  . TYR A 1 80 ? -8.227  2.586   4.287   1.00 38.15 ? 80  TYR A OH  1 
ATOM   605  N N   . LYS A 1 81 ? -0.237  0.625   3.597   1.00 19.17 ? 81  LYS A N   1 
ATOM   606  C CA  . LYS A 1 81 ? 1.217   0.603   3.499   1.00 25.61 ? 81  LYS A CA  1 
ATOM   607  C C   . LYS A 1 81 ? 1.663   2.055   3.375   1.00 29.34 ? 81  LYS A C   1 
ATOM   608  O O   . LYS A 1 81 ? 1.413   2.700   2.352   1.00 24.78 ? 81  LYS A O   1 
ATOM   609  C CB  . LYS A 1 81 ? 1.681   -0.229  2.297   1.00 27.59 ? 81  LYS A CB  1 
ATOM   610  C CG  . LYS A 1 81 ? 3.180   -0.224  2.044   1.00 38.02 ? 81  LYS A CG  1 
ATOM   611  C CD  . LYS A 1 81 ? 3.586   -1.206  0.933   1.00 34.35 ? 81  LYS A CD  1 
ATOM   612  C CE  . LYS A 1 81 ? 3.041   -0.758  -0.424  1.00 37.94 ? 81  LYS A CE  1 
ATOM   613  N NZ  . LYS A 1 81 ? 3.733   -1.417  -1.572  1.00 35.98 ? 81  LYS A NZ  1 
ATOM   614  N N   . ILE A 1 82 ? 2.313   2.566   4.414   1.00 25.43 ? 82  ILE A N   1 
ATOM   615  C CA  . ILE A 1 82 ? 2.724   3.965   4.490   1.00 26.16 ? 82  ILE A CA  1 
ATOM   616  C C   . ILE A 1 82 ? 4.243   4.027   4.362   1.00 25.87 ? 82  ILE A C   1 
ATOM   617  O O   . ILE A 1 82 ? 4.965   3.414   5.159   1.00 31.14 ? 82  ILE A O   1 
ATOM   618  C CB  . ILE A 1 82 ? 2.264   4.618   5.804   1.00 24.00 ? 82  ILE A CB  1 
ATOM   619  C CG1 . ILE A 1 82 ? 0.748   4.444   6.005   1.00 21.54 ? 82  ILE A CG1 1 
ATOM   620  C CG2 . ILE A 1 82 ? 2.678   6.087   5.831   1.00 25.50 ? 82  ILE A CG2 1 
ATOM   621  C CD1 . ILE A 1 82 ? -0.113  4.933   4.834   1.00 24.08 ? 82  ILE A CD1 1 
ATOM   622  N N   . SER A 1 83 ? 4.727   4.775   3.370   1.00 23.85 ? 83  SER A N   1 
ATOM   623  C CA  . SER A 1 83 ? 6.143   5.125   3.302   1.00 30.71 ? 83  SER A CA  1 
ATOM   624  C C   . SER A 1 83 ? 6.311   6.622   3.053   1.00 24.04 ? 83  SER A C   1 
ATOM   625  O O   . SER A 1 83 ? 5.332   7.371   3.048   1.00 28.47 ? 83  SER A O   1 
ATOM   626  C CB  . SER A 1 83 ? 6.845   4.340   2.200   1.00 30.08 ? 83  SER A CB  1 
ATOM   627  O OG  . SER A 1 83 ? 6.495   4.883   0.945   1.00 33.89 ? 83  SER A OG  1 
ATOM   628  N N   . LEU A 1 84 ? 7.544   7.070   2.816   1.00 33.86 ? 84  LEU A N   1 
ATOM   629  C CA  . LEU A 1 84 ? 7.763   8.496   2.592   1.00 28.43 ? 84  LEU A CA  1 
ATOM   630  C C   . LEU A 1 84 ? 7.149   8.990   1.285   1.00 35.19 ? 84  LEU A C   1 
ATOM   631  O O   . LEU A 1 84 ? 6.872   10.188  1.161   1.00 33.28 ? 84  LEU A O   1 
ATOM   632  C CB  . LEU A 1 84 ? 9.263   8.814   2.630   1.00 37.61 ? 84  LEU A CB  1 
ATOM   633  C CG  . LEU A 1 84 ? 9.904   8.970   4.017   1.00 37.47 ? 84  LEU A CG  1 
ATOM   634  C CD1 . LEU A 1 84 ? 9.075   9.891   4.910   1.00 28.70 ? 84  LEU A CD1 1 
ATOM   635  C CD2 . LEU A 1 84 ? 10.140  7.634   4.707   1.00 38.51 ? 84  LEU A CD2 1 
ATOM   636  N N   . GLU A 1 85 ? 6.907   8.109   0.312   1.00 33.50 ? 85  GLU A N   1 
ATOM   637  C CA  . GLU A 1 85 ? 6.268   8.576   -0.912  1.00 36.94 ? 85  GLU A CA  1 
ATOM   638  C C   . GLU A 1 85 ? 4.752   8.662   -0.799  1.00 30.64 ? 85  GLU A C   1 
ATOM   639  O O   . GLU A 1 85 ? 4.114   9.192   -1.713  1.00 36.05 ? 85  GLU A O   1 
ATOM   640  C CB  . GLU A 1 85 ? 6.647   7.683   -2.102  1.00 37.03 ? 85  GLU A CB  1 
ATOM   641  C CG  . GLU A 1 85 ? 6.916   6.233   -1.751  1.00 35.29 ? 85  GLU A CG  1 
ATOM   642  C CD  . GLU A 1 85 ? 7.570   5.460   -2.891  1.00 47.96 ? 85  GLU A CD  1 
ATOM   643  O OE1 . GLU A 1 85 ? 7.725   4.224   -2.761  1.00 45.47 ? 85  GLU A OE1 1 
ATOM   644  O OE2 . GLU A 1 85 ? 7.925   6.085   -3.917  1.00 42.32 ? 85  GLU A OE2 1 
ATOM   645  N N   . THR A 1 86 ? 4.166   8.178   0.292   1.00 27.18 ? 86  THR A N   1 
ATOM   646  C CA  . THR A 1 86 ? 2.720   8.252   0.458   1.00 25.28 ? 86  THR A CA  1 
ATOM   647  C C   . THR A 1 86 ? 2.257   9.699   0.560   1.00 28.56 ? 86  THR A C   1 
ATOM   648  O O   . THR A 1 86 ? 2.796   10.476  1.353   1.00 28.28 ? 86  THR A O   1 
ATOM   649  C CB  . THR A 1 86 ? 2.291   7.486   1.710   1.00 24.32 ? 86  THR A CB  1 
ATOM   650  O OG1 . THR A 1 86 ? 2.804   6.156   1.656   1.00 28.25 ? 86  THR A OG1 1 
ATOM   651  C CG2 . THR A 1 86 ? 0.767   7.444   1.827   1.00 27.84 ? 86  THR A CG2 1 
ATOM   652  N N   . ASP A 1 87 ? 1.252   10.062  -0.242  1.00 26.54 ? 87  ASP A N   1 
ATOM   653  C CA  . ASP A 1 87 ? 0.573   11.349  -0.100  1.00 32.73 ? 87  ASP A CA  1 
ATOM   654  C C   . ASP A 1 87 ? -0.622  11.123  0.814   1.00 26.36 ? 87  ASP A C   1 
ATOM   655  O O   . ASP A 1 87 ? -1.655  10.609  0.385   1.00 25.25 ? 87  ASP A O   1 
ATOM   656  C CB  . ASP A 1 87 ? 0.146   11.907  -1.455  1.00 35.46 ? 87  ASP A CB  1 
ATOM   657  C CG  . ASP A 1 87 ? -0.474  13.306  -1.354  1.00 40.14 ? 87  ASP A CG  1 
ATOM   658  O OD1 . ASP A 1 87 ? -0.931  13.706  -0.258  1.00 35.23 ? 87  ASP A OD1 1 
ATOM   659  O OD2 . ASP A 1 87 ? -0.517  14.012  -2.384  1.00 46.22 ? 87  ASP A OD2 1 
ATOM   660  N N   . CYS A 1 88 ? -0.485  11.521  2.083   1.00 28.00 ? 88  CYS A N   1 
ATOM   661  C CA  . CYS A 1 88 ? -1.533  11.236  3.056   1.00 30.64 ? 88  CYS A CA  1 
ATOM   662  C C   . CYS A 1 88 ? -2.843  11.908  2.687   1.00 29.90 ? 88  CYS A C   1 
ATOM   663  O O   . CYS A 1 88 ? -3.912  11.414  3.057   1.00 23.49 ? 88  CYS A O   1 
ATOM   664  C CB  . CYS A 1 88 ? -1.095  11.666  4.457   1.00 26.79 ? 88  CYS A CB  1 
ATOM   665  S SG  . CYS A 1 88 ? 0.377   10.819  5.030   1.00 28.93 ? 88  CYS A SG  1 
ATOM   666  N N   . ASN A 1 89 ? -2.784  13.026  1.955   1.00 30.00 ? 89  ASN A N   1 
ATOM   667  C CA  . ASN A 1 89 ? -4.006  13.674  1.501   1.00 31.11 ? 89  ASN A CA  1 
ATOM   668  C C   . ASN A 1 89 ? -4.805  12.776  0.568   1.00 29.41 ? 89  ASN A C   1 
ATOM   669  O O   . ASN A 1 89 ? -6.017  12.956  0.442   1.00 25.70 ? 89  ASN A O   1 
ATOM   670  C CB  . ASN A 1 89 ? -3.674  14.996  0.796   1.00 30.53 ? 89  ASN A CB  1 
ATOM   671  C CG  . ASN A 1 89 ? -3.017  16.010  1.724   1.00 47.58 ? 89  ASN A CG  1 
ATOM   672  O OD1 . ASN A 1 89 ? -3.634  16.497  2.673   1.00 44.62 ? 89  ASN A OD1 1 
ATOM   673  N ND2 . ASN A 1 89 ? -1.760  16.345  1.443   1.00 44.71 ? 89  ASN A ND2 1 
ATOM   674  N N   . LYS A 1 90 ? -4.152  11.819  -0.087  1.00 29.27 ? 90  LYS A N   1 
ATOM   675  C CA  . LYS A 1 90 ? -4.810  10.930  -1.035  1.00 24.87 ? 90  LYS A CA  1 
ATOM   676  C C   . LYS A 1 90 ? -5.290  9.637   -0.393  1.00 30.80 ? 90  LYS A C   1 
ATOM   677  O O   . LYS A 1 90 ? -5.998  8.862   -1.047  1.00 31.65 ? 90  LYS A O   1 
ATOM   678  C CB  . LYS A 1 90 ? -3.856  10.584  -2.180  1.00 25.83 ? 90  LYS A CB  1 
ATOM   679  C CG  . LYS A 1 90 ? -3.264  11.769  -2.904  1.00 31.86 ? 90  LYS A CG  1 
ATOM   680  C CD  . LYS A 1 90 ? -4.322  12.439  -3.741  1.00 33.69 ? 90  LYS A CD  1 
ATOM   681  C CE  . LYS A 1 90 ? -3.735  13.545  -4.594  1.00 44.65 ? 90  LYS A CE  1 
ATOM   682  N NZ  . LYS A 1 90 ? -4.837  14.391  -5.129  1.00 48.06 ? 90  LYS A NZ  1 
ATOM   683  N N   . VAL A 1 91 ? -4.926  9.384   0.859   1.00 24.10 ? 91  VAL A N   1 
ATOM   684  C CA  . VAL A 1 91 ? -5.222  8.107   1.497   1.00 27.74 ? 91  VAL A CA  1 
ATOM   685  C C   . VAL A 1 91 ? -6.695  8.038   1.867   1.00 30.03 ? 91  VAL A C   1 
ATOM   686  O O   . VAL A 1 91 ? -7.264  8.965   2.456   1.00 33.24 ? 91  VAL A O   1 
ATOM   687  C CB  . VAL A 1 91 ? -4.322  7.881   2.721   1.00 29.45 ? 91  VAL A CB  1 
ATOM   688  C CG1 . VAL A 1 91 ? -4.824  6.679   3.528   1.00 30.58 ? 91  VAL A CG1 1 
ATOM   689  C CG2 . VAL A 1 91 ? -2.902  7.652   2.261   1.00 20.70 ? 91  VAL A CG2 1 
ATOM   690  N N   . LYS A 1 92 ? -7.306  6.906   1.534   1.00 34.62 ? 92  LYS A N   1 
ATOM   691  C CA  . LYS A 1 92 ? -8.739  6.696   1.628   1.00 31.83 ? 92  LYS A CA  1 
ATOM   692  C C   . LYS A 1 92 ? -9.017  5.664   2.716   1.00 34.99 ? 92  LYS A C   1 
ATOM   693  O O   . LYS A 1 92 ? -9.888  5.863   3.561   1.00 30.36 ? 92  LYS A O   1 
ATOM   694  C CB  . LYS A 1 92 ? -9.288  6.235   0.258   1.00 37.56 ? 92  LYS A CB  1 
ATOM   695  C CG  . LYS A 1 92 ? -10.766 5.879   0.222   1.00 40.84 ? 92  LYS A CG  1 
ATOM   696  C CD  . LYS A 1 92 ? -11.615 7.101   -0.065  0.00 38.11 ? 92  LYS A CD  1 
ATOM   697  C CE  . LYS A 1 92 ? -13.005 6.732   -0.603  0.00 39.24 ? 92  LYS A CE  1 
ATOM   698  N NZ  . LYS A 1 92 ? -14.010 7.848   -0.543  0.00 42.04 ? 92  LYS A NZ  1 
ATOM   699  O OXT . LYS A 1 92 ? -8.369  4.612   2.771   1.00 32.51 ? 92  LYS A OXT 1 
ATOM   700  N N   . MET B 1 1  ? -14.647 -13.154 -6.284  1.00 23.88 ? 1   MET B N   1 
ATOM   701  C CA  . MET B 1 1  ? -14.605 -13.222 -7.744  1.00 29.02 ? 1   MET B CA  1 
ATOM   702  C C   . MET B 1 1  ? -14.140 -11.892 -8.285  1.00 24.22 ? 1   MET B C   1 
ATOM   703  O O   . MET B 1 1  ? -14.490 -10.840 -7.758  1.00 24.22 ? 1   MET B O   1 
ATOM   704  C CB  . MET B 1 1  ? -15.978 -13.566 -8.328  1.00 27.97 ? 1   MET B CB  1 
ATOM   705  C CG  . MET B 1 1  ? -16.087 -13.384 -9.841  1.00 34.16 ? 1   MET B CG  1 
ATOM   706  S SD  . MET B 1 1  ? -17.552 -14.193 -10.515 1.00 45.66 ? 1   MET B SD  1 
ATOM   707  C CE  . MET B 1 1  ? -18.792 -13.020 -10.027 1.00 39.93 ? 1   MET B CE  1 
ATOM   708  N N   . ILE B 1 2  ? -13.346 -11.916 -9.340  1.00 21.84 ? 2   ILE B N   1 
ATOM   709  C CA  . ILE B 1 2  ? -12.936 -10.661 -9.951  1.00 22.00 ? 2   ILE B CA  1 
ATOM   710  C C   . ILE B 1 2  ? -12.689 -10.918 -11.430 1.00 25.82 ? 2   ILE B C   1 
ATOM   711  O O   . ILE B 1 2  ? -12.211 -11.985 -11.820 1.00 21.18 ? 2   ILE B O   1 
ATOM   712  C CB  . ILE B 1 2  ? -11.719 -10.059 -9.203  1.00 24.12 ? 2   ILE B CB  1 
ATOM   713  C CG1 . ILE B 1 2  ? -11.470 -8.601  -9.617  1.00 29.13 ? 2   ILE B CG1 1 
ATOM   714  C CG2 . ILE B 1 2  ? -10.498 -10.920 -9.367  1.00 20.91 ? 2   ILE B CG2 1 
ATOM   715  C CD1 . ILE B 1 2  ? -10.474 -7.852  -8.694  1.00 24.62 ? 2   ILE B CD1 1 
ATOM   716  N N   . LYS B 1 3  ? -13.073 -9.949  -12.251 1.00 26.03 ? 3   LYS B N   1 
ATOM   717  C CA  . LYS B 1 3  ? -12.906 -10.000 -13.693 1.00 28.90 ? 3   LYS B CA  1 
ATOM   718  C C   . LYS B 1 3  ? -11.994 -8.860  -14.119 1.00 24.72 ? 3   LYS B C   1 
ATOM   719  O O   . LYS B 1 3  ? -11.913 -7.827  -13.451 1.00 27.20 ? 3   LYS B O   1 
ATOM   720  C CB  . LYS B 1 3  ? -14.249 -9.863  -14.416 1.00 25.51 ? 3   LYS B CB  1 
ATOM   721  C CG  . LYS B 1 3  ? -15.343 -10.789 -13.918 1.00 35.85 ? 3   LYS B CG  1 
ATOM   722  C CD  . LYS B 1 3  ? -16.657 -10.491 -14.623 1.00 36.50 ? 3   LYS B CD  1 
ATOM   723  C CE  . LYS B 1 3  ? -16.447 -10.043 -16.061 0.00 36.48 ? 3   LYS B CE  1 
ATOM   724  N NZ  . LYS B 1 3  ? -16.099 -11.183 -16.942 0.00 38.41 ? 3   LYS B NZ  1 
ATOM   725  N N   . CYS B 1 4  ? -11.337 -9.026  -15.264 1.00 25.22 ? 4   CYS B N   1 
ATOM   726  C CA  . CYS B 1 4  ? -10.421 -7.977  -15.699 1.00 22.88 ? 4   CYS B CA  1 
ATOM   727  C C   . CYS B 1 4  ? -11.162 -6.689  -16.030 1.00 23.58 ? 4   CYS B C   1 
ATOM   728  O O   . CYS B 1 4  ? -10.585 -5.599  -15.937 1.00 22.34 ? 4   CYS B O   1 
ATOM   729  C CB  . CYS B 1 4  ? -9.592  -8.460  -16.882 1.00 24.05 ? 4   CYS B CB  1 
ATOM   730  S SG  . CYS B 1 4  ? -8.516  -9.854  -16.490 1.00 26.05 ? 4   CYS B SG  1 
ATOM   731  N N   . SER B 1 5  ? -12.443 -6.788  -16.396 1.00 22.92 ? 5   SER B N   1 
ATOM   732  C CA  . SER B 1 5  ? -13.241 -5.592  -16.627 1.00 24.77 ? 5   SER B CA  1 
ATOM   733  C C   . SER B 1 5  ? -13.385 -4.776  -15.349 1.00 21.96 ? 5   SER B C   1 
ATOM   734  O O   . SER B 1 5  ? -13.310 -3.540  -15.381 1.00 18.77 ? 5   SER B O   1 
ATOM   735  C CB  . SER B 1 5  ? -14.611 -5.996  -17.177 1.00 31.60 ? 5   SER B CB  1 
ATOM   736  O OG  . SER B 1 5  ? -15.126 -7.093  -16.439 1.00 31.18 ? 5   SER B OG  1 
ATOM   737  N N   . ASP B 1 6  ? -13.573 -5.458  -14.210 1.00 25.37 ? 6   ASP B N   1 
ATOM   738  C CA  . ASP B 1 6  ? -13.534 -4.797  -12.903 1.00 25.20 ? 6   ASP B CA  1 
ATOM   739  C C   . ASP B 1 6  ? -12.201 -4.104  -12.673 1.00 17.65 ? 6   ASP B C   1 
ATOM   740  O O   . ASP B 1 6  ? -12.147 -2.976  -12.166 1.00 20.77 ? 6   ASP B O   1 
ATOM   741  C CB  . ASP B 1 6  ? -13.739 -5.810  -11.773 1.00 26.82 ? 6   ASP B CB  1 
ATOM   742  C CG  . ASP B 1 6  ? -15.020 -6.584  -11.885 1.00 33.57 ? 6   ASP B CG  1 
ATOM   743  O OD1 . ASP B 1 6  ? -16.066 -5.976  -12.214 1.00 31.88 ? 6   ASP B OD1 1 
ATOM   744  O OD2 . ASP B 1 6  ? -14.968 -7.805  -11.604 1.00 36.17 ? 6   ASP B OD2 1 
ATOM   745  N N   . VAL B 1 7  ? -11.107 -4.811  -12.953 1.00 17.35 ? 7   VAL B N   1 
ATOM   746  C CA  . VAL B 1 7  ? -9.782  -4.258  -12.693 1.00 17.84 ? 7   VAL B CA  1 
ATOM   747  C C   . VAL B 1 7  ? -9.568  -3.002  -13.520 1.00 19.28 ? 7   VAL B C   1 
ATOM   748  O O   . VAL B 1 7  ? -9.132  -1.961  -13.005 1.00 18.08 ? 7   VAL B O   1 
ATOM   749  C CB  . VAL B 1 7  ? -8.703  -5.319  -12.966 1.00 18.91 ? 7   VAL B CB  1 
ATOM   750  C CG1 . VAL B 1 7  ? -7.308  -4.698  -12.943 1.00 18.43 ? 7   VAL B CG1 1 
ATOM   751  C CG2 . VAL B 1 7  ? -8.811  -6.446  -11.928 1.00 19.02 ? 7   VAL B CG2 1 
ATOM   752  N N   . SER B 1 8  ? -9.881  -3.084  -14.815 1.00 18.94 ? 8   SER B N   1 
ATOM   753  C CA  . SER B 1 8  ? -9.787  -1.924  -15.696 1.00 21.32 ? 8   SER B CA  1 
ATOM   754  C C   . SER B 1 8  ? -10.630 -0.757  -15.186 1.00 17.47 ? 8   SER B C   1 
ATOM   755  O O   . SER B 1 8  ? -10.177 0.389   -15.187 1.00 17.86 ? 8   SER B O   1 
ATOM   756  C CB  . SER B 1 8  ? -10.211 -2.318  -17.113 1.00 16.80 ? 8   SER B CB  1 
ATOM   757  O OG  . SER B 1 8  ? -9.312  -3.264  -17.654 1.00 22.69 ? 8   SER B OG  1 
ATOM   758  N N   . ASN B 1 9  ? -11.859 -1.028  -14.740 1.00 20.02 ? 9   ASN B N   1 
ATOM   759  C CA  . ASN B 1 9  ? -12.673 0.036   -14.155 1.00 22.82 ? 9   ASN B CA  1 
ATOM   760  C C   . ASN B 1 9  ? -11.958 0.699   -12.985 1.00 20.18 ? 9   ASN B C   1 
ATOM   761  O O   . ASN B 1 9  ? -11.944 1.932   -12.883 1.00 20.88 ? 9   ASN B O   1 
ATOM   762  C CB  . ASN B 1 9  ? -14.032 -0.511  -13.708 1.00 24.38 ? 9   ASN B CB  1 
ATOM   763  C CG  . ASN B 1 9  ? -14.889 0.550   -13.046 1.00 29.56 ? 9   ASN B CG  1 
ATOM   764  O OD1 . ASN B 1 9  ? -15.318 1.504   -13.693 1.00 27.40 ? 9   ASN B OD1 1 
ATOM   765  N ND2 . ASN B 1 9  ? -15.135 0.394   -11.744 1.00 30.21 ? 9   ASN B ND2 1 
ATOM   766  N N   . LYS B 1 10 ? -11.328 -0.106  -12.113 1.00 21.47 ? 10  LYS B N   1 
ATOM   767  C CA  . LYS B 1 10 ? -10.694 0.419   -10.903 1.00 21.23 ? 10  LYS B CA  1 
ATOM   768  C C   . LYS B 1 10 ? -9.544  1.374   -11.213 1.00 21.05 ? 10  LYS B C   1 
ATOM   769  O O   . LYS B 1 10 ? -9.320  2.331   -10.466 1.00 20.99 ? 10  LYS B O   1 
ATOM   770  C CB  . LYS B 1 10 ? -10.187 -0.733  -10.023 1.00 17.99 ? 10  LYS B CB  1 
ATOM   771  C CG  . LYS B 1 10 ? -11.268 -1.629  -9.406  1.00 23.32 ? 10  LYS B CG  1 
ATOM   772  C CD  . LYS B 1 10 ? -12.226 -0.839  -8.546  1.00 21.45 ? 10  LYS B CD  1 
ATOM   773  C CE  . LYS B 1 10 ? -13.128 -1.776  -7.760  1.00 35.65 ? 10  LYS B CE  1 
ATOM   774  N NZ  . LYS B 1 10 ? -14.328 -1.067  -7.252  1.00 36.85 ? 10  LYS B NZ  1 
ATOM   775  N N   . ILE B 1 11 ? -8.805  1.146   -12.299 1.00 21.74 ? 11  ILE B N   1 
ATOM   776  C CA  . ILE B 1 11 ? -7.660  1.991   -12.623 1.00 17.02 ? 11  ILE B CA  1 
ATOM   777  C C   . ILE B 1 11 ? -8.007  3.065   -13.654 1.00 21.06 ? 11  ILE B C   1 
ATOM   778  O O   . ILE B 1 11 ? -7.106  3.741   -14.148 1.00 17.86 ? 11  ILE B O   1 
ATOM   779  C CB  . ILE B 1 11 ? -6.450  1.151   -13.095 1.00 18.78 ? 11  ILE B CB  1 
ATOM   780  C CG1 . ILE B 1 11 ? -6.793  0.299   -14.322 1.00 18.76 ? 11  ILE B CG1 1 
ATOM   781  C CG2 . ILE B 1 11 ? -5.990  0.246   -11.991 1.00 21.31 ? 11  ILE B CG2 1 
ATOM   782  C CD1 . ILE B 1 11 ? -5.580  -0.237  -15.071 1.00 18.64 ? 11  ILE B CD1 1 
ATOM   783  N N   . SER B 1 12 ? -9.301  3.267   -13.960 1.00 18.41 ? 12  SER B N   1 
ATOM   784  C CA  . SER B 1 12 ? -9.657  4.097   -15.112 1.00 20.52 ? 12  SER B CA  1 
ATOM   785  C C   . SER B 1 12 ? -9.226  5.554   -14.943 1.00 24.95 ? 12  SER B C   1 
ATOM   786  O O   . SER B 1 12 ? -8.968  6.234   -15.940 1.00 23.16 ? 12  SER B O   1 
ATOM   787  C CB  . SER B 1 12 ? -11.166 4.014   -15.395 1.00 24.23 ? 12  SER B CB  1 
ATOM   788  O OG  . SER B 1 12 ? -11.934 4.530   -14.320 1.00 23.24 ? 12  SER B OG  1 
ATOM   789  N N   . ALA B 1 13 ? -9.126  6.051   -13.710 1.00 20.35 ? 13  ALA B N   1 
ATOM   790  C CA  . ALA B 1 13 ? -8.669  7.417   -13.488 1.00 24.26 ? 13  ALA B CA  1 
ATOM   791  C C   . ALA B 1 13 ? -7.160  7.508   -13.298 1.00 22.51 ? 13  ALA B C   1 
ATOM   792  O O   . ALA B 1 13 ? -6.645  8.596   -13.007 1.00 21.19 ? 13  ALA B O   1 
ATOM   793  C CB  . ALA B 1 13 ? -9.388  8.036   -12.289 1.00 27.10 ? 13  ALA B CB  1 
ATOM   794  N N   . CYS B 1 14 ? -6.441  6.398   -13.489 1.00 18.54 ? 14  CYS B N   1 
ATOM   795  C CA  . CYS B 1 14 ? -5.001  6.333   -13.264 1.00 22.31 ? 14  CYS B CA  1 
ATOM   796  C C   . CYS B 1 14 ? -4.182  6.409   -14.540 1.00 17.71 ? 14  CYS B C   1 
ATOM   797  O O   . CYS B 1 14 ? -2.949  6.451   -14.453 1.00 22.14 ? 14  CYS B O   1 
ATOM   798  C CB  . CYS B 1 14 ? -4.620  5.022   -12.562 1.00 21.12 ? 14  CYS B CB  1 
ATOM   799  S SG  . CYS B 1 14 ? -5.399  4.706   -10.983 1.00 20.29 ? 14  CYS B SG  1 
ATOM   800  N N   . LEU B 1 15 ? -4.829  6.401   -15.708 1.00 18.91 ? 15  LEU B N   1 
ATOM   801  C CA  . LEU B 1 15 ? -4.117  6.097   -16.948 1.00 21.73 ? 15  LEU B CA  1 
ATOM   802  C C   . LEU B 1 15 ? -3.166  7.215   -17.335 1.00 26.02 ? 15  LEU B C   1 
ATOM   803  O O   . LEU B 1 15 ? -2.082  6.954   -17.869 1.00 22.75 ? 15  LEU B O   1 
ATOM   804  C CB  . LEU B 1 15 ? -5.107  5.818   -18.079 1.00 19.86 ? 15  LEU B CB  1 
ATOM   805  C CG  . LEU B 1 15 ? -6.135  4.752   -17.721 1.00 16.37 ? 15  LEU B CG  1 
ATOM   806  C CD1 . LEU B 1 15 ? -7.033  4.422   -18.899 1.00 23.16 ? 15  LEU B CD1 1 
ATOM   807  C CD2 . LEU B 1 15 ? -5.437  3.495   -17.170 1.00 17.85 ? 15  LEU B CD2 1 
ATOM   808  N N   . SER B 1 16 ? -3.549  8.471   -17.091 1.00 28.68 ? 16  SER B N   1 
ATOM   809  C CA  . SER B 1 16 ? -2.630  9.559   -17.411 1.00 24.96 ? 16  SER B CA  1 
ATOM   810  C C   . SER B 1 16 ? -1.393  9.495   -16.527 1.00 28.11 ? 16  SER B C   1 
ATOM   811  O O   . SER B 1 16 ? -0.280  9.785   -16.985 1.00 29.72 ? 16  SER B O   1 
ATOM   812  C CB  . SER B 1 16 ? -3.329  10.912  -17.266 1.00 32.61 ? 16  SER B CB  1 
ATOM   813  O OG  . SER B 1 16 ? -2.470  11.963  -17.684 1.00 39.54 ? 16  SER B OG  1 
ATOM   814  N N   . TYR B 1 17 ? -1.567  9.118   -15.256 1.00 21.71 ? 17  TYR B N   1 
ATOM   815  C CA  . TYR B 1 17 ? -0.413  8.924   -14.388 1.00 25.78 ? 17  TYR B CA  1 
ATOM   816  C C   . TYR B 1 17 ? 0.476   7.797   -14.908 1.00 25.80 ? 17  TYR B C   1 
ATOM   817  O O   . TYR B 1 17 ? 1.707   7.925   -14.933 1.00 22.76 ? 17  TYR B O   1 
ATOM   818  C CB  . TYR B 1 17 ? -0.853  8.634   -12.946 1.00 25.58 ? 17  TYR B CB  1 
ATOM   819  C CG  . TYR B 1 17 ? 0.293   8.123   -12.094 1.00 28.67 ? 17  TYR B CG  1 
ATOM   820  C CD1 . TYR B 1 17 ? 0.409   6.773   -11.787 1.00 21.17 ? 17  TYR B CD1 1 
ATOM   821  C CD2 . TYR B 1 17 ? 1.292   8.981   -11.655 1.00 29.23 ? 17  TYR B CD2 1 
ATOM   822  C CE1 . TYR B 1 17 ? 1.470   6.294   -11.050 1.00 28.10 ? 17  TYR B CE1 1 
ATOM   823  C CE2 . TYR B 1 17 ? 2.364   8.509   -10.903 1.00 31.43 ? 17  TYR B CE2 1 
ATOM   824  C CZ  . TYR B 1 17 ? 2.448   7.165   -10.610 1.00 30.78 ? 17  TYR B CZ  1 
ATOM   825  O OH  . TYR B 1 17 ? 3.497   6.680   -9.873  1.00 30.36 ? 17  TYR B OH  1 
ATOM   826  N N   . LEU B 1 18 ? -0.130  6.688   -15.345 1.00 20.00 ? 18  LEU B N   1 
ATOM   827  C CA  . LEU B 1 18 ? 0.674   5.559   -15.817 1.00 23.60 ? 18  LEU B CA  1 
ATOM   828  C C   . LEU B 1 18 ? 1.490   5.927   -17.056 1.00 23.75 ? 18  LEU B C   1 
ATOM   829  O O   . LEU B 1 18 ? 2.546   5.329   -17.311 1.00 24.30 ? 18  LEU B O   1 
ATOM   830  C CB  . LEU B 1 18 ? -0.225  4.349   -16.102 1.00 20.66 ? 18  LEU B CB  1 
ATOM   831  C CG  . LEU B 1 18 ? -0.838  3.689   -14.855 1.00 21.49 ? 18  LEU B CG  1 
ATOM   832  C CD1 . LEU B 1 18 ? -1.811  2.549   -15.228 1.00 16.96 ? 18  LEU B CD1 1 
ATOM   833  C CD2 . LEU B 1 18 ? 0.237   3.177   -13.910 1.00 18.47 ? 18  LEU B CD2 1 
ATOM   834  N N   . LYS B 1 19 ? 1.022   6.894   -17.838 1.00 22.79 ? 19  LYS B N   1 
ATOM   835  C CA  . LYS B 1 19 ? 1.725   7.266   -19.063 1.00 27.68 ? 19  LYS B CA  1 
ATOM   836  C C   . LYS B 1 19 ? 2.845   8.270   -18.803 1.00 36.21 ? 19  LYS B C   1 
ATOM   837  O O   . LYS B 1 19 ? 3.951   8.123   -19.322 1.00 39.19 ? 19  LYS B O   1 
ATOM   838  C CB  . LYS B 1 19 ? 0.747   7.845   -20.079 1.00 31.59 ? 19  LYS B CB  1 
ATOM   839  C CG  . LYS B 1 19 ? -0.316  6.890   -20.564 1.00 30.48 ? 19  LYS B CG  1 
ATOM   840  C CD  . LYS B 1 19 ? -1.181  7.592   -21.612 1.00 33.41 ? 19  LYS B CD  1 
ATOM   841  C CE  . LYS B 1 19 ? -2.617  7.142   -21.542 1.00 23.94 ? 19  LYS B CE  1 
ATOM   842  N NZ  . LYS B 1 19 ? -3.380  7.504   -22.774 1.00 35.65 ? 19  LYS B NZ  1 
ATOM   843  N N   . GLN B 1 20 ? 2.586   9.321   -18.042 1.00 36.39 ? 20  GLN B N   1 
ATOM   844  C CA  . GLN B 1 20 ? 3.632   10.327  -17.918 1.00 46.45 ? 20  GLN B CA  1 
ATOM   845  C C   . GLN B 1 20 ? 3.661   10.883  -16.509 1.00 40.17 ? 20  GLN B C   1 
ATOM   846  O O   . GLN B 1 20 ? 3.799   12.092  -16.296 1.00 50.72 ? 20  GLN B O   1 
ATOM   847  C CB  . GLN B 1 20 ? 3.467   11.427  -18.973 1.00 49.38 ? 20  GLN B CB  1 
ATOM   848  C CG  . GLN B 1 20 ? 4.739   12.245  -19.251 1.00 54.21 ? 20  GLN B CG  1 
ATOM   849  C CD  . GLN B 1 20 ? 5.826   11.494  -20.030 1.00 61.87 ? 20  GLN B CD  1 
ATOM   850  O OE1 . GLN B 1 20 ? 6.315   10.443  -19.603 1.00 59.53 ? 20  GLN B OE1 1 
ATOM   851  N NE2 . GLN B 1 20 ? 6.231   12.062  -21.163 1.00 60.95 ? 20  GLN B NE2 1 
ATOM   852  N N   . GLY B 1 21 ? 3.535   9.985   -15.532 1.00 33.72 ? 21  GLY B N   1 
ATOM   853  C CA  . GLY B 1 21 ? 3.664   10.290  -14.126 1.00 35.15 ? 21  GLY B CA  1 
ATOM   854  C C   . GLY B 1 21 ? 2.940   11.530  -13.645 1.00 37.25 ? 21  GLY B C   1 
ATOM   855  O O   . GLY B 1 21 ? 1.871   11.892  -14.154 1.00 41.32 ? 21  GLY B O   1 
ATOM   856  N N   . GLY B 1 22 ? 3.539   12.191  -12.666 1.00 34.04 ? 22  GLY B N   1 
ATOM   857  C CA  . GLY B 1 22 ? 2.941   13.340  -12.030 1.00 43.48 ? 22  GLY B CA  1 
ATOM   858  C C   . GLY B 1 22 ? 2.363   13.005  -10.671 1.00 40.30 ? 22  GLY B C   1 
ATOM   859  O O   . GLY B 1 22 ? 2.703   12.006  -10.032 1.00 39.02 ? 22  GLY B O   1 
ATOM   860  N N   . GLU B 1 23 ? 1.480   13.884  -10.217 1.00 39.79 ? 23  GLU B N   1 
ATOM   861  C CA  . GLU B 1 23 ? 0.718   13.624  -9.009  1.00 41.26 ? 23  GLU B CA  1 
ATOM   862  C C   . GLU B 1 23 ? -0.402  12.641  -9.325  1.00 36.25 ? 23  GLU B C   1 
ATOM   863  O O   . GLU B 1 23 ? -1.009  12.691  -10.400 1.00 34.38 ? 23  GLU B O   1 
ATOM   864  C CB  . GLU B 1 23 ? 0.144   14.925  -8.452  1.00 46.03 ? 23  GLU B CB  1 
ATOM   865  C CG  . GLU B 1 23 ? -0.221  14.868  -6.981  1.00 53.00 ? 23  GLU B CG  1 
ATOM   866  C CD  . GLU B 1 23 ? -0.814  16.169  -6.486  1.00 57.50 ? 23  GLU B CD  1 
ATOM   867  O OE1 . GLU B 1 23 ? -2.058  16.247  -6.358  1.00 53.65 ? 23  GLU B OE1 1 
ATOM   868  O OE2 . GLU B 1 23 ? -0.034  17.115  -6.238  1.00 57.40 ? 23  GLU B OE2 1 
ATOM   869  N N   . VAL B 1 24 ? -0.669  11.738  -8.393  1.00 37.35 ? 24  VAL B N   1 
ATOM   870  C CA  . VAL B 1 24 ? -1.698  10.728  -8.633  1.00 29.58 ? 24  VAL B CA  1 
ATOM   871  C C   . VAL B 1 24 ? -3.064  11.321  -8.269  1.00 31.56 ? 24  VAL B C   1 
ATOM   872  O O   . VAL B 1 24 ? -3.227  11.816  -7.143  1.00 36.71 ? 24  VAL B O   1 
ATOM   873  C CB  . VAL B 1 24 ? -1.420  9.465   -7.833  1.00 27.17 ? 24  VAL B CB  1 
ATOM   874  C CG1 . VAL B 1 24 ? -2.564  8.491   -8.020  1.00 22.76 ? 24  VAL B CG1 1 
ATOM   875  C CG2 . VAL B 1 24 ? -0.098  8.843   -8.276  1.00 24.16 ? 24  VAL B CG2 1 
ATOM   876  N N   . PRO B 1 25 ? -4.036  11.277  -9.179  1.00 28.57 ? 25  PRO B N   1 
ATOM   877  C CA  . PRO B 1 25 ? -5.376  11.803  -8.866  1.00 29.54 ? 25  PRO B CA  1 
ATOM   878  C C   . PRO B 1 25 ? -5.998  11.095  -7.670  1.00 34.65 ? 25  PRO B C   1 
ATOM   879  O O   . PRO B 1 25 ? -5.807  9.893   -7.457  1.00 26.38 ? 25  PRO B O   1 
ATOM   880  C CB  . PRO B 1 25 ? -6.180  11.526  -10.146 1.00 29.53 ? 25  PRO B CB  1 
ATOM   881  C CG  . PRO B 1 25 ? -5.160  11.361  -11.228 1.00 29.52 ? 25  PRO B CG  1 
ATOM   882  C CD  . PRO B 1 25 ? -3.934  10.776  -10.560 1.00 29.68 ? 25  PRO B CD  1 
ATOM   883  N N   . ALA B 1 26 ? -6.763  11.856  -6.889  1.00 30.70 ? 26  ALA B N   1 
ATOM   884  C CA  . ALA B 1 26 ? -7.454  11.262  -5.749  1.00 25.64 ? 26  ALA B CA  1 
ATOM   885  C C   . ALA B 1 26 ? -8.395  10.154  -6.199  1.00 26.44 ? 26  ALA B C   1 
ATOM   886  O O   . ALA B 1 26 ? -8.513  9.122   -5.530  1.00 27.61 ? 26  ALA B O   1 
ATOM   887  C CB  . ALA B 1 26 ? -8.222  12.335  -4.977  1.00 36.47 ? 26  ALA B CB  1 
ATOM   888  N N   . ASP B 1 27 ? -9.075  10.352  -7.332  1.00 24.04 ? 27  ASP B N   1 
ATOM   889  C CA  . ASP B 1 27 ? -9.956  9.319   -7.866  1.00 22.79 ? 27  ASP B CA  1 
ATOM   890  C C   . ASP B 1 27 ? -9.184  8.053   -8.230  1.00 22.32 ? 27  ASP B C   1 
ATOM   891  O O   . ASP B 1 27 ? -9.730  6.949   -8.154  1.00 19.96 ? 27  ASP B O   1 
ATOM   892  C CB  . ASP B 1 27 ? -10.694 9.843   -9.095  1.00 26.96 ? 27  ASP B CB  1 
ATOM   893  C CG  . ASP B 1 27 ? -11.761 10.855  -8.747  1.00 40.06 ? 27  ASP B CG  1 
ATOM   894  O OD1 . ASP B 1 27 ? -12.074 11.012  -7.550  1.00 31.27 ? 27  ASP B OD1 1 
ATOM   895  O OD2 . ASP B 1 27 ? -12.293 11.489  -9.681  1.00 37.16 ? 27  ASP B OD2 1 
ATOM   896  N N   . CYS B 1 28 ? -7.924  8.197   -8.639  1.00 21.93 ? 28  CYS B N   1 
ATOM   897  C CA  . CYS B 1 28 ? -7.102  7.021   -8.917  1.00 20.09 ? 28  CYS B CA  1 
ATOM   898  C C   . CYS B 1 28 ? -6.817  6.240   -7.636  1.00 20.86 ? 28  CYS B C   1 
ATOM   899  O O   . CYS B 1 28 ? -6.967  5.014   -7.597  1.00 18.00 ? 28  CYS B O   1 
ATOM   900  C CB  . CYS B 1 28 ? -5.806  7.449   -9.600  1.00 24.72 ? 28  CYS B CB  1 
ATOM   901  S SG  . CYS B 1 28 ? -4.569  6.120   -9.783  1.00 19.62 ? 28  CYS B SG  1 
ATOM   902  N N   . CYS B 1 29 ? -6.417  6.939   -6.571  1.00 21.75 ? 29  CYS B N   1 
ATOM   903  C CA  . CYS B 1 29 ? -6.104  6.251   -5.325  1.00 26.82 ? 29  CYS B CA  1 
ATOM   904  C C   . CYS B 1 29 ? -7.333  5.563   -4.752  1.00 21.28 ? 29  CYS B C   1 
ATOM   905  O O   . CYS B 1 29 ? -7.231  4.481   -4.166  1.00 23.20 ? 29  CYS B O   1 
ATOM   906  C CB  . CYS B 1 29 ? -5.508  7.232   -4.314  1.00 23.56 ? 29  CYS B CB  1 
ATOM   907  S SG  . CYS B 1 29 ? -3.803  7.716   -4.659  1.00 23.30 ? 29  CYS B SG  1 
ATOM   908  N N   . THR B 1 30 ? -8.505  6.178   -4.914  1.00 22.77 ? 30  THR B N   1 
ATOM   909  C CA  . THR B 1 30 ? -9.757  5.530   -4.535  1.00 23.27 ? 30  THR B CA  1 
ATOM   910  C C   . THR B 1 30 ? -9.955  4.213   -5.278  1.00 27.41 ? 30  THR B C   1 
ATOM   911  O O   . THR B 1 30 ? -10.358 3.203   -4.684  1.00 23.73 ? 30  THR B O   1 
ATOM   912  C CB  . THR B 1 30 ? -10.923 6.483   -4.808  1.00 27.66 ? 30  THR B CB  1 
ATOM   913  O OG1 . THR B 1 30 ? -10.747 7.671   -4.018  1.00 33.44 ? 30  THR B OG1 1 
ATOM   914  C CG2 . THR B 1 30 ? -12.224 5.836   -4.463  1.00 27.07 ? 30  THR B CG2 1 
ATOM   915  N N   . GLY B 1 31 ? -9.671  4.200   -6.579  1.00 23.01 ? 31  GLY B N   1 
ATOM   916  C CA  . GLY B 1 31 ? -9.796  2.966   -7.330  1.00 21.20 ? 31  GLY B CA  1 
ATOM   917  C C   . GLY B 1 31 ? -8.744  1.942   -6.946  1.00 20.36 ? 31  GLY B C   1 
ATOM   918  O O   . GLY B 1 31 ? -9.021  0.738   -6.917  1.00 18.54 ? 31  GLY B O   1 
ATOM   919  N N   . VAL B 1 32 ? -7.521  2.399   -6.658  1.00 23.54 ? 32  VAL B N   1 
ATOM   920  C CA  . VAL B 1 32 ? -6.475  1.470   -6.229  1.00 17.65 ? 32  VAL B CA  1 
ATOM   921  C C   . VAL B 1 32 ? -6.874  0.796   -4.924  1.00 16.00 ? 32  VAL B C   1 
ATOM   922  O O   . VAL B 1 32 ? -6.679  -0.411  -4.746  1.00 16.49 ? 32  VAL B O   1 
ATOM   923  C CB  . VAL B 1 32 ? -5.123  2.193   -6.100  1.00 22.05 ? 32  VAL B CB  1 
ATOM   924  C CG1 . VAL B 1 32 ? -4.064  1.238   -5.505  1.00 20.19 ? 32  VAL B CG1 1 
ATOM   925  C CG2 . VAL B 1 32 ? -4.675  2.738   -7.473  1.00 19.12 ? 32  VAL B CG2 1 
ATOM   926  N N   . LYS B 1 33 ? -7.451  1.558   -3.994  1.00 18.92 ? 33  LYS B N   1 
ATOM   927  C CA  . LYS B 1 33 ? -7.944  0.940   -2.766  1.00 19.48 ? 33  LYS B CA  1 
ATOM   928  C C   . LYS B 1 33 ? -9.098  -0.023  -3.057  1.00 22.36 ? 33  LYS B C   1 
ATOM   929  O O   . LYS B 1 33 ? -9.175  -1.113  -2.470  1.00 18.28 ? 33  LYS B O   1 
ATOM   930  C CB  . LYS B 1 33 ? -8.365  2.019   -1.767  1.00 21.56 ? 33  LYS B CB  1 
ATOM   931  C CG  . LYS B 1 33 ? -9.216  1.486   -0.613  1.00 26.66 ? 33  LYS B CG  1 
ATOM   932  C CD  . LYS B 1 33 ? -9.529  2.586   0.401   1.00 27.61 ? 33  LYS B CD  1 
ATOM   933  C CE  . LYS B 1 33 ? -10.803 2.288   1.181   1.00 36.40 ? 33  LYS B CE  1 
ATOM   934  N NZ  . LYS B 1 33 ? -10.773 0.952   1.824   1.00 34.79 ? 33  LYS B NZ  1 
ATOM   935  N N   . GLY B 1 34 ? -9.994  0.345   -3.976  1.00 18.56 ? 34  GLY B N   1 
ATOM   936  C CA  . GLY B 1 34 ? -11.049 -0.585  -4.365  1.00 19.70 ? 34  GLY B CA  1 
ATOM   937  C C   . GLY B 1 34 ? -10.511 -1.866  -4.979  1.00 18.21 ? 34  GLY B C   1 
ATOM   938  O O   . GLY B 1 34 ? -11.057 -2.953  -4.765  1.00 20.52 ? 34  GLY B O   1 
ATOM   939  N N   . LEU B 1 35 ? -9.445  -1.752  -5.772  1.00 19.56 ? 35  LEU B N   1 
ATOM   940  C CA  . LEU B 1 35 ? -8.803  -2.933  -6.347  1.00 20.24 ? 35  LEU B CA  1 
ATOM   941  C C   . LEU B 1 35 ? -8.288  -3.863  -5.256  1.00 19.51 ? 35  LEU B C   1 
ATOM   942  O O   . LEU B 1 35 ? -8.499  -5.080  -5.311  1.00 19.13 ? 35  LEU B O   1 
ATOM   943  C CB  . LEU B 1 35 ? -7.671  -2.489  -7.281  1.00 18.30 ? 35  LEU B CB  1 
ATOM   944  C CG  . LEU B 1 35 ? -6.727  -3.500  -7.940  1.00 29.49 ? 35  LEU B CG  1 
ATOM   945  C CD1 . LEU B 1 35 ? -7.464  -4.409  -8.911  1.00 26.10 ? 35  LEU B CD1 1 
ATOM   946  C CD2 . LEU B 1 35 ? -5.591  -2.779  -8.644  1.00 24.59 ? 35  LEU B CD2 1 
ATOM   947  N N   . ASN B 1 36 ? -7.633  -3.305  -4.231  1.00 20.42 ? 36  ASN B N   1 
ATOM   948  C CA  . ASN B 1 36 ? -7.183  -4.129  -3.113  1.00 24.07 ? 36  ASN B CA  1 
ATOM   949  C C   . ASN B 1 36 ? -8.367  -4.784  -2.399  1.00 22.20 ? 36  ASN B C   1 
ATOM   950  O O   . ASN B 1 36 ? -8.349  -5.987  -2.117  1.00 20.12 ? 36  ASN B O   1 
ATOM   951  C CB  . ASN B 1 36 ? -6.360  -3.285  -2.139  1.00 21.28 ? 36  ASN B CB  1 
ATOM   952  C CG  . ASN B 1 36 ? -5.596  -4.130  -1.140  1.00 26.09 ? 36  ASN B CG  1 
ATOM   953  O OD1 . ASN B 1 36 ? -4.985  -5.139  -1.500  1.00 24.89 ? 36  ASN B OD1 1 
ATOM   954  N ND2 . ASN B 1 36 ? -5.634  -3.728  0.126   1.00 20.86 ? 36  ASN B ND2 1 
ATOM   955  N N   . ASP B 1 37 ? -9.423  -4.007  -2.121  1.00 19.32 ? 37  ASP B N   1 
ATOM   956  C CA  . ASP B 1 37 ? -10.584 -4.559  -1.419  1.00 24.22 ? 37  ASP B CA  1 
ATOM   957  C C   . ASP B 1 37 ? -11.341 -5.595  -2.249  1.00 22.56 ? 37  ASP B C   1 
ATOM   958  O O   . ASP B 1 37 ? -12.032 -6.447  -1.682  1.00 23.71 ? 37  ASP B O   1 
ATOM   959  C CB  . ASP B 1 37 ? -11.555 -3.443  -1.020  1.00 27.30 ? 37  ASP B CB  1 
ATOM   960  C CG  . ASP B 1 37 ? -10.945 -2.450  -0.061  1.00 30.02 ? 37  ASP B CG  1 
ATOM   961  O OD1 . ASP B 1 37 ? -9.858  -2.737  0.495   1.00 34.71 ? 37  ASP B OD1 1 
ATOM   962  O OD2 . ASP B 1 37 ? -11.561 -1.384  0.132   1.00 28.96 ? 37  ASP B OD2 1 
ATOM   963  N N   . ALA B 1 38 ? -11.258 -5.537  -3.573  1.00 19.84 ? 38  ALA B N   1 
ATOM   964  C CA  . ALA B 1 38 ? -11.963 -6.524  -4.388  1.00 21.68 ? 38  ALA B CA  1 
ATOM   965  C C   . ALA B 1 38 ? -11.283 -7.886  -4.427  1.00 25.95 ? 38  ALA B C   1 
ATOM   966  O O   . ALA B 1 38 ? -11.869 -8.830  -4.967  1.00 32.73 ? 38  ALA B O   1 
ATOM   967  C CB  . ALA B 1 38 ? -12.130 -6.019  -5.822  1.00 15.90 ? 38  ALA B CB  1 
ATOM   968  N N   . ALA B 1 39 ? -10.065 -8.024  -3.904  1.00 20.06 ? 39  ALA B N   1 
ATOM   969  C CA  . ALA B 1 39 ? -9.325  -9.286  -3.996  1.00 22.77 ? 39  ALA B CA  1 
ATOM   970  C C   . ALA B 1 39 ? -8.849  -9.674  -2.598  1.00 26.64 ? 39  ALA B C   1 
ATOM   971  O O   . ALA B 1 39 ? -7.782  -9.246  -2.151  1.00 24.95 ? 39  ALA B O   1 
ATOM   972  C CB  . ALA B 1 39 ? -8.173  -9.168  -4.979  1.00 17.87 ? 39  ALA B CB  1 
ATOM   973  N N   . LYS B 1 40 ? -9.645  -10.490 -1.911  1.00 23.92 ? 40  LYS B N   1 
ATOM   974  C CA  . LYS B 1 40 ? -9.365  -10.891 -0.533  1.00 31.60 ? 40  LYS B CA  1 
ATOM   975  C C   . LYS B 1 40 ? -9.020  -12.373 -0.391  1.00 29.72 ? 40  LYS B C   1 
ATOM   976  O O   . LYS B 1 40 ? -8.881  -12.862 0.735   1.00 27.98 ? 40  LYS B O   1 
ATOM   977  C CB  . LYS B 1 40 ? -10.556 -10.551 0.363   1.00 31.38 ? 40  LYS B CB  1 
ATOM   978  C CG  . LYS B 1 40 ? -10.853 -9.052  0.475   1.00 35.65 ? 40  LYS B CG  1 
ATOM   979  C CD  . LYS B 1 40 ? -11.923 -8.783  1.533   1.00 49.12 ? 40  LYS B CD  1 
ATOM   980  C CE  . LYS B 1 40 ? -12.474 -7.360  1.451   1.00 47.33 ? 40  LYS B CE  1 
ATOM   981  N NZ  . LYS B 1 40 ? -11.517 -6.324  1.946   1.00 46.83 ? 40  LYS B NZ  1 
ATOM   982  N N   . THR B 1 41 ? -8.908  -13.107 -1.496  1.00 20.80 ? 41  THR B N   1 
ATOM   983  C CA  . THR B 1 41 ? -8.442  -14.486 -1.473  1.00 22.62 ? 41  THR B CA  1 
ATOM   984  C C   . THR B 1 41 ? -7.230  -14.596 -2.384  1.00 19.46 ? 41  THR B C   1 
ATOM   985  O O   . THR B 1 41 ? -6.985  -13.729 -3.223  1.00 25.89 ? 41  THR B O   1 
ATOM   986  C CB  . THR B 1 41 ? -9.521  -15.478 -1.940  1.00 21.76 ? 41  THR B CB  1 
ATOM   987  O OG1 . THR B 1 41 ? -9.848  -15.198 -3.309  1.00 18.31 ? 41  THR B OG1 1 
ATOM   988  C CG2 . THR B 1 41 ? -10.785 -15.372 -1.087  1.00 24.06 ? 41  THR B CG2 1 
ATOM   989  N N   . THR B 1 42 ? -6.464  -15.666 -2.209  1.00 14.61 ? 42  THR B N   1 
ATOM   990  C CA  . THR B 1 42 ? -5.323  -15.893 -3.089  1.00 19.55 ? 42  THR B CA  1 
ATOM   991  C C   . THR B 1 42 ? -5.729  -16.012 -4.557  1.00 20.07 ? 42  THR B C   1 
ATOM   992  O O   . THR B 1 42 ? -5.066  -15.392 -5.409  1.00 17.48 ? 42  THR B O   1 
ATOM   993  C CB  . THR B 1 42 ? -4.554  -17.133 -2.618  1.00 23.01 ? 42  THR B CB  1 
ATOM   994  O OG1 . THR B 1 42 ? -4.074  -16.931 -1.277  1.00 21.80 ? 42  THR B OG1 1 
ATOM   995  C CG2 . THR B 1 42 ? -3.386  -17.409 -3.551  1.00 23.21 ? 42  THR B CG2 1 
ATOM   996  N N   . PRO B 1 43 ? -6.761  -16.785 -4.933  1.00 19.53 ? 43  PRO B N   1 
ATOM   997  C CA  . PRO B 1 43 ? -7.163  -16.790 -6.351  1.00 15.59 ? 43  PRO B CA  1 
ATOM   998  C C   . PRO B 1 43 ? -7.481  -15.402 -6.871  1.00 16.53 ? 43  PRO B C   1 
ATOM   999  O O   . PRO B 1 43 ? -7.029  -15.033 -7.961  1.00 18.57 ? 43  PRO B O   1 
ATOM   1000 C CB  . PRO B 1 43 ? -8.398  -17.709 -6.367  1.00 17.45 ? 43  PRO B CB  1 
ATOM   1001 C CG  . PRO B 1 43 ? -8.193  -18.624 -5.208  1.00 18.33 ? 43  PRO B CG  1 
ATOM   1002 C CD  . PRO B 1 43 ? -7.527  -17.775 -4.149  1.00 16.47 ? 43  PRO B CD  1 
ATOM   1003 N N   . ASP B 1 44 ? -8.245  -14.613 -6.119  1.00 15.85 ? 44  ASP B N   1 
ATOM   1004 C CA  . ASP B 1 44 ? -8.629  -13.306 -6.630  1.00 17.29 ? 44  ASP B CA  1 
ATOM   1005 C C   . ASP B 1 44 ? -7.435  -12.362 -6.724  1.00 15.87 ? 44  ASP B C   1 
ATOM   1006 O O   . ASP B 1 44 ? -7.366  -11.546 -7.649  1.00 14.85 ? 44  ASP B O   1 
ATOM   1007 C CB  . ASP B 1 44 ? -9.737  -12.703 -5.767  1.00 18.22 ? 44  ASP B CB  1 
ATOM   1008 C CG  . ASP B 1 44 ? -11.118 -13.275 -6.106  1.00 20.18 ? 44  ASP B CG  1 
ATOM   1009 O OD1 . ASP B 1 44 ? -11.218 -14.105 -7.043  1.00 18.94 ? 44  ASP B OD1 1 
ATOM   1010 O OD2 . ASP B 1 44 ? -12.100 -12.868 -5.447  1.00 22.48 ? 44  ASP B OD2 1 
ATOM   1011 N N   . ARG B 1 45 ? -6.472  -12.479 -5.811  1.00 17.43 ? 45  ARG B N   1 
ATOM   1012 C CA  . ARG B 1 45 ? -5.262  -11.680 -5.931  1.00 17.39 ? 45  ARG B CA  1 
ATOM   1013 C C   . ARG B 1 45 ? -4.495  -12.043 -7.198  1.00 16.71 ? 45  ARG B C   1 
ATOM   1014 O O   . ARG B 1 45 ? -4.059  -11.160 -7.945  1.00 18.06 ? 45  ARG B O   1 
ATOM   1015 C CB  . ARG B 1 45 ? -4.399  -11.857 -4.682  1.00 21.45 ? 45  ARG B CB  1 
ATOM   1016 C CG  . ARG B 1 45 ? -5.012  -11.208 -3.466  1.00 24.33 ? 45  ARG B CG  1 
ATOM   1017 C CD  . ARG B 1 45 ? -4.125  -11.414 -2.251  1.00 29.64 ? 45  ARG B CD  1 
ATOM   1018 N NE  . ARG B 1 45 ? -4.644  -10.710 -1.089  1.00 40.25 ? 45  ARG B NE  1 
ATOM   1019 C CZ  . ARG B 1 45 ? -5.152  -11.309 -0.024  1.00 41.04 ? 45  ARG B CZ  1 
ATOM   1020 N NH1 . ARG B 1 45 ? -5.200  -12.640 0.019   1.00 41.19 ? 45  ARG B NH1 1 
ATOM   1021 N NH2 . ARG B 1 45 ? -5.603  -10.577 0.996   1.00 37.47 ? 45  ARG B NH2 1 
ATOM   1022 N N   . GLN B 1 46 ? -4.348  -13.340 -7.474  1.00 16.70 ? 46  GLN B N   1 
ATOM   1023 C CA  . GLN B 1 46 ? -3.648  -13.752 -8.691  1.00 18.25 ? 46  GLN B CA  1 
ATOM   1024 C C   . GLN B 1 46 ? -4.401  -13.305 -9.941  1.00 16.88 ? 46  GLN B C   1 
ATOM   1025 O O   . GLN B 1 46 ? -3.784  -12.889 -10.931 1.00 16.41 ? 46  GLN B O   1 
ATOM   1026 C CB  . GLN B 1 46 ? -3.431  -15.269 -8.689  1.00 19.88 ? 46  GLN B CB  1 
ATOM   1027 C CG  . GLN B 1 46 ? -2.449  -15.736 -7.595  1.00 20.21 ? 46  GLN B CG  1 
ATOM   1028 C CD  . GLN B 1 46 ? -2.037  -17.195 -7.733  1.00 24.10 ? 46  GLN B CD  1 
ATOM   1029 O OE1 . GLN B 1 46 ? -2.413  -17.884 -8.693  1.00 18.87 ? 46  GLN B OE1 1 
ATOM   1030 N NE2 . GLN B 1 46 ? -1.257  -17.677 -6.766  1.00 22.32 ? 46  GLN B NE2 1 
ATOM   1031 N N   . THR B 1 47 ? -5.737  -13.355 -9.913  1.00 15.45 ? 47  THR B N   1 
ATOM   1032 C CA  . THR B 1 47 ? -6.501  -12.866 -11.063 1.00 18.00 ? 47  THR B CA  1 
ATOM   1033 C C   . THR B 1 47 ? -6.261  -11.376 -11.296 1.00 19.00 ? 47  THR B C   1 
ATOM   1034 O O   . THR B 1 47 ? -6.013  -10.940 -12.428 1.00 16.83 ? 47  THR B O   1 
ATOM   1035 C CB  . THR B 1 47 ? -7.998  -13.144 -10.873 1.00 17.50 ? 47  THR B CB  1 
ATOM   1036 O OG1 . THR B 1 47 ? -8.211  -14.554 -10.769 1.00 16.76 ? 47  THR B OG1 1 
ATOM   1037 C CG2 . THR B 1 47 ? -8.798  -12.595 -12.051 1.00 18.39 ? 47  THR B CG2 1 
ATOM   1038 N N   . ALA B 1 48 ? -6.333  -10.575 -10.230 1.00 16.96 ? 48  ALA B N   1 
ATOM   1039 C CA  . ALA B 1 48 ? -6.111  -9.143  -10.370 1.00 12.07 ? 48  ALA B CA  1 
ATOM   1040 C C   . ALA B 1 48 ? -4.703  -8.864  -10.869 1.00 19.45 ? 48  ALA B C   1 
ATOM   1041 O O   . ALA B 1 48 ? -4.504  -8.024  -11.762 1.00 16.84 ? 48  ALA B O   1 
ATOM   1042 C CB  . ALA B 1 48 ? -6.377  -8.438  -9.039  1.00 19.22 ? 48  ALA B CB  1 
ATOM   1043 N N   . CYS B 1 49 ? -3.721  -9.591  -10.324 1.00 15.37 ? 49  CYS B N   1 
ATOM   1044 C CA  . CYS B 1 49 ? -2.343  -9.473  -10.780 1.00 20.36 ? 49  CYS B CA  1 
ATOM   1045 C C   . CYS B 1 49 ? -2.233  -9.743  -12.279 1.00 22.11 ? 49  CYS B C   1 
ATOM   1046 O O   . CYS B 1 49 ? -1.639  -8.953  -13.020 1.00 19.43 ? 49  CYS B O   1 
ATOM   1047 C CB  . CYS B 1 49 ? -1.466  -10.440 -9.980  1.00 21.12 ? 49  CYS B CB  1 
ATOM   1048 S SG  . CYS B 1 49 ? 0.292   -10.403 -10.353 1.00 22.35 ? 49  CYS B SG  1 
ATOM   1049 N N   . ASN B 1 50 ? -2.815  -10.855 -12.743 1.00 20.96 ? 50  ASN B N   1 
ATOM   1050 C CA  . ASN B 1 50 ? -2.712  -11.212 -14.157 1.00 17.75 ? 50  ASN B CA  1 
ATOM   1051 C C   . ASN B 1 50 ? -3.506  -10.257 -15.036 1.00 17.05 ? 50  ASN B C   1 
ATOM   1052 O O   . ASN B 1 50 ? -3.126  -10.026 -16.191 1.00 24.65 ? 50  ASN B O   1 
ATOM   1053 C CB  . ASN B 1 50 ? -3.185  -12.660 -14.382 1.00 22.15 ? 50  ASN B CB  1 
ATOM   1054 C CG  . ASN B 1 50 ? -2.159  -13.704 -13.937 1.00 25.94 ? 50  ASN B CG  1 
ATOM   1055 O OD1 . ASN B 1 50 ? -1.027  -13.733 -14.419 1.00 31.40 ? 50  ASN B OD1 1 
ATOM   1056 N ND2 . ASN B 1 50 ? -2.563  -14.573 -13.015 1.00 24.37 ? 50  ASN B ND2 1 
ATOM   1057 N N   . CYS B 1 51 ? -4.612  -9.705  -14.528 1.00 17.62 ? 51  CYS B N   1 
ATOM   1058 C CA  . CYS B 1 51 ? -5.373  -8.736  -15.310 1.00 20.94 ? 51  CYS B CA  1 
ATOM   1059 C C   . CYS B 1 51 ? -4.528  -7.507  -15.621 1.00 19.08 ? 51  CYS B C   1 
ATOM   1060 O O   . CYS B 1 51 ? -4.506  -7.020  -16.757 1.00 18.87 ? 51  CYS B O   1 
ATOM   1061 C CB  . CYS B 1 51 ? -6.640  -8.327  -14.567 1.00 18.43 ? 51  CYS B CB  1 
ATOM   1062 S SG  . CYS B 1 51 ? -7.966  -9.573  -14.540 1.00 21.08 ? 51  CYS B SG  1 
ATOM   1063 N N   . LEU B 1 52 ? -3.818  -6.999  -14.613 1.00 19.57 ? 52  LEU B N   1 
ATOM   1064 C CA  . LEU B 1 52 ? -2.932  -5.858  -14.807 1.00 17.50 ? 52  LEU B CA  1 
ATOM   1065 C C   . LEU B 1 52 ? -1.782  -6.193  -15.747 1.00 20.58 ? 52  LEU B C   1 
ATOM   1066 O O   . LEU B 1 52 ? -1.371  -5.354  -16.556 1.00 18.75 ? 52  LEU B O   1 
ATOM   1067 C CB  . LEU B 1 52 ? -2.397  -5.387  -13.451 1.00 20.90 ? 52  LEU B CB  1 
ATOM   1068 C CG  . LEU B 1 52 ? -3.421  -4.696  -12.558 1.00 18.35 ? 52  LEU B CG  1 
ATOM   1069 C CD1 . LEU B 1 52 ? -2.828  -4.412  -11.164 1.00 23.35 ? 52  LEU B CD1 1 
ATOM   1070 C CD2 . LEU B 1 52 ? -3.896  -3.411  -13.211 1.00 19.75 ? 52  LEU B CD2 1 
ATOM   1071 N N   . LYS B 1 53 ? -1.227  -7.405  -15.648 1.00 18.41 ? 53  LYS B N   1 
ATOM   1072 C CA  . LYS B 1 53 ? -0.204  -7.789  -16.612 1.00 20.07 ? 53  LYS B CA  1 
ATOM   1073 C C   . LYS B 1 53 ? -0.752  -7.711  -18.028 1.00 16.80 ? 53  LYS B C   1 
ATOM   1074 O O   . LYS B 1 53 ? -0.078  -7.222  -18.935 1.00 16.98 ? 53  LYS B O   1 
ATOM   1075 C CB  . LYS B 1 53 ? 0.325   -9.194  -16.319 1.00 24.55 ? 53  LYS B CB  1 
ATOM   1076 C CG  . LYS B 1 53 ? 1.516   -9.210  -15.359 1.00 35.24 ? 53  LYS B CG  1 
ATOM   1077 C CD  . LYS B 1 53 ? 1.937   -10.631 -15.073 0.00 34.72 ? 53  LYS B CD  1 
ATOM   1078 C CE  . LYS B 1 53 ? 3.074   -11.034 -15.988 0.00 39.18 ? 53  LYS B CE  1 
ATOM   1079 N NZ  . LYS B 1 53 ? 3.647   -12.350 -15.602 0.00 40.35 ? 53  LYS B NZ  1 
ATOM   1080 N N   . THR B 1 54 ? -1.989  -8.156  -18.227 1.00 18.92 ? 54  THR B N   1 
ATOM   1081 C CA  . THR B 1 54 ? -2.564  -8.157  -19.567 1.00 20.47 ? 54  THR B CA  1 
ATOM   1082 C C   . THR B 1 54 ? -2.847  -6.732  -20.036 1.00 21.46 ? 54  THR B C   1 
ATOM   1083 O O   . THR B 1 54 ? -2.610  -6.387  -21.207 1.00 17.90 ? 54  THR B O   1 
ATOM   1084 C CB  . THR B 1 54 ? -3.825  -9.022  -19.578 1.00 19.25 ? 54  THR B CB  1 
ATOM   1085 O OG1 . THR B 1 54 ? -3.461  -10.392 -19.349 1.00 16.98 ? 54  THR B OG1 1 
ATOM   1086 C CG2 . THR B 1 54 ? -4.536  -8.933  -20.930 1.00 24.54 ? 54  THR B CG2 1 
ATOM   1087 N N   . THR B 1 55 ? -3.319  -5.878  -19.122 1.00 15.70 ? 55  THR B N   1 
ATOM   1088 C CA  . THR B 1 55 ? -3.449  -4.453  -19.424 1.00 17.40 ? 55  THR B CA  1 
ATOM   1089 C C   . THR B 1 55 ? -2.119  -3.854  -19.871 1.00 23.07 ? 55  THR B C   1 
ATOM   1090 O O   . THR B 1 55 ? -2.073  -3.069  -20.828 1.00 21.06 ? 55  THR B O   1 
ATOM   1091 C CB  . THR B 1 55 ? -3.994  -3.706  -18.202 1.00 18.46 ? 55  THR B CB  1 
ATOM   1092 O OG1 . THR B 1 55 ? -5.385  -4.033  -18.025 1.00 22.82 ? 55  THR B OG1 1 
ATOM   1093 C CG2 . THR B 1 55 ? -3.835  -2.196  -18.369 1.00 18.19 ? 55  THR B CG2 1 
ATOM   1094 N N   . PHE B 1 56 ? -1.019  -4.202  -19.194 1.00 19.13 ? 56  PHE B N   1 
ATOM   1095 C CA  . PHE B 1 56 ? 0.232   -3.543  -19.562 1.00 20.66 ? 56  PHE B CA  1 
ATOM   1096 C C   . PHE B 1 56 ? 0.802   -4.084  -20.876 1.00 21.00 ? 56  PHE B C   1 
ATOM   1097 O O   . PHE B 1 56 ? 1.453   -3.333  -21.612 1.00 19.25 ? 56  PHE B O   1 
ATOM   1098 C CB  . PHE B 1 56 ? 1.240   -3.641  -18.410 1.00 22.54 ? 56  PHE B CB  1 
ATOM   1099 C CG  . PHE B 1 56 ? 1.014   -2.610  -17.326 1.00 29.11 ? 56  PHE B CG  1 
ATOM   1100 C CD1 . PHE B 1 56 ? 2.000   -1.683  -17.006 1.00 29.46 ? 56  PHE B CD1 1 
ATOM   1101 C CD2 . PHE B 1 56 ? -0.205  -2.540  -16.654 1.00 28.16 ? 56  PHE B CD2 1 
ATOM   1102 C CE1 . PHE B 1 56 ? 1.779   -0.729  -16.020 1.00 25.88 ? 56  PHE B CE1 1 
ATOM   1103 C CE2 . PHE B 1 56 ? -0.429  -1.581  -15.666 1.00 20.75 ? 56  PHE B CE2 1 
ATOM   1104 C CZ  . PHE B 1 56 ? 0.559   -0.680  -15.351 1.00 21.97 ? 56  PHE B CZ  1 
ATOM   1105 N N   . LYS B 1 57 ? 0.530   -5.354  -21.209 1.00 17.34 ? 57  LYS B N   1 
ATOM   1106 C CA  . LYS B 1 57 ? 0.913   -5.883  -22.519 1.00 20.18 ? 57  LYS B CA  1 
ATOM   1107 C C   . LYS B 1 57 ? 0.113   -5.247  -23.650 1.00 20.02 ? 57  LYS B C   1 
ATOM   1108 O O   . LYS B 1 57 ? 0.614   -5.134  -24.775 1.00 19.01 ? 57  LYS B O   1 
ATOM   1109 C CB  . LYS B 1 57 ? 0.717   -7.399  -22.573 1.00 21.58 ? 57  LYS B CB  1 
ATOM   1110 C CG  . LYS B 1 57 ? 1.676   -8.229  -21.700 1.00 27.47 ? 57  LYS B CG  1 
ATOM   1111 C CD  . LYS B 1 57 ? 1.268   -9.706  -21.740 1.00 18.94 ? 57  LYS B CD  1 
ATOM   1112 C CE  . LYS B 1 57 ? 2.131   -10.584 -20.842 1.00 31.42 ? 57  LYS B CE  1 
ATOM   1113 N NZ  . LYS B 1 57 ? 1.491   -11.921 -20.632 1.00 35.01 ? 57  LYS B NZ  1 
ATOM   1114 N N   . SER B 1 58 ? -1.135  -4.865  -23.385 1.00 17.25 ? 58  SER B N   1 
ATOM   1115 C CA  . SER B 1 58 ? -1.994  -4.231  -24.371 1.00 17.86 ? 58  SER B CA  1 
ATOM   1116 C C   . SER B 1 58 ? -1.812  -2.721  -24.433 1.00 18.46 ? 58  SER B C   1 
ATOM   1117 O O   . SER B 1 58 ? -2.399  -2.079  -25.306 1.00 17.69 ? 58  SER B O   1 
ATOM   1118 C CB  . SER B 1 58 ? -3.472  -4.538  -24.074 1.00 18.68 ? 58  SER B CB  1 
ATOM   1119 O OG  . SER B 1 58 ? -3.683  -5.910  -23.769 1.00 18.55 ? 58  SER B OG  1 
ATOM   1120 N N   . ASN B 1 59 ? -1.048  -2.132  -23.505 1.00 15.38 ? 59  ASN B N   1 
ATOM   1121 C CA  . ASN B 1 59 ? -0.863  -0.681  -23.423 1.00 18.96 ? 59  ASN B CA  1 
ATOM   1122 C C   . ASN B 1 59 ? 0.614   -0.453  -23.132 1.00 21.26 ? 59  ASN B C   1 
ATOM   1123 O O   . ASN B 1 59 ? 0.988   -0.115  -22.009 1.00 20.71 ? 59  ASN B O   1 
ATOM   1124 C CB  . ASN B 1 59 ? -1.751  -0.035  -22.352 1.00 22.61 ? 59  ASN B CB  1 
ATOM   1125 C CG  . ASN B 1 59 ? -3.228  -0.185  -22.653 1.00 19.19 ? 59  ASN B CG  1 
ATOM   1126 O OD1 . ASN B 1 59 ? -3.847  0.699   -23.246 1.00 16.86 ? 59  ASN B OD1 1 
ATOM   1127 N ND2 . ASN B 1 59 ? -3.798  -1.320  -22.259 1.00 16.86 ? 59  ASN B ND2 1 
ATOM   1128 N N   . LYS B 1 60 ? 1.450   -0.614  -24.163 1.00 19.99 ? 60  LYS B N   1 
ATOM   1129 C CA  . LYS B 1 60 ? 2.896   -0.548  -23.959 1.00 22.70 ? 60  LYS B CA  1 
ATOM   1130 C C   . LYS B 1 60 ? 3.388   0.823   -23.538 1.00 24.59 ? 60  LYS B C   1 
ATOM   1131 O O   . LYS B 1 60 ? 4.580   0.953   -23.226 1.00 24.83 ? 60  LYS B O   1 
ATOM   1132 C CB  . LYS B 1 60 ? 3.675   -0.939  -25.225 1.00 23.49 ? 60  LYS B CB  1 
ATOM   1133 C CG  . LYS B 1 60 ? 3.255   -2.209  -25.924 1.00 29.97 ? 60  LYS B CG  1 
ATOM   1134 C CD  . LYS B 1 60 ? 3.610   -3.478  -25.192 1.00 30.92 ? 60  LYS B CD  1 
ATOM   1135 C CE  . LYS B 1 60 ? 3.769   -4.630  -26.204 1.00 31.88 ? 60  LYS B CE  1 
ATOM   1136 N NZ  . LYS B 1 60 ? 3.019   -5.891  -25.854 1.00 26.39 ? 60  LYS B NZ  1 
ATOM   1137 N N   . ASP B 1 61 ? 2.537   1.847   -23.570 1.00 23.58 ? 61  ASP B N   1 
ATOM   1138 C CA  . ASP B 1 61 ? 2.918   3.168   -23.102 1.00 20.92 ? 61  ASP B CA  1 
ATOM   1139 C C   . ASP B 1 61 ? 2.620   3.382   -21.624 1.00 26.85 ? 61  ASP B C   1 
ATOM   1140 O O   . ASP B 1 61 ? 2.875   4.477   -21.110 1.00 24.66 ? 61  ASP B O   1 
ATOM   1141 C CB  . ASP B 1 61 ? 2.216   4.250   -23.933 1.00 22.65 ? 61  ASP B CB  1 
ATOM   1142 C CG  . ASP B 1 61 ? 0.705   4.129   -23.890 1.00 29.26 ? 61  ASP B CG  1 
ATOM   1143 O OD1 . ASP B 1 61 ? 0.193   3.059   -23.485 1.00 23.04 ? 61  ASP B OD1 1 
ATOM   1144 O OD2 . ASP B 1 61 ? 0.032   5.106   -24.263 1.00 26.63 ? 61  ASP B OD2 1 
ATOM   1145 N N   . PHE B 1 62 ? 2.078   2.379   -20.931 1.00 19.82 ? 62  PHE B N   1 
ATOM   1146 C CA  . PHE B 1 62 ? 1.964   2.448   -19.476 1.00 21.69 ? 62  PHE B CA  1 
ATOM   1147 C C   . PHE B 1 62 ? 3.309   2.061   -18.877 1.00 24.95 ? 62  PHE B C   1 
ATOM   1148 O O   . PHE B 1 62 ? 3.810   0.960   -19.131 1.00 25.98 ? 62  PHE B O   1 
ATOM   1149 C CB  . PHE B 1 62 ? 0.873   1.515   -18.937 1.00 23.13 ? 62  PHE B CB  1 
ATOM   1150 C CG  . PHE B 1 62 ? -0.533  1.881   -19.342 1.00 23.03 ? 62  PHE B CG  1 
ATOM   1151 C CD1 . PHE B 1 62 ? -0.802  2.994   -20.119 1.00 18.05 ? 62  PHE B CD1 1 
ATOM   1152 C CD2 . PHE B 1 62 ? -1.596  1.103   -18.910 1.00 24.31 ? 62  PHE B CD2 1 
ATOM   1153 C CE1 . PHE B 1 62 ? -2.107  3.298   -20.485 1.00 23.82 ? 62  PHE B CE1 1 
ATOM   1154 C CE2 . PHE B 1 62 ? -2.906  1.409   -19.264 1.00 17.81 ? 62  PHE B CE2 1 
ATOM   1155 C CZ  . PHE B 1 62 ? -3.159  2.499   -20.047 1.00 20.49 ? 62  PHE B CZ  1 
ATOM   1156 N N   . LYS B 1 63 ? 3.877   2.947   -18.066 1.00 24.50 ? 63  LYS B N   1 
ATOM   1157 C CA  . LYS B 1 63 ? 5.266   2.823   -17.646 1.00 28.98 ? 63  LYS B CA  1 
ATOM   1158 C C   . LYS B 1 63 ? 5.409   1.993   -16.382 1.00 34.05 ? 63  LYS B C   1 
ATOM   1159 O O   . LYS B 1 63 ? 4.674   2.180   -15.403 1.00 24.67 ? 63  LYS B O   1 
ATOM   1160 C CB  . LYS B 1 63 ? 5.887   4.202   -17.428 1.00 25.33 ? 63  LYS B CB  1 
ATOM   1161 C CG  . LYS B 1 63 ? 6.446   4.802   -18.688 1.00 31.52 ? 63  LYS B CG  1 
ATOM   1162 C CD  . LYS B 1 63 ? 5.379   5.570   -19.399 1.00 38.46 ? 63  LYS B CD  1 
ATOM   1163 C CE  . LYS B 1 63 ? 5.808   6.089   -20.772 1.00 38.04 ? 63  LYS B CE  1 
ATOM   1164 N NZ  . LYS B 1 63 ? 4.624   6.715   -21.463 1.00 36.54 ? 63  LYS B NZ  1 
ATOM   1165 N N   . SER B 1 64 ? 6.391   1.091   -16.401 0.98 27.76 ? 64  SER B N   1 
ATOM   1166 C CA  . SER B 1 64 ? 6.583   0.178   -15.282 0.98 33.51 ? 64  SER B CA  1 
ATOM   1167 C C   . SER B 1 64 ? 6.972   0.932   -14.015 0.98 29.71 ? 64  SER B C   1 
ATOM   1168 O O   . SER B 1 64 ? 6.485   0.615   -12.922 0.98 23.83 ? 64  SER B O   1 
ATOM   1169 C CB  . SER B 1 64 ? 7.643   -0.869  -15.639 0.98 31.75 ? 64  SER B CB  1 
ATOM   1170 O OG  . SER B 1 64 ? 7.489   -2.026  -14.840 0.98 54.92 ? 64  SER B OG  1 
ATOM   1171 N N   . ASP B 1 65 ? 7.840   1.939   -14.147 1.00 30.22 ? 65  ASP B N   1 
ATOM   1172 C CA  . ASP B 1 65 ? 8.302   2.690   -12.982 1.00 33.75 ? 65  ASP B CA  1 
ATOM   1173 C C   . ASP B 1 65 ? 7.154   3.402   -12.294 1.00 26.95 ? 65  ASP B C   1 
ATOM   1174 O O   . ASP B 1 65 ? 7.053   3.382   -11.066 1.00 30.65 ? 65  ASP B O   1 
ATOM   1175 C CB  . ASP B 1 65 ? 9.369   3.702   -13.390 1.00 36.62 ? 65  ASP B CB  1 
ATOM   1176 C CG  . ASP B 1 65 ? 10.726  3.071   -13.589 1.00 44.45 ? 65  ASP B CG  1 
ATOM   1177 O OD1 . ASP B 1 65 ? 11.688  3.818   -13.868 1.00 56.53 ? 65  ASP B OD1 1 
ATOM   1178 O OD2 . ASP B 1 65 ? 10.837  1.829   -13.464 1.00 43.14 ? 65  ASP B OD2 1 
ATOM   1179 N N   . PHE B 1 66 ? 6.286   4.051   -13.069 1.00 31.34 ? 66  PHE B N   1 
ATOM   1180 C CA  . PHE B 1 66 ? 5.148   4.741   -12.474 1.00 27.52 ? 66  PHE B CA  1 
ATOM   1181 C C   . PHE B 1 66 ? 4.198   3.757   -11.809 1.00 31.67 ? 66  PHE B C   1 
ATOM   1182 O O   . PHE B 1 66 ? 3.703   4.009   -10.705 1.00 22.32 ? 66  PHE B O   1 
ATOM   1183 C CB  . PHE B 1 66 ? 4.420   5.562   -13.538 1.00 25.91 ? 66  PHE B CB  1 
ATOM   1184 C CG  . PHE B 1 66 ? 5.272   6.641   -14.157 1.00 34.23 ? 66  PHE B CG  1 
ATOM   1185 C CD1 . PHE B 1 66 ? 6.211   7.319   -13.396 1.00 34.50 ? 66  PHE B CD1 1 
ATOM   1186 C CD2 . PHE B 1 66 ? 5.137   6.969   -15.500 1.00 27.72 ? 66  PHE B CD2 1 
ATOM   1187 C CE1 . PHE B 1 66 ? 6.998   8.307   -13.964 1.00 32.98 ? 66  PHE B CE1 1 
ATOM   1188 C CE2 . PHE B 1 66 ? 5.926   7.948   -16.072 1.00 35.24 ? 66  PHE B CE2 1 
ATOM   1189 C CZ  . PHE B 1 66 ? 6.854   8.619   -15.301 1.00 36.24 ? 66  PHE B CZ  1 
ATOM   1190 N N   . ALA B 1 67 ? 3.939   2.621   -12.459 1.00 25.17 ? 67  ALA B N   1 
ATOM   1191 C CA  . ALA B 1 67 ? 3.036   1.636   -11.869 1.00 23.29 ? 67  ALA B CA  1 
ATOM   1192 C C   . ALA B 1 67 ? 3.586   1.083   -10.558 1.00 27.38 ? 67  ALA B C   1 
ATOM   1193 O O   . ALA B 1 67 ? 2.821   0.783   -9.631  1.00 22.83 ? 67  ALA B O   1 
ATOM   1194 C CB  . ALA B 1 67 ? 2.790   0.498   -12.862 1.00 25.11 ? 67  ALA B CB  1 
ATOM   1195 N N   . ALA B 1 68 ? 4.908   0.921   -10.465 1.00 26.15 ? 68  ALA B N   1 
ATOM   1196 C CA  . ALA B 1 68 ? 5.492   0.254   -9.301  1.00 30.98 ? 68  ALA B CA  1 
ATOM   1197 C C   . ALA B 1 68 ? 5.307   1.066   -8.031  1.00 28.15 ? 68  ALA B C   1 
ATOM   1198 O O   . ALA B 1 68 ? 5.160   0.493   -6.941  1.00 30.11 ? 68  ALA B O   1 
ATOM   1199 C CB  . ALA B 1 68 ? 6.986   -0.007  -9.529  1.00 28.89 ? 68  ALA B CB  1 
ATOM   1200 N N   . SER B 1 69 ? 5.338   2.385   -8.142  1.00 25.48 ? 69  SER B N   1 
ATOM   1201 C CA  . SER B 1 69 ? 5.209   3.265   -6.994  1.00 27.15 ? 69  SER B CA  1 
ATOM   1202 C C   . SER B 1 69 ? 3.768   3.666   -6.719  1.00 24.55 ? 69  SER B C   1 
ATOM   1203 O O   . SER B 1 69 ? 3.518   4.337   -5.719  1.00 25.68 ? 69  SER B O   1 
ATOM   1204 C CB  . SER B 1 69 ? 6.048   4.530   -7.200  1.00 29.24 ? 69  SER B CB  1 
ATOM   1205 O OG  . SER B 1 69 ? 5.705   5.184   -8.410  1.00 29.09 ? 69  SER B OG  1 
ATOM   1206 N N   . LEU B 1 70 ? 2.823   3.286   -7.580  1.00 24.43 ? 70  LEU B N   1 
ATOM   1207 C CA  . LEU B 1 70 ? 1.450   3.770   -7.425  1.00 24.76 ? 70  LEU B CA  1 
ATOM   1208 C C   . LEU B 1 70 ? 0.799   3.315   -6.120  1.00 25.37 ? 70  LEU B C   1 
ATOM   1209 O O   . LEU B 1 70 ? 0.214   4.164   -5.421  1.00 26.07 ? 70  LEU B O   1 
ATOM   1210 C CB  . LEU B 1 70 ? 0.626   3.365   -8.657  1.00 23.73 ? 70  LEU B CB  1 
ATOM   1211 C CG  . LEU B 1 70 ? -0.886  3.569   -8.571  1.00 25.87 ? 70  LEU B CG  1 
ATOM   1212 C CD1 . LEU B 1 70 ? -1.238  5.058   -8.421  1.00 21.21 ? 70  LEU B CD1 1 
ATOM   1213 C CD2 . LEU B 1 70 ? -1.570  2.954   -9.797  1.00 20.40 ? 70  LEU B CD2 1 
ATOM   1214 N N   . PRO B 1 71 ? 0.855   2.035   -5.727  1.00 21.95 ? 71  PRO B N   1 
ATOM   1215 C CA  . PRO B 1 71 ? 0.247   1.660   -4.438  1.00 23.03 ? 71  PRO B CA  1 
ATOM   1216 C C   . PRO B 1 71 ? 0.794   2.443   -3.249  1.00 26.06 ? 71  PRO B C   1 
ATOM   1217 O O   . PRO B 1 71 ? 0.006   2.949   -2.442  1.00 23.57 ? 71  PRO B O   1 
ATOM   1218 C CB  . PRO B 1 71 ? 0.552   0.158   -4.345  1.00 27.18 ? 71  PRO B CB  1 
ATOM   1219 C CG  . PRO B 1 71 ? 0.668   -0.287  -5.793  1.00 21.79 ? 71  PRO B CG  1 
ATOM   1220 C CD  . PRO B 1 71 ? 1.380   0.853   -6.444  1.00 29.26 ? 71  PRO B CD  1 
ATOM   1221 N N   . SER B 1 72 ? 2.121   2.576   -3.128  1.00 25.07 ? 72  SER B N   1 
ATOM   1222 C CA  . SER B 1 72 ? 2.695   3.325   -2.006  1.00 30.81 ? 72  SER B CA  1 
ATOM   1223 C C   . SER B 1 72 ? 2.263   4.787   -2.023  1.00 26.87 ? 72  SER B C   1 
ATOM   1224 O O   . SER B 1 72 ? 1.943   5.358   -0.974  1.00 27.39 ? 72  SER B O   1 
ATOM   1225 C CB  . SER B 1 72 ? 4.219   3.231   -2.031  1.00 32.23 ? 72  SER B CB  1 
ATOM   1226 O OG  . SER B 1 72 ? 4.635   1.896   -1.829  1.00 39.23 ? 72  SER B OG  1 
ATOM   1227 N N   . LYS B 1 73 ? 2.250   5.410   -3.208  1.00 25.38 ? 73  LYS B N   1 
ATOM   1228 C CA  . LYS B 1 73 ? 1.813   6.799   -3.309  1.00 26.75 ? 73  LYS B CA  1 
ATOM   1229 C C   . LYS B 1 73 ? 0.390   6.975   -2.794  1.00 25.19 ? 73  LYS B C   1 
ATOM   1230 O O   . LYS B 1 73 ? 0.053   8.032   -2.251  1.00 25.55 ? 73  LYS B O   1 
ATOM   1231 C CB  . LYS B 1 73 ? 1.931   7.288   -4.759  1.00 25.79 ? 73  LYS B CB  1 
ATOM   1232 C CG  . LYS B 1 73 ? 3.375   7.506   -5.217  1.00 31.18 ? 73  LYS B CG  1 
ATOM   1233 C CD  . LYS B 1 73 ? 3.462   7.816   -6.705  1.00 30.56 ? 73  LYS B CD  1 
ATOM   1234 C CE  . LYS B 1 73 ? 4.900   8.119   -7.129  1.00 39.81 ? 73  LYS B CE  1 
ATOM   1235 N NZ  . LYS B 1 73 ? 4.962   9.075   -8.276  1.00 38.37 ? 73  LYS B NZ  1 
ATOM   1236 N N   . CYS B 1 74 ? -0.439  5.943   -2.925  1.00 22.13 ? 74  CYS B N   1 
ATOM   1237 C CA  . CYS B 1 74 ? -1.809  5.946   -2.434  1.00 22.32 ? 74  CYS B CA  1 
ATOM   1238 C C   . CYS B 1 74 ? -1.950  5.322   -1.050  1.00 20.84 ? 74  CYS B C   1 
ATOM   1239 O O   . CYS B 1 74 ? -3.068  5.252   -0.533  1.00 19.08 ? 74  CYS B O   1 
ATOM   1240 C CB  . CYS B 1 74 ? -2.710  5.206   -3.429  1.00 25.63 ? 74  CYS B CB  1 
ATOM   1241 S SG  . CYS B 1 74 ? -2.797  6.002   -5.056  1.00 22.57 ? 74  CYS B SG  1 
ATOM   1242 N N   . GLY B 1 75 ? -0.856  4.844   -0.455  1.00 20.84 ? 75  GLY B N   1 
ATOM   1243 C CA  . GLY B 1 75 ? -0.920  4.186   0.841   1.00 19.41 ? 75  GLY B CA  1 
ATOM   1244 C C   . GLY B 1 75 ? -1.629  2.841   0.875   1.00 23.42 ? 75  GLY B C   1 
ATOM   1245 O O   . GLY B 1 75 ? -2.013  2.389   1.958   1.00 19.00 ? 75  GLY B O   1 
ATOM   1246 N N   . VAL B 1 76 ? -1.793  2.174   -0.277  1.00 21.60 ? 76  VAL B N   1 
ATOM   1247 C CA  . VAL B 1 76 ? -2.559  0.933   -0.381  1.00 19.06 ? 76  VAL B CA  1 
ATOM   1248 C C   . VAL B 1 76 ? -1.596  -0.247  -0.439  1.00 17.73 ? 76  VAL B C   1 
ATOM   1249 O O   . VAL B 1 76 ? -0.635  -0.231  -1.213  1.00 18.56 ? 76  VAL B O   1 
ATOM   1250 C CB  . VAL B 1 76 ? -3.465  0.951   -1.625  1.00 21.75 ? 76  VAL B CB  1 
ATOM   1251 C CG1 . VAL B 1 76 ? -4.222  -0.370  -1.758  1.00 18.33 ? 76  VAL B CG1 1 
ATOM   1252 C CG2 . VAL B 1 76 ? -4.438  2.156   -1.575  1.00 19.83 ? 76  VAL B CG2 1 
ATOM   1253 N N   . ASN B 1 77 ? -1.876  -1.285  0.343   1.00 18.46 ? 77  ASN B N   1 
ATOM   1254 C CA  . ASN B 1 77 ? -1.005  -2.463  0.404   1.00 19.60 ? 77  ASN B CA  1 
ATOM   1255 C C   . ASN B 1 77 ? -1.421  -3.495  -0.650  1.00 17.50 ? 77  ASN B C   1 
ATOM   1256 O O   . ASN B 1 77 ? -1.995  -4.539  -0.350  1.00 23.54 ? 77  ASN B O   1 
ATOM   1257 C CB  . ASN B 1 77 ? -1.030  -3.074  1.801   1.00 17.90 ? 77  ASN B CB  1 
ATOM   1258 C CG  . ASN B 1 77 ? 0.039   -4.149  1.979   1.00 27.31 ? 77  ASN B CG  1 
ATOM   1259 O OD1 . ASN B 1 77 ? 1.076   -4.104  1.335   1.00 21.64 ? 77  ASN B OD1 1 
ATOM   1260 N ND2 . ASN B 1 77 ? -0.222  -5.115  2.841   1.00 31.69 ? 77  ASN B ND2 1 
ATOM   1261 N N   . ILE B 1 78 ? -1.102  -3.188  -1.905  1.00 22.82 ? 78  ILE B N   1 
ATOM   1262 C CA  . ILE B 1 78 ? -1.324  -4.113  -3.019  1.00 20.94 ? 78  ILE B CA  1 
ATOM   1263 C C   . ILE B 1 78 ? -0.376  -5.302  -2.859  1.00 24.94 ? 78  ILE B C   1 
ATOM   1264 O O   . ILE B 1 78 ? 0.846   -5.114  -2.878  1.00 23.78 ? 78  ILE B O   1 
ATOM   1265 C CB  . ILE B 1 78 ? -1.123  -3.414  -4.370  1.00 14.25 ? 78  ILE B CB  1 
ATOM   1266 C CG1 . ILE B 1 78 ? -2.245  -2.397  -4.626  1.00 21.73 ? 78  ILE B CG1 1 
ATOM   1267 C CG2 . ILE B 1 78 ? -1.008  -4.431  -5.502  1.00 23.24 ? 78  ILE B CG2 1 
ATOM   1268 C CD1 . ILE B 1 78 ? -3.624  -3.022  -4.874  1.00 22.54 ? 78  ILE B CD1 1 
ATOM   1269 N N   . PRO B 1 79 ? -0.894  -6.537  -2.725  1.00 24.88 ? 79  PRO B N   1 
ATOM   1270 C CA  . PRO B 1 79 ? -0.039  -7.686  -2.365  1.00 25.80 ? 79  PRO B CA  1 
ATOM   1271 C C   . PRO B 1 79 ? 0.769   -8.280  -3.503  1.00 31.69 ? 79  PRO B C   1 
ATOM   1272 O O   . PRO B 1 79 ? 1.136   -9.456  -3.444  1.00 29.43 ? 79  PRO B O   1 
ATOM   1273 C CB  . PRO B 1 79 ? -1.050  -8.716  -1.864  1.00 25.60 ? 79  PRO B CB  1 
ATOM   1274 C CG  . PRO B 1 79 ? -2.268  -8.429  -2.697  1.00 27.78 ? 79  PRO B CG  1 
ATOM   1275 C CD  . PRO B 1 79 ? -2.311  -6.925  -2.833  1.00 21.60 ? 79  PRO B CD  1 
ATOM   1276 N N   . TYR B 1 80 ? 1.032   -7.506  -4.547  1.00 24.92 ? 80  TYR B N   1 
ATOM   1277 C CA  . TYR B 1 80 ? 1.815   -7.967  -5.680  1.00 30.33 ? 80  TYR B CA  1 
ATOM   1278 C C   . TYR B 1 80 ? 2.407   -6.733  -6.334  1.00 32.82 ? 80  TYR B C   1 
ATOM   1279 O O   . TYR B 1 80 ? 1.902   -5.621  -6.153  1.00 23.94 ? 80  TYR B O   1 
ATOM   1280 C CB  . TYR B 1 80 ? 0.958   -8.762  -6.684  1.00 27.66 ? 80  TYR B CB  1 
ATOM   1281 C CG  . TYR B 1 80 ? -0.354  -8.082  -6.988  1.00 23.76 ? 80  TYR B CG  1 
ATOM   1282 C CD1 . TYR B 1 80 ? -1.501  -8.416  -6.283  1.00 24.99 ? 80  TYR B CD1 1 
ATOM   1283 C CD2 . TYR B 1 80 ? -0.449  -7.093  -7.966  1.00 24.61 ? 80  TYR B CD2 1 
ATOM   1284 C CE1 . TYR B 1 80 ? -2.696  -7.797  -6.543  1.00 20.18 ? 80  TYR B CE1 1 
ATOM   1285 C CE2 . TYR B 1 80 ? -1.651  -6.467  -8.236  1.00 20.79 ? 80  TYR B CE2 1 
ATOM   1286 C CZ  . TYR B 1 80 ? -2.771  -6.823  -7.517  1.00 16.90 ? 80  TYR B CZ  1 
ATOM   1287 O OH  . TYR B 1 80 ? -3.970  -6.201  -7.743  1.00 21.26 ? 80  TYR B OH  1 
ATOM   1288 N N   . LYS B 1 81 ? 3.486   -6.929  -7.085  1.00 33.84 ? 81  LYS B N   1 
ATOM   1289 C CA  . LYS B 1 81 ? 4.104   -5.821  -7.783  1.00 36.53 ? 81  LYS B CA  1 
ATOM   1290 C C   . LYS B 1 81 ? 3.472   -5.711  -9.155  1.00 32.03 ? 81  LYS B C   1 
ATOM   1291 O O   . LYS B 1 81 ? 3.342   -6.703  -9.876  1.00 33.76 ? 81  LYS B O   1 
ATOM   1292 C CB  . LYS B 1 81 ? 5.618   -5.995  -7.866  1.00 41.33 ? 81  LYS B CB  1 
ATOM   1293 C CG  . LYS B 1 81 ? 6.090   -7.413  -7.992  1.00 48.18 ? 81  LYS B CG  1 
ATOM   1294 C CD  . LYS B 1 81 ? 7.472   -7.554  -7.407  1.00 63.86 ? 81  LYS B CD  1 
ATOM   1295 C CE  . LYS B 1 81 ? 8.017   -8.950  -7.678  1.00 55.71 ? 81  LYS B CE  1 
ATOM   1296 N NZ  . LYS B 1 81 ? 8.256   -9.253  -9.147  1.00 60.69 ? 81  LYS B NZ  1 
ATOM   1297 N N   . ILE B 1 82 ? 2.993   -4.506  -9.453  1.00 30.42 ? 82  ILE B N   1 
ATOM   1298 C CA  . ILE B 1 82 ? 2.368   -4.185  -10.730 1.00 30.69 ? 82  ILE B CA  1 
ATOM   1299 C C   . ILE B 1 82 ? 3.488   -3.970  -11.734 1.00 38.54 ? 82  ILE B C   1 
ATOM   1300 O O   . ILE B 1 82 ? 4.153   -2.933  -11.710 1.00 37.84 ? 82  ILE B O   1 
ATOM   1301 C CB  . ILE B 1 82 ? 1.472   -2.940  -10.613 1.00 26.82 ? 82  ILE B CB  1 
ATOM   1302 C CG1 . ILE B 1 82 ? 0.458   -3.157  -9.489  1.00 26.26 ? 82  ILE B CG1 1 
ATOM   1303 C CG2 . ILE B 1 82 ? 0.805   -2.610  -11.922 1.00 25.13 ? 82  ILE B CG2 1 
ATOM   1304 C CD1 . ILE B 1 82 ? -0.404  -1.963  -9.235  1.00 22.21 ? 82  ILE B CD1 1 
ATOM   1305 N N   . SER B 1 83 ? 3.730   -4.962  -12.587 1.00 44.26 ? 83  SER B N   1 
ATOM   1306 C CA  . SER B 1 83 ? 4.797   -4.856  -13.573 1.00 44.30 ? 83  SER B CA  1 
ATOM   1307 C C   . SER B 1 83 ? 4.466   -5.795  -14.724 1.00 46.90 ? 83  SER B C   1 
ATOM   1308 O O   . SER B 1 83 ? 3.319   -6.252  -14.855 1.00 55.44 ? 83  SER B O   1 
ATOM   1309 C CB  . SER B 1 83 ? 6.161   -5.160  -12.925 1.00 45.93 ? 83  SER B CB  1 
ATOM   1310 O OG  . SER B 1 83 ? 7.206   -5.195  -13.892 1.00 56.82 ? 83  SER B OG  1 
ATOM   1311 N N   . LEU B 1 84 ? 5.450   -6.066  -15.574 1.00 51.89 ? 84  LEU B N   1 
ATOM   1312 C CA  . LEU B 1 84 ? 5.370   -7.173  -16.513 1.00 42.63 ? 84  LEU B CA  1 
ATOM   1313 C C   . LEU B 1 84 ? 6.223   -8.359  -16.094 1.00 42.71 ? 84  LEU B C   1 
ATOM   1314 O O   . LEU B 1 84 ? 5.974   -9.474  -16.560 1.00 41.18 ? 84  LEU B O   1 
ATOM   1315 C CB  . LEU B 1 84 ? 5.782   -6.718  -17.920 1.00 36.49 ? 84  LEU B CB  1 
ATOM   1316 C CG  . LEU B 1 84 ? 4.684   -5.986  -18.697 1.00 42.11 ? 84  LEU B CG  1 
ATOM   1317 C CD1 . LEU B 1 84 ? 5.130   -5.686  -20.122 1.00 42.73 ? 84  LEU B CD1 1 
ATOM   1318 C CD2 . LEU B 1 84 ? 3.390   -6.797  -18.678 1.00 30.46 ? 84  LEU B CD2 1 
ATOM   1319 N N   . GLU B 1 85 ? 7.208   -8.147  -15.218 1.00 50.23 ? 85  GLU B N   1 
ATOM   1320 C CA  . GLU B 1 85 ? 8.050   -9.211  -14.676 1.00 54.77 ? 85  GLU B CA  1 
ATOM   1321 C C   . GLU B 1 85 ? 7.343   -10.044 -13.626 1.00 55.21 ? 85  GLU B C   1 
ATOM   1322 O O   . GLU B 1 85 ? 7.976   -10.920 -13.030 1.00 47.92 ? 85  GLU B O   1 
ATOM   1323 C CB  . GLU B 1 85 ? 9.324   -8.638  -14.042 1.00 50.62 ? 85  GLU B CB  1 
ATOM   1324 C CG  . GLU B 1 85 ? 10.205  -7.848  -14.985 1.00 58.32 ? 85  GLU B CG  1 
ATOM   1325 C CD  . GLU B 1 85 ? 10.573  -8.645  -16.217 1.00 57.22 ? 85  GLU B CD  1 
ATOM   1326 O OE1 . GLU B 1 85 ? 10.403  -8.103  -17.328 1.00 57.67 ? 85  GLU B OE1 1 
ATOM   1327 O OE2 . GLU B 1 85 ? 11.020  -9.811  -16.075 1.00 58.38 ? 85  GLU B OE2 1 
ATOM   1328 N N   . THR B 1 86 ? 6.062   -9.781  -13.378 1.00 50.03 ? 86  THR B N   1 
ATOM   1329 C CA  . THR B 1 86 ? 5.355   -10.408 -12.269 1.00 50.24 ? 86  THR B CA  1 
ATOM   1330 C C   . THR B 1 86 ? 5.140   -11.888 -12.533 1.00 34.68 ? 86  THR B C   1 
ATOM   1331 O O   . THR B 1 86 ? 4.497   -12.264 -13.518 1.00 41.28 ? 86  THR B O   1 
ATOM   1332 C CB  . THR B 1 86 ? 3.990   -9.747  -12.044 1.00 49.08 ? 86  THR B CB  1 
ATOM   1333 O OG1 . THR B 1 86 ? 4.067   -8.338  -12.320 1.00 50.72 ? 86  THR B OG1 1 
ATOM   1334 C CG2 . THR B 1 86 ? 3.565   -9.958  -10.614 1.00 41.37 ? 86  THR B CG2 1 
ATOM   1335 N N   . ASP B 1 87 ? 5.662   -12.724 -11.637 1.00 46.43 ? 87  ASP B N   1 
ATOM   1336 C CA  . ASP B 1 87 ? 5.195   -14.103 -11.521 1.00 40.74 ? 87  ASP B CA  1 
ATOM   1337 C C   . ASP B 1 87 ? 3.972   -14.053 -10.622 1.00 25.07 ? 87  ASP B C   1 
ATOM   1338 O O   . ASP B 1 87 ? 4.067   -14.194 -9.403  1.00 30.53 ? 87  ASP B O   1 
ATOM   1339 C CB  . ASP B 1 87 ? 6.287   -15.013 -10.966 1.00 40.06 ? 87  ASP B CB  1 
ATOM   1340 C CG  . ASP B 1 87 ? 5.809   -16.450 -10.741 1.00 45.09 ? 87  ASP B CG  1 
ATOM   1341 O OD1 . ASP B 1 87 ? 4.710   -16.797 -11.240 1.00 39.74 ? 87  ASP B OD1 1 
ATOM   1342 O OD2 . ASP B 1 87 ? 6.539   -17.222 -10.068 1.00 42.23 ? 87  ASP B OD2 1 
ATOM   1343 N N   . CYS B 1 88 ? 2.802   -13.843 -11.230 1.00 28.27 ? 88  CYS B N   1 
ATOM   1344 C CA  . CYS B 1 88 ? 1.568   -13.774 -10.448 1.00 30.99 ? 88  CYS B CA  1 
ATOM   1345 C C   . CYS B 1 88 ? 1.252   -15.091 -9.728  1.00 30.53 ? 88  CYS B C   1 
ATOM   1346 O O   . CYS B 1 88 ? 0.419   -15.096 -8.815  1.00 22.36 ? 88  CYS B O   1 
ATOM   1347 C CB  . CYS B 1 88 ? 0.398   -13.343 -11.354 1.00 22.74 ? 88  CYS B CB  1 
ATOM   1348 S SG  . CYS B 1 88 ? 0.433   -11.590 -12.011 1.00 24.76 ? 88  CYS B SG  1 
ATOM   1349 N N   . ASN B 1 89 ? 1.922   -16.194 -10.082 1.00 34.99 ? 89  ASN B N   1 
ATOM   1350 C CA  . ASN B 1 89 ? 1.702   -17.469 -9.400  1.00 29.64 ? 89  ASN B CA  1 
ATOM   1351 C C   . ASN B 1 89 ? 2.242   -17.480 -7.981  1.00 34.91 ? 89  ASN B C   1 
ATOM   1352 O O   . ASN B 1 89 ? 1.816   -18.316 -7.178  1.00 31.04 ? 89  ASN B O   1 
ATOM   1353 C CB  . ASN B 1 89 ? 2.350   -18.611 -10.179 1.00 37.40 ? 89  ASN B CB  1 
ATOM   1354 C CG  . ASN B 1 89 ? 1.725   -18.811 -11.526 1.00 30.25 ? 89  ASN B CG  1 
ATOM   1355 O OD1 . ASN B 1 89 ? 0.578   -18.440 -11.741 1.00 35.34 ? 89  ASN B OD1 1 
ATOM   1356 N ND2 . ASN B 1 89 ? 2.473   -19.401 -12.449 1.00 40.91 ? 89  ASN B ND2 1 
ATOM   1357 N N   . LYS B 1 90 ? 3.176   -16.588 -7.660  1.00 30.90 ? 90  LYS B N   1 
ATOM   1358 C CA  . LYS B 1 90 ? 3.725   -16.522 -6.313  1.00 37.98 ? 90  LYS B CA  1 
ATOM   1359 C C   . LYS B 1 90 ? 2.877   -15.679 -5.377  1.00 40.95 ? 90  LYS B C   1 
ATOM   1360 O O   . LYS B 1 90 ? 3.131   -15.670 -4.167  1.00 34.64 ? 90  LYS B O   1 
ATOM   1361 C CB  . LYS B 1 90 ? 5.157   -15.974 -6.361  1.00 40.53 ? 90  LYS B CB  1 
ATOM   1362 C CG  . LYS B 1 90 ? 6.220   -17.032 -6.689  1.00 42.68 ? 90  LYS B CG  1 
ATOM   1363 C CD  . LYS B 1 90 ? 6.637   -17.820 -5.440  1.00 53.11 ? 90  LYS B CD  1 
ATOM   1364 C CE  . LYS B 1 90 ? 7.621   -18.948 -5.768  1.00 63.04 ? 90  LYS B CE  1 
ATOM   1365 N NZ  . LYS B 1 90 ? 9.026   -18.466 -5.942  1.00 65.07 ? 90  LYS B NZ  1 
ATOM   1366 N N   . VAL B 1 91 ? 1.861   -14.994 -5.902  1.00 27.86 ? 91  VAL B N   1 
ATOM   1367 C CA  . VAL B 1 91 ? 1.049   -14.105 -5.089  1.00 30.07 ? 91  VAL B CA  1 
ATOM   1368 C C   . VAL B 1 91 ? 0.180   -14.915 -4.131  1.00 37.43 ? 91  VAL B C   1 
ATOM   1369 O O   . VAL B 1 91 ? -0.353  -15.972 -4.498  1.00 25.57 ? 91  VAL B O   1 
ATOM   1370 C CB  . VAL B 1 91 ? 0.197   -13.217 -6.015  1.00 27.89 ? 91  VAL B CB  1 
ATOM   1371 C CG1 . VAL B 1 91 ? -0.728  -12.328 -5.209  1.00 24.86 ? 91  VAL B CG1 1 
ATOM   1372 C CG2 . VAL B 1 91 ? 1.097   -12.392 -6.932  1.00 23.72 ? 91  VAL B CG2 1 
ATOM   1373 N N   . LYS B 1 92 ? 0.007   -14.408 -2.903  1.00 34.35 ? 92  LYS B N   1 
ATOM   1374 C CA  . LYS B 1 92 ? -0.890  -15.026 -1.909  1.00 25.82 ? 92  LYS B CA  1 
ATOM   1375 C C   . LYS B 1 92 ? -1.930  -14.077 -1.329  1.00 29.00 ? 92  LYS B C   1 
ATOM   1376 O O   . LYS B 1 92 ? -1.686  -12.882 -1.202  1.00 33.66 ? 92  LYS B O   1 
ATOM   1377 C CB  . LYS B 1 92 ? -0.077  -15.604 -0.756  1.00 42.75 ? 92  LYS B CB  1 
ATOM   1378 C CG  . LYS B 1 92 ? 1.006   -16.553 -1.187  1.00 47.55 ? 92  LYS B CG  1 
ATOM   1379 C CD  . LYS B 1 92 ? 1.861   -16.946 -0.008  1.00 52.38 ? 92  LYS B CD  1 
ATOM   1380 C CE  . LYS B 1 92 ? 2.334   -18.379 -0.138  1.00 55.31 ? 92  LYS B CE  1 
ATOM   1381 N NZ  . LYS B 1 92 ? 1.532   -19.282 0.723   1.00 48.18 ? 92  LYS B NZ  1 
ATOM   1382 O OXT . LYS B 1 92 ? -3.030  -14.481 -0.919  1.00 34.96 ? 92  LYS B OXT 1 
HETATM 1383 S S   . SO4 C 2 .  ? 9.479   -0.951  23.284  1.00 49.38 ? 101 SO4 A S   1 
HETATM 1384 O O1  . SO4 C 2 .  ? 10.518  0.053   23.052  1.00 45.57 ? 101 SO4 A O1  1 
HETATM 1385 O O2  . SO4 C 2 .  ? 8.208   -0.550  22.679  1.00 40.77 ? 101 SO4 A O2  1 
HETATM 1386 O O3  . SO4 C 2 .  ? 9.888   -2.227  22.686  1.00 42.57 ? 101 SO4 A O3  1 
HETATM 1387 O O4  . SO4 C 2 .  ? 9.288   -1.115  24.727  1.00 57.36 ? 101 SO4 A O4  1 
HETATM 1388 S S   . SO4 D 2 .  ? -13.697 1.249   4.457   1.00 68.37 ? 102 SO4 A S   1 
HETATM 1389 O O1  . SO4 D 2 .  ? -15.126 1.083   4.209   1.00 67.62 ? 102 SO4 A O1  1 
HETATM 1390 O O2  . SO4 D 2 .  ? -13.256 2.489   3.819   1.00 51.25 ? 102 SO4 A O2  1 
HETATM 1391 O O3  . SO4 D 2 .  ? -12.962 0.108   3.910   1.00 49.80 ? 102 SO4 A O3  1 
HETATM 1392 O O4  . SO4 D 2 .  ? -13.457 1.316   5.902   1.00 60.72 ? 102 SO4 A O4  1 
HETATM 1393 S S   . SO4 E 2 .  ? -12.870 -10.640 -18.108 1.00 45.61 ? 101 SO4 B S   1 
HETATM 1394 O O1  . SO4 E 2 .  ? -12.214 -10.828 -19.406 1.00 49.95 ? 101 SO4 B O1  1 
HETATM 1395 O O2  . SO4 E 2 .  ? -13.251 -9.235  -17.954 1.00 31.19 ? 101 SO4 B O2  1 
HETATM 1396 O O3  . SO4 E 2 .  ? -14.085 -11.446 -18.021 1.00 38.59 ? 101 SO4 B O3  1 
HETATM 1397 O O4  . SO4 E 2 .  ? -11.926 -11.052 -17.064 1.00 38.37 ? 101 SO4 B O4  1 
HETATM 1398 O O   . HOH F 3 .  ? 12.394  1.106   -0.288  1.00 35.33 ? 201 HOH A O   1 
HETATM 1399 O O   . HOH F 3 .  ? 2.195   -2.684  -2.782  1.00 37.83 ? 202 HOH A O   1 
HETATM 1400 O O   . HOH F 3 .  ? -14.215 8.906   -2.703  1.00 47.68 ? 203 HOH A O   1 
HETATM 1401 O O   . HOH F 3 .  ? 5.196   7.355   15.387  1.00 32.05 ? 204 HOH A O   1 
HETATM 1402 O O   . HOH F 3 .  ? 19.626  4.662   7.424   1.00 33.55 ? 205 HOH A O   1 
HETATM 1403 O O   . HOH F 3 .  ? 8.577   -4.309  22.193  1.00 27.19 ? 206 HOH A O   1 
HETATM 1404 O O   . HOH F 3 .  ? -5.681  -5.390  11.020  1.00 35.68 ? 207 HOH A O   1 
HETATM 1405 O O   . HOH F 3 .  ? 4.442   -4.831  2.624   1.00 31.14 ? 208 HOH A O   1 
HETATM 1406 O O   . HOH F 3 .  ? -11.833 10.768  14.210  1.00 34.42 ? 209 HOH A O   1 
HETATM 1407 O O   . HOH F 3 .  ? 11.996  -2.742  21.293  1.00 27.71 ? 210 HOH A O   1 
HETATM 1408 O O   . HOH F 3 .  ? 6.488   -4.962  23.177  1.00 38.31 ? 211 HOH A O   1 
HETATM 1409 O O   . HOH F 3 .  ? -11.085 5.145   13.173  1.00 27.47 ? 212 HOH A O   1 
HETATM 1410 O O   . HOH F 3 .  ? -3.348  8.515   22.861  1.00 24.26 ? 213 HOH A O   1 
HETATM 1411 O O   . HOH F 3 .  ? 2.378   -9.575  20.438  1.00 24.22 ? 214 HOH A O   1 
HETATM 1412 O O   . HOH F 3 .  ? 9.352   -12.783 15.401  1.00 17.38 ? 215 HOH A O   1 
HETATM 1413 O O   . HOH F 3 .  ? -14.308 7.983   6.301   1.00 37.15 ? 216 HOH A O   1 
HETATM 1414 O O   . HOH F 3 .  ? 4.351   -0.957  20.299  1.00 19.30 ? 217 HOH A O   1 
HETATM 1415 O O   . HOH F 3 .  ? 9.979   14.504  11.378  1.00 33.47 ? 218 HOH A O   1 
HETATM 1416 O O   . HOH F 3 .  ? 21.713  5.422   9.140   1.00 36.66 ? 219 HOH A O   1 
HETATM 1417 O O   . HOH F 3 .  ? 1.949   -11.256 3.625   1.00 35.21 ? 220 HOH A O   1 
HETATM 1418 O O   . HOH F 3 .  ? 13.263  -6.925  5.944   1.00 37.39 ? 221 HOH A O   1 
HETATM 1419 O O   . HOH F 3 .  ? -8.365  12.246  12.884  1.00 26.77 ? 222 HOH A O   1 
HETATM 1420 O O   . HOH F 3 .  ? 22.454  5.355   15.000  1.00 18.22 ? 223 HOH A O   1 
HETATM 1421 O O   . HOH F 3 .  ? 19.326  -6.751  10.847  0.65 21.13 ? 224 HOH A O   1 
HETATM 1422 O O   . HOH F 3 .  ? -8.078  9.602   -2.607  1.00 30.72 ? 225 HOH A O   1 
HETATM 1423 O O   . HOH F 3 .  ? -6.268  13.636  15.888  1.00 32.00 ? 226 HOH A O   1 
HETATM 1424 O O   . HOH F 3 .  ? -11.575 -2.197  12.082  1.00 28.33 ? 227 HOH A O   1 
HETATM 1425 O O   . HOH F 3 .  ? -1.216  -7.747  4.491   1.00 29.84 ? 228 HOH A O   1 
HETATM 1426 O O   . HOH F 3 .  ? -13.962 9.369   17.021  1.00 33.44 ? 229 HOH A O   1 
HETATM 1427 O O   . HOH F 3 .  ? 14.380  4.635   -0.933  1.00 43.39 ? 230 HOH A O   1 
HETATM 1428 O O   . HOH F 3 .  ? 1.209   -11.519 12.463  1.00 24.18 ? 231 HOH A O   1 
HETATM 1429 O O   . HOH F 3 .  ? 22.939  6.919   12.865  1.00 27.92 ? 232 HOH A O   1 
HETATM 1430 O O   . HOH F 3 .  ? 7.599   -9.598  20.139  1.00 18.33 ? 233 HOH A O   1 
HETATM 1431 O O   . HOH F 3 .  ? 4.676   11.591  14.534  1.00 37.64 ? 234 HOH A O   1 
HETATM 1432 O O   . HOH F 3 .  ? -7.350  13.682  9.046   1.00 25.78 ? 235 HOH A O   1 
HETATM 1433 O O   . HOH F 3 .  ? 7.442   2.575   -0.558  1.00 42.54 ? 236 HOH A O   1 
HETATM 1434 O O   . HOH F 3 .  ? 21.848  0.580   9.727   1.00 27.51 ? 237 HOH A O   1 
HETATM 1435 O O   . HOH F 3 .  ? 11.190  1.174   20.367  1.00 25.35 ? 238 HOH A O   1 
HETATM 1436 O O   . HOH F 3 .  ? 19.860  2.135   14.143  1.00 19.95 ? 239 HOH A O   1 
HETATM 1437 O O   . HOH F 3 .  ? 6.996   4.965   18.959  1.00 24.33 ? 240 HOH A O   1 
HETATM 1438 O O   . HOH F 3 .  ? -3.512  -10.308 8.246   1.00 39.47 ? 241 HOH A O   1 
HETATM 1439 O O   . HOH F 3 .  ? -2.661  3.094   20.232  1.00 22.31 ? 242 HOH A O   1 
HETATM 1440 O O   . HOH F 3 .  ? 20.842  -3.656  8.976   1.00 21.31 ? 243 HOH A O   1 
HETATM 1441 O O   . HOH F 3 .  ? 11.643  -3.689  16.211  1.00 17.03 ? 244 HOH A O   1 
HETATM 1442 O O   . HOH F 3 .  ? 1.879   -10.871 16.747  1.00 29.47 ? 245 HOH A O   1 
HETATM 1443 O O   . HOH F 3 .  ? 6.585   -1.446  -1.778  1.00 41.75 ? 246 HOH A O   1 
HETATM 1444 O O   . HOH F 3 .  ? 0.198   -0.765  7.894   1.00 27.03 ? 247 HOH A O   1 
HETATM 1445 O O   . HOH F 3 .  ? 14.345  7.418   16.655  1.00 33.08 ? 248 HOH A O   1 
HETATM 1446 O O   . HOH F 3 .  ? 8.731   -12.378 18.294  1.00 30.42 ? 249 HOH A O   1 
HETATM 1447 O O   . HOH F 3 .  ? 20.339  8.986   13.864  1.00 31.17 ? 250 HOH A O   1 
HETATM 1448 O O   . HOH F 3 .  ? 2.894   -3.442  20.106  1.00 28.07 ? 251 HOH A O   1 
HETATM 1449 O O   . HOH F 3 .  ? 3.475   11.028  19.623  1.00 30.43 ? 252 HOH A O   1 
HETATM 1450 O O   . HOH F 3 .  ? 11.970  -1.143  18.656  1.00 24.11 ? 253 HOH A O   1 
HETATM 1451 O O   . HOH F 3 .  ? 18.898  11.748  12.090  1.00 27.40 ? 254 HOH A O   1 
HETATM 1452 O O   . HOH F 3 .  ? -3.228  -6.883  16.861  1.00 24.38 ? 255 HOH A O   1 
HETATM 1453 O O   . HOH F 3 .  ? 6.748   -10.770 3.737   1.00 35.33 ? 256 HOH A O   1 
HETATM 1454 O O   . HOH F 3 .  ? 1.327   13.804  2.705   1.00 29.46 ? 257 HOH A O   1 
HETATM 1455 O O   . HOH F 3 .  ? 3.870   0.935   6.440   1.00 35.64 ? 258 HOH A O   1 
HETATM 1456 O O   . HOH F 3 .  ? -6.319  0.421   1.481   1.00 30.83 ? 259 HOH A O   1 
HETATM 1457 O O   . HOH F 3 .  ? -2.193  14.089  17.244  1.00 27.56 ? 260 HOH A O   1 
HETATM 1458 O O   . HOH F 3 .  ? 17.212  -7.226  7.048   1.00 28.98 ? 261 HOH A O   1 
HETATM 1459 O O   . HOH F 3 .  ? -10.015 -0.126  4.545   1.00 36.71 ? 262 HOH A O   1 
HETATM 1460 O O   . HOH F 3 .  ? 14.362  1.826   -2.305  1.00 41.76 ? 263 HOH A O   1 
HETATM 1461 O O   . HOH F 3 .  ? 3.267   9.145   15.787  1.00 30.09 ? 264 HOH A O   1 
HETATM 1462 O O   . HOH F 3 .  ? 12.325  15.797  10.862  1.00 35.48 ? 265 HOH A O   1 
HETATM 1463 O O   . HOH F 3 .  ? -6.026  4.218   0.702   1.00 37.20 ? 266 HOH A O   1 
HETATM 1464 O O   . HOH F 3 .  ? 15.252  9.943   17.296  1.00 41.28 ? 267 HOH A O   1 
HETATM 1465 O O   . HOH F 3 .  ? -0.468  15.751  4.233   1.00 44.45 ? 268 HOH A O   1 
HETATM 1466 O O   . HOH F 3 .  ? 12.195  -10.804 17.105  1.00 32.37 ? 269 HOH A O   1 
HETATM 1467 O O   . HOH F 3 .  ? 5.116   5.113   23.165  1.00 39.00 ? 270 HOH A O   1 
HETATM 1468 O O   . HOH F 3 .  ? -0.390  -0.503  21.598  1.00 37.66 ? 271 HOH A O   1 
HETATM 1469 O O   . HOH F 3 .  ? -6.022  -7.607  12.183  1.00 44.81 ? 272 HOH A O   1 
HETATM 1470 O O   . HOH F 3 .  ? 16.058  4.528   3.075   1.00 27.87 ? 273 HOH A O   1 
HETATM 1471 O O   . HOH F 3 .  ? 5.074   15.339  2.977   1.00 44.52 ? 274 HOH A O   1 
HETATM 1472 O O   . HOH F 3 .  ? -1.131  13.809  12.212  1.00 28.37 ? 275 HOH A O   1 
HETATM 1473 O O   A HOH F 3 .  ? 7.680   11.448  16.119  0.63 27.01 ? 276 HOH A O   1 
HETATM 1474 O O   B HOH F 3 .  ? 8.579   13.041  15.697  0.37 28.21 ? 276 HOH A O   1 
HETATM 1475 O O   . HOH F 3 .  ? 16.281  11.897  8.537   1.00 37.62 ? 277 HOH A O   1 
HETATM 1476 O O   . HOH F 3 .  ? -0.864  13.434  19.995  1.00 33.04 ? 278 HOH A O   1 
HETATM 1477 O O   . HOH F 3 .  ? -0.506  1.153   8.945   1.00 41.67 ? 279 HOH A O   1 
HETATM 1478 O O   . HOH F 3 .  ? 10.189  8.248   -0.557  1.00 44.35 ? 280 HOH A O   1 
HETATM 1479 O O   . HOH F 3 .  ? -2.541  -3.342  19.280  1.00 23.35 ? 281 HOH A O   1 
HETATM 1480 O O   . HOH F 3 .  ? -3.762  -5.608  18.571  1.00 35.11 ? 282 HOH A O   1 
HETATM 1481 O O   . HOH F 3 .  ? 8.081   5.222   21.442  1.00 35.57 ? 283 HOH A O   1 
HETATM 1482 O O   . HOH F 3 .  ? 13.429  -5.780  3.795   1.00 33.77 ? 284 HOH A O   1 
HETATM 1483 O O   . HOH F 3 .  ? -4.959  -11.196 12.340  1.00 49.14 ? 285 HOH A O   1 
HETATM 1484 O O   . HOH F 3 .  ? 7.139   6.848   17.282  1.00 30.24 ? 286 HOH A O   1 
HETATM 1485 O O   . HOH F 3 .  ? 1.516   14.714  12.329  1.00 33.88 ? 287 HOH A O   1 
HETATM 1486 O O   . HOH F 3 .  ? 0.233   -8.642  1.873   1.00 37.11 ? 288 HOH A O   1 
HETATM 1487 O O   . HOH F 3 .  ? -2.613  -12.929 8.949   1.00 38.33 ? 289 HOH A O   1 
HETATM 1488 O O   . HOH F 3 .  ? -3.856  15.256  10.269  1.00 28.34 ? 290 HOH A O   1 
HETATM 1489 O O   . HOH F 3 .  ? 10.454  6.413   0.688   1.00 44.12 ? 291 HOH A O   1 
HETATM 1490 O O   . HOH F 3 .  ? -16.920 9.926   0.436   1.00 38.66 ? 292 HOH A O   1 
HETATM 1491 O O   . HOH F 3 .  ? 2.440   15.220  0.588   1.00 50.92 ? 293 HOH A O   1 
HETATM 1492 O O   . HOH F 3 .  ? 16.937  -1.576  -3.257  1.00 35.22 ? 294 HOH A O   1 
HETATM 1493 O O   . HOH F 3 .  ? 0.156   -2.915  20.230  1.00 21.43 ? 295 HOH A O   1 
HETATM 1494 O O   . HOH F 3 .  ? 3.736   -4.124  22.276  1.00 30.66 ? 296 HOH A O   1 
HETATM 1495 O O   . HOH F 3 .  ? 1.990   16.519  9.485   1.00 41.94 ? 297 HOH A O   1 
HETATM 1496 O O   . HOH F 3 .  ? 20.952  -1.455  7.723   1.00 32.63 ? 298 HOH A O   1 
HETATM 1497 O O   . HOH F 3 .  ? 9.794   15.438  13.979  1.00 39.97 ? 299 HOH A O   1 
HETATM 1498 O O   . HOH F 3 .  ? -14.212 11.617  17.086  1.00 40.57 ? 300 HOH A O   1 
HETATM 1499 O O   . HOH F 3 .  ? 19.462  -9.951  9.370   1.00 38.23 ? 301 HOH A O   1 
HETATM 1500 O O   . HOH F 3 .  ? -8.005  17.222  6.201   1.00 42.35 ? 302 HOH A O   1 
HETATM 1501 O O   . HOH F 3 .  ? 1.175   12.051  24.428  1.00 53.86 ? 303 HOH A O   1 
HETATM 1502 O O   . HOH F 3 .  ? 9.378   7.580   17.352  1.00 41.26 ? 304 HOH A O   1 
HETATM 1503 O O   . HOH F 3 .  ? 2.016   -12.890 19.377  1.00 38.36 ? 305 HOH A O   1 
HETATM 1504 O O   . HOH F 3 .  ? 0.323   0.365   24.265  1.00 36.74 ? 306 HOH A O   1 
HETATM 1505 O O   . HOH F 3 .  ? 4.015   13.786  15.491  1.00 40.69 ? 307 HOH A O   1 
HETATM 1506 O O   . HOH F 3 .  ? 9.471   18.193  7.694   1.00 43.30 ? 308 HOH A O   1 
HETATM 1507 O O   . HOH F 3 .  ? 8.207   10.828  20.029  1.00 40.47 0 309 HOH A O   1 
HETATM 1508 O O   . HOH F 3 .  ? 2.474   14.750  17.542  1.00 41.47 ? 310 HOH A O   1 
HETATM 1509 O O   . HOH F 3 .  ? 4.463   3.549   30.319  1.00 49.86 ? 311 HOH A O   1 
HETATM 1510 O O   . HOH F 3 .  ? -12.185 17.957  11.706  1.00 45.69 ? 312 HOH A O   1 
HETATM 1511 O O   . HOH G 3 .  ? 9.801   -6.237  -18.437 1.00 38.53 ? 201 HOH B O   1 
HETATM 1512 O O   . HOH G 3 .  ? -12.094 9.548   -4.907  1.00 37.73 ? 202 HOH B O   1 
HETATM 1513 O O   . HOH G 3 .  ? -1.164  -16.698 -11.445 1.00 31.03 ? 203 HOH B O   1 
HETATM 1514 O O   . HOH G 3 .  ? -0.839  -11.369 0.605   1.00 38.47 ? 204 HOH B O   1 
HETATM 1515 O O   . HOH G 3 .  ? -4.409  5.465   -23.804 1.00 29.34 ? 205 HOH B O   1 
HETATM 1516 O O   . HOH G 3 .  ? -14.287 -8.742  -6.301  1.00 34.23 ? 206 HOH B O   1 
HETATM 1517 O O   . HOH G 3 .  ? 4.253   0.881   -4.160  1.00 26.59 ? 207 HOH B O   1 
HETATM 1518 O O   . HOH G 3 .  ? -2.826  -7.817  -25.280 1.00 21.94 ? 208 HOH B O   1 
HETATM 1519 O O   . HOH G 3 .  ? -12.372 -16.421 -6.844  1.00 21.22 ? 209 HOH B O   1 
HETATM 1520 O O   . HOH G 3 .  ? -13.603 -3.132  -4.291  1.00 30.44 ? 210 HOH B O   1 
HETATM 1521 O O   . HOH G 3 .  ? -12.899 6.897   -13.836 1.00 32.99 ? 211 HOH B O   1 
HETATM 1522 O O   . HOH G 3 .  ? -10.415 -15.268 -9.256  1.00 20.14 ? 212 HOH B O   1 
HETATM 1523 O O   . HOH G 3 .  ? -6.818  -13.049 2.348   1.00 31.37 ? 213 HOH B O   1 
HETATM 1524 O O   . HOH G 3 .  ? -5.921  -6.635  -5.997  1.00 23.53 ? 214 HOH B O   1 
HETATM 1525 O O   . HOH G 3 .  ? -2.538  14.554  -17.071 1.00 32.68 ? 215 HOH B O   1 
HETATM 1526 O O   . HOH G 3 .  ? -11.917 -11.730 -3.045  1.00 21.17 ? 216 HOH B O   1 
HETATM 1527 O O   . HOH G 3 .  ? -9.896  6.381   -18.447 1.00 27.11 ? 217 HOH B O   1 
HETATM 1528 O O   . HOH G 3 .  ? -15.965 -15.189 -5.142  1.00 27.64 ? 218 HOH B O   1 
HETATM 1529 O O   . HOH G 3 .  ? -9.851  -12.045 -19.059 1.00 32.90 ? 219 HOH B O   1 
HETATM 1530 O O   . HOH G 3 .  ? -9.535  5.006   -11.275 1.00 28.14 ? 220 HOH B O   1 
HETATM 1531 O O   . HOH G 3 .  ? -6.838  14.531  -7.172  1.00 40.90 ? 221 HOH B O   1 
HETATM 1532 O O   . HOH G 3 .  ? -4.790  -18.573 -9.777  1.00 24.65 ? 222 HOH B O   1 
HETATM 1533 O O   . HOH G 3 .  ? -8.969  1.508   -17.332 1.00 18.02 ? 223 HOH B O   1 
HETATM 1534 O O   . HOH G 3 .  ? 7.681   6.398   -9.808  1.00 41.62 ? 224 HOH B O   1 
HETATM 1535 O O   . HOH G 3 .  ? 7.264   11.893  -17.506 1.00 44.42 ? 225 HOH B O   1 
HETATM 1536 O O   . HOH G 3 .  ? 7.950   -11.969 -9.043  1.00 36.48 ? 226 HOH B O   1 
HETATM 1537 O O   . HOH G 3 .  ? 0.876   -12.014 -1.884  1.00 33.63 ? 227 HOH B O   1 
HETATM 1538 O O   . HOH G 3 .  ? -5.287  -11.819 -17.872 1.00 34.79 ? 228 HOH B O   1 
HETATM 1539 O O   . HOH G 3 .  ? -5.746  5.422   -1.132  1.00 32.77 ? 229 HOH B O   1 
HETATM 1540 O O   . HOH G 3 .  ? -7.102  -1.436  0.516   1.00 32.33 ? 230 HOH B O   1 
HETATM 1541 O O   . HOH G 3 .  ? -13.334 1.292   -6.171  1.00 31.57 ? 231 HOH B O   1 
HETATM 1542 O O   . HOH G 3 .  ? 3.254   -1.507  -20.511 1.00 21.61 ? 232 HOH B O   1 
HETATM 1543 O O   . HOH G 3 .  ? -16.341 -11.376 -4.940  1.00 35.69 ? 233 HOH B O   1 
HETATM 1544 O O   . HOH G 3 .  ? -4.029  9.611   -14.011 1.00 27.56 ? 234 HOH B O   1 
HETATM 1545 O O   . HOH G 3 .  ? -0.929  12.994  -13.192 1.00 40.06 ? 235 HOH B O   1 
HETATM 1546 O O   . HOH G 3 .  ? -8.722  -16.073 -13.087 1.00 28.24 ? 236 HOH B O   1 
HETATM 1547 O O   . HOH G 3 .  ? -12.381 2.731   -2.767  1.00 27.68 ? 237 HOH B O   1 
HETATM 1548 O O   . HOH G 3 .  ? 2.565   16.476  -10.613 0.98 42.08 ? 238 HOH B O   1 
HETATM 1549 O O   . HOH G 3 .  ? -7.562  11.075  -14.058 1.00 35.92 ? 239 HOH B O   1 
HETATM 1550 O O   . HOH G 3 .  ? -6.884  -17.133 -9.880  1.00 15.15 ? 240 HOH B O   1 
HETATM 1551 O O   . HOH G 3 .  ? 0.970   11.924  -6.069  1.00 38.54 ? 241 HOH B O   1 
HETATM 1552 O O   . HOH G 3 .  ? -14.786 -2.135  -10.475 1.00 32.61 ? 242 HOH B O   1 
HETATM 1553 O O   . HOH G 3 .  ? -12.030 -14.369 -13.386 1.00 36.60 ? 243 HOH B O   1 
HETATM 1554 O O   . HOH G 3 .  ? 1.991   -14.240 -13.961 1.00 37.00 ? 244 HOH B O   1 
HETATM 1555 O O   . HOH G 3 .  ? -10.485 -5.302  -19.318 1.00 31.91 ? 245 HOH B O   1 
HETATM 1556 O O   . HOH G 3 .  ? -5.433  -7.366  -3.280  1.00 24.16 ? 246 HOH B O   1 
HETATM 1557 O O   . HOH G 3 .  ? -7.481  -5.484  -16.656 1.00 21.45 ? 247 HOH B O   1 
HETATM 1558 O O   . HOH G 3 .  ? -14.645 12.292  -7.029  1.00 48.90 ? 248 HOH B O   1 
HETATM 1559 O O   . HOH G 3 .  ? 3.526   -21.387 0.389   1.00 55.13 ? 249 HOH B O   1 
HETATM 1560 O O   . HOH G 3 .  ? 3.361   -16.735 -13.864 1.00 45.89 ? 250 HOH B O   1 
HETATM 1561 O O   . HOH G 3 .  ? -12.950 0.504   -1.688  1.00 33.54 ? 251 HOH B O   1 
HETATM 1562 O O   . HOH G 3 .  ? -2.024  -11.863 -21.553 1.00 37.50 ? 252 HOH B O   1 
HETATM 1563 O O   . HOH G 3 .  ? -6.762  -7.358  0.054   1.00 33.09 ? 253 HOH B O   1 
HETATM 1564 O O   . HOH G 3 .  ? -11.726 -7.483  -19.919 1.00 33.35 ? 254 HOH B O   1 
HETATM 1565 O O   . HOH G 3 .  ? 3.261   -14.290 -17.919 1.00 60.45 ? 255 HOH B O   1 
HETATM 1566 O O   . HOH G 3 .  ? -6.537  8.829   -16.598 1.00 29.79 ? 256 HOH B O   1 
HETATM 1567 O O   . HOH G 3 .  ? 3.699   -11.090 -4.355  1.00 36.72 ? 257 HOH B O   1 
HETATM 1568 O O   . HOH G 3 .  ? 0.839   -7.072  -12.233 1.00 27.04 ? 258 HOH B O   1 
HETATM 1569 O O   . HOH G 3 .  ? -15.562 -3.868  -6.225  1.00 46.40 ? 259 HOH B O   1 
HETATM 1570 O O   . HOH G 3 .  ? -6.079  8.181   -21.125 1.00 33.54 ? 260 HOH B O   1 
HETATM 1571 O O   . HOH G 3 .  ? 7.302   -0.465  -19.114 1.00 43.79 ? 261 HOH B O   1 
HETATM 1572 O O   . HOH G 3 .  ? -5.266  -16.097 -12.022 1.00 30.23 ? 262 HOH B O   1 
HETATM 1573 O O   . HOH G 3 .  ? -2.062  -7.400  1.298   1.00 41.67 ? 263 HOH B O   1 
HETATM 1574 O O   . HOH G 3 .  ? 4.668   14.266  -8.326  1.00 48.08 ? 264 HOH B O   1 
HETATM 1575 O O   . HOH G 3 .  ? -6.458  -12.632 -15.452 1.00 24.19 ? 265 HOH B O   1 
HETATM 1576 O O   . HOH G 3 .  ? 5.995   5.572   -24.502 1.00 43.80 ? 266 HOH B O   1 
HETATM 1577 O O   . HOH G 3 .  ? -7.156  -6.815  -19.339 1.00 33.41 ? 267 HOH B O   1 
HETATM 1578 O O   . HOH G 3 .  ? -11.805 8.495   -15.647 1.00 36.54 ? 268 HOH B O   1 
HETATM 1579 O O   . HOH G 3 .  ? -14.553 -6.309  -8.218  1.00 36.12 ? 269 HOH B O   1 
HETATM 1580 O O   . HOH G 3 .  ? 9.863   7.049   -13.252 1.00 44.47 ? 270 HOH B O   1 
HETATM 1581 O O   . HOH G 3 .  ? -6.055  -15.003 -14.382 1.00 28.27 ? 271 HOH B O   1 
HETATM 1582 O O   . HOH G 3 .  ? -15.137 -4.972  0.559   1.00 40.68 ? 272 HOH B O   1 
HETATM 1583 O O   . HOH G 3 .  ? 9.279   1.638   -19.287 1.00 41.83 ? 273 HOH B O   1 
HETATM 1584 O O   . HOH G 3 .  ? -14.064 -13.555 -1.761  1.00 30.92 ? 274 HOH B O   1 
HETATM 1585 O O   . HOH G 3 .  ? -18.232 -14.829 -4.392  1.00 42.18 ? 275 HOH B O   1 
HETATM 1586 O O   . HOH G 3 .  ? -7.866  -9.739  -19.846 1.00 38.54 ? 276 HOH B O   1 
HETATM 1587 O O   . HOH G 3 .  ? 4.514   14.223  -5.733  1.00 47.66 ? 277 HOH B O   1 
HETATM 1588 O O   . HOH G 3 .  ? 11.122  -12.894 -6.831  1.00 44.17 ? 278 HOH B O   1 
HETATM 1589 O O   . HOH G 3 .  ? -5.793  21.731  -3.766  1.00 74.51 ? 279 HOH B O   1 
HETATM 1590 O O   . HOH G 3 .  ? 3.893   25.925  -8.037  1.00 51.26 ? 280 HOH B O   1 
HETATM 1591 O O   . HOH G 3 .  ? 8.689   21.719  -4.479  0.79 44.69 ? 281 HOH B O   1 
HETATM 1592 O O   . HOH G 3 .  ? 11.897  26.965  -10.059 1.00 44.93 ? 282 HOH B O   1 
# 
